data_2VDN
#
_entry.id   2VDN
#
_cell.length_a   149.593
_cell.length_b   149.593
_cell.length_c   175.683
_cell.angle_alpha   90.00
_cell.angle_beta   90.00
_cell.angle_gamma   120.00
#
_symmetry.space_group_name_H-M   'P 32 2 1'
#
loop_
_entity.id
_entity.type
_entity.pdbx_description
1 polymer 'INTEGRIN ALPHA-IIB'
2 polymer 'INTEGRIN BETA-3'
3 polymer EPTIFIBATIDE
4 polymer 'MONOCLONAL ANTIBODY 10E5 HEAVY CHAIN'
5 polymer 'MONOCLONAL ANTIBODY 10E5 LIGHT CHAIN'
6 branched alpha-D-mannopyranose-(1-3)-[alpha-D-mannopyranose-(1-6)]alpha-D-mannopyranose-(1-4)-2-acetamido-2-deoxy-beta-D-glucopyranose-(1-4)-2-acetamido-2-deoxy-beta-D-glucopyranose
7 branched alpha-D-mannopyranose-(1-3)-[alpha-D-mannopyranose-(1-6)]alpha-D-mannopyranose-(1-6)-[alpha-D-mannopyranose-(1-3)]alpha-D-mannopyranose-(1-4)-2-acetamido-2-deoxy-beta-D-glucopyranose-(1-4)-2-acetamido-2-deoxy-beta-D-glucopyranose
8 non-polymer GLYCEROL
9 non-polymer 'CALCIUM ION'
10 non-polymer 2-acetamido-2-deoxy-beta-D-glucopyranose
11 non-polymer 'MAGNESIUM ION'
12 water water
#
loop_
_entity_poly.entity_id
_entity_poly.type
_entity_poly.pdbx_seq_one_letter_code
_entity_poly.pdbx_strand_id
1 'polypeptide(L)'
;LNLDPVQLTFYAGPNGSQFGFSLDFHKDSHGRVAIVVGAPRTLGPSQEETGGVFLCPWRAEGGQCPSLLFDLRDETRNVG
SQTLQTFKARQGLGASVVSWSDVIVACAPWQHWNVLEKTEEAEKTPVGSCFLAQPESGRRAEYSPCRGNTLSRIYVENDF
SWDKRYCEAGFSSVVTQAGELVLGAPGGYYFLGLLAQAPVADIFSSYRPGILLWHVSSQSLSFDSSNPEYFDGYWGYSVA
VGEFDGDLNTTEYVVGAPTWSWTLGAVEILDSYYQRLHRLRGEQMASYFGHSVAVTDVNGDGRHDLLVGAPLYMESRADR
KLAEVGRVYLFLQPRGPHALGAPSLLLTGTQLYGRFGSAIAPLGDLDRDGYNDIAVAAPYGGPSGRGQVLVFLGQSEGLR
SRPSQVLDSPFPTGSAFGFSLRGAVDIDDNGYPDLIVGAYGANQVAVYRAQP
;
A
2 'polypeptide(L)'
;GPNICTTRGVSSCQQCLAVSPMCAWCSDEALPLGSPRCDLKENLLKDNCAPESIEFPVSEARVLEDRPLSDKGSGDSSQV
TQVSPQRIALRLRPDDSKNFSIQVRQVEDYPVDIYYLMDLSYSMKDDLWSIQNLGTKLATQMRKLTSNLRIGFGAFVDKP
VSPYMYISPPEALENPCYDMKTTCLPMFGYKHVLTLTDQVTRFNEEVKKQSVSRNRDAPEGGFDAIMQATVCDEKIGWRN
DASHLLVFTTDAKTHIALDGRLAGIVQPNDGQCHVGSDNHYSASTTMDYPSLGLMTEKLSQKNINLIFAVTENVVNLYQN
YSELIPGTTVGVLSMDSSNVLQLIVDAYGKIRSKVELEVRDLPEELSLSFNATCLNNEVIPGLKSCMGLKIGDTVSFSIE
AKVRGCPQEKEKSFTIKPVGFKDSLIVQVTFDCDCACQAQAEPNSHRCNNGNGTFECGVCR
;
B
3 'polypeptide(L)' (MPT)(HRG)GDWPC(NH2) C
4 'polypeptide(L)'
;EVQLQQSGAELVKPGASVKLSCTASGFNIKDTYVHWVKQRPEQGLEWIGRIDPANGYTKYDPKFQGKATITADTSSNTAY
LQLSSLTSEDTAVYYCVRPLYDYYAMDYWGQGTSVTVSSAKTTAPSVYPLAPVCGDTTGSSVTLGCLVKGYFPEPVTLTW
NSGSLSSGVHTFPAVLQSDLYTLSSSVTVTSSTWPSQSITCNVAHPASSTKVDKKIEPRGP
;
H
5 'polypeptide(L)'
;DILMTQSPSSMSVSLGDTVSITCHASQGISSNIGWLQQKPGKSFMGLIYYGTNLVDGVPSRFSGSGSGADYSLTISSLDS
EDFADYYCVQYAQLPYTFGGGTKLEIKRADAAPTVSIFPPSSEQLTSGGASVVCFLNNFYPKDINVKWKIDGSERQNGVL
NSWTDQDSKDSTYSMSSTLTLTKDEYERHNSYTCEATHKTSTSPIVKSFNRNEC
;
L
#
# COMPACT_ATOMS: atom_id res chain seq x y z
N LEU A 1 21.75 18.49 27.47
CA LEU A 1 22.27 19.01 28.78
C LEU A 1 21.70 20.38 29.12
N ASN A 2 21.34 21.15 28.10
CA ASN A 2 21.00 22.56 28.28
C ASN A 2 19.72 23.03 27.55
N LEU A 3 18.84 22.09 27.19
CA LEU A 3 17.51 22.45 26.71
C LEU A 3 16.65 22.83 27.91
N ASP A 4 16.08 24.02 27.89
CA ASP A 4 15.29 24.53 29.02
C ASP A 4 13.93 23.83 29.13
N PRO A 5 13.72 23.04 30.20
CA PRO A 5 12.44 22.35 30.36
C PRO A 5 11.35 23.18 31.05
N VAL A 6 11.76 24.31 31.64
CA VAL A 6 10.84 25.19 32.35
C VAL A 6 10.10 26.09 31.36
N GLN A 7 10.86 26.87 30.60
CA GLN A 7 10.31 27.82 29.64
C GLN A 7 9.97 27.12 28.33
N LEU A 8 8.79 26.52 28.26
CA LEU A 8 8.34 25.83 27.05
C LEU A 8 7.35 26.69 26.29
N THR A 9 7.17 26.35 25.00
CA THR A 9 6.18 26.98 24.14
C THR A 9 5.27 25.90 23.57
N PHE A 10 3.95 26.09 23.73
CA PHE A 10 2.97 25.14 23.22
C PHE A 10 2.18 25.71 22.03
N TYR A 11 2.24 25.01 20.90
CA TYR A 11 1.35 25.27 19.77
C TYR A 11 0.25 24.22 19.74
N ALA A 12 -0.98 24.63 19.45
CA ALA A 12 -2.14 23.72 19.47
C ALA A 12 -2.96 23.75 18.17
N GLY A 13 -3.43 22.57 17.76
CA GLY A 13 -4.38 22.43 16.67
C GLY A 13 -5.72 21.93 17.20
N PRO A 14 -6.69 21.67 16.29
CA PRO A 14 -8.04 21.27 16.73
C PRO A 14 -8.13 19.86 17.31
N ASN A 15 -9.16 19.61 18.11
CA ASN A 15 -9.40 18.30 18.72
C ASN A 15 -9.48 17.18 17.69
N GLY A 16 -8.80 16.07 17.98
CA GLY A 16 -8.83 14.89 17.13
C GLY A 16 -8.13 15.03 15.79
N SER A 17 -7.39 16.13 15.60
CA SER A 17 -6.73 16.42 14.33
C SER A 17 -5.33 15.81 14.23
N GLN A 18 -4.83 15.26 15.34
CA GLN A 18 -3.47 14.74 15.40
C GLN A 18 -2.43 15.79 14.99
N PHE A 19 -2.69 17.05 15.36
CA PHE A 19 -1.76 18.15 15.18
C PHE A 19 -0.46 17.82 15.90
N GLY A 20 0.63 17.69 15.14
CA GLY A 20 1.93 17.29 15.69
C GLY A 20 2.36 15.86 15.36
N PHE A 21 1.62 15.20 14.45
CA PHE A 21 1.99 13.86 14.00
C PHE A 21 3.30 13.92 13.22
N SER A 22 3.51 15.04 12.53
CA SER A 22 4.76 15.32 11.84
C SER A 22 5.05 16.82 11.90
N LEU A 23 6.32 17.18 11.86
CA LEU A 23 6.71 18.59 11.90
C LEU A 23 8.12 18.81 11.35
N ASP A 24 8.42 20.05 11.02
CA ASP A 24 9.75 20.44 10.55
C ASP A 24 9.92 21.94 10.71
N PHE A 25 11.17 22.39 10.73
CA PHE A 25 11.48 23.81 10.66
C PHE A 25 11.39 24.25 9.20
N HIS A 26 10.76 25.41 8.97
CA HIS A 26 10.73 26.02 7.65
C HIS A 26 11.31 27.44 7.69
N LYS A 27 12.14 27.75 6.71
CA LYS A 27 12.85 29.02 6.65
C LYS A 27 12.47 29.75 5.37
N ASP A 28 11.87 30.93 5.51
CA ASP A 28 11.47 31.75 4.35
C ASP A 28 12.70 32.41 3.69
N SER A 29 12.50 33.02 2.52
CA SER A 29 13.60 33.62 1.78
C SER A 29 14.33 34.69 2.58
N HIS A 30 13.61 35.38 3.46
CA HIS A 30 14.19 36.41 4.33
C HIS A 30 15.09 35.83 5.42
N GLY A 31 14.86 34.56 5.77
CA GLY A 31 15.65 33.86 6.78
C GLY A 31 14.85 33.50 8.03
N ARG A 32 13.66 34.08 8.15
CA ARG A 32 12.78 33.87 9.31
C ARG A 32 12.35 32.42 9.43
N VAL A 33 12.71 31.78 10.55
CA VAL A 33 12.37 30.39 10.80
C VAL A 33 10.95 30.28 11.36
N ALA A 34 10.18 29.35 10.80
CA ALA A 34 8.85 29.01 11.29
C ALA A 34 8.81 27.50 11.53
N ILE A 35 7.69 26.99 12.03
CA ILE A 35 7.50 25.56 12.25
C ILE A 35 6.31 25.08 11.45
N VAL A 36 6.53 24.13 10.55
CA VAL A 36 5.44 23.50 9.80
C VAL A 36 4.97 22.27 10.58
N VAL A 37 3.66 22.15 10.78
CA VAL A 37 3.08 21.04 11.54
C VAL A 37 2.05 20.29 10.69
N GLY A 38 2.15 18.96 10.69
CA GLY A 38 1.18 18.10 10.00
C GLY A 38 0.09 17.65 10.96
N ALA A 39 -1.15 17.60 10.47
CA ALA A 39 -2.31 17.26 11.29
C ALA A 39 -3.26 16.35 10.50
N PRO A 40 -2.90 15.07 10.35
CA PRO A 40 -3.49 14.16 9.37
C PRO A 40 -4.97 13.78 9.56
N ARG A 41 -5.57 14.14 10.69
CA ARG A 41 -7.01 13.88 10.87
C ARG A 41 -7.87 15.15 11.01
N THR A 42 -7.33 16.28 10.57
CA THR A 42 -8.08 17.52 10.51
C THR A 42 -9.31 17.36 9.62
N LEU A 43 -10.45 17.87 10.06
CA LEU A 43 -11.67 17.85 9.26
C LEU A 43 -11.54 18.86 8.12
N GLY A 44 -11.97 18.45 6.93
CA GLY A 44 -12.06 19.36 5.79
C GLY A 44 -13.21 20.34 5.97
N PRO A 45 -13.49 21.15 4.95
CA PRO A 45 -14.55 22.15 5.07
C PRO A 45 -15.97 21.55 5.13
N SER A 46 -16.13 20.30 4.66
CA SER A 46 -17.42 19.61 4.66
C SER A 46 -17.52 18.56 5.77
N GLN A 47 -16.79 18.79 6.87
CA GLN A 47 -16.80 17.92 8.05
C GLN A 47 -16.38 16.46 7.81
N GLU A 48 -15.59 16.23 6.76
CA GLU A 48 -15.03 14.92 6.50
C GLU A 48 -13.51 14.99 6.67
N GLU A 49 -12.93 13.94 7.25
CA GLU A 49 -11.49 13.95 7.53
C GLU A 49 -10.67 13.94 6.26
N THR A 50 -9.85 14.97 6.08
CA THR A 50 -8.88 15.02 4.99
C THR A 50 -7.45 15.18 5.49
N GLY A 51 -7.30 15.67 6.72
CA GLY A 51 -5.99 16.08 7.23
C GLY A 51 -5.70 17.51 6.80
N GLY A 52 -4.67 18.10 7.38
CA GLY A 52 -4.29 19.47 7.07
C GLY A 52 -2.89 19.82 7.54
N VAL A 53 -2.40 20.97 7.10
CA VAL A 53 -1.06 21.44 7.43
C VAL A 53 -1.16 22.86 7.99
N PHE A 54 -0.34 23.14 9.00
CA PHE A 54 -0.31 24.47 9.63
C PHE A 54 1.11 25.02 9.61
N LEU A 55 1.25 26.32 9.35
CA LEU A 55 2.55 26.98 9.34
C LEU A 55 2.63 27.98 10.49
N CYS A 56 3.37 27.61 11.53
CA CYS A 56 3.49 28.39 12.75
C CYS A 56 4.68 29.34 12.70
N PRO A 57 4.46 30.65 12.97
CA PRO A 57 5.57 31.56 13.12
C PRO A 57 6.08 31.51 14.55
N TRP A 58 7.37 31.77 14.75
CA TRP A 58 7.96 31.64 16.08
C TRP A 58 7.43 32.69 17.05
N ARG A 59 6.88 32.22 18.16
CA ARG A 59 6.45 33.07 19.28
C ARG A 59 6.80 32.39 20.60
N ALA A 60 7.20 33.18 21.60
CA ALA A 60 7.48 32.65 22.94
C ALA A 60 6.23 32.04 23.57
N GLU A 61 5.10 32.73 23.41
CA GLU A 61 3.82 32.27 23.96
C GLU A 61 3.18 31.13 23.17
N GLY A 62 3.52 31.02 21.88
CA GLY A 62 2.90 30.02 21.02
C GLY A 62 1.41 30.28 20.82
N GLY A 63 0.65 29.22 20.57
CA GLY A 63 -0.81 29.32 20.42
C GLY A 63 -1.31 28.67 19.13
N GLN A 64 -2.36 29.24 18.56
CA GLN A 64 -2.97 28.70 17.34
C GLN A 64 -2.18 29.12 16.09
N CYS A 65 -2.19 28.26 15.07
CA CYS A 65 -1.47 28.54 13.82
C CYS A 65 -2.40 28.62 12.61
N PRO A 66 -1.98 29.36 11.56
CA PRO A 66 -2.77 29.46 10.34
C PRO A 66 -2.64 28.21 9.49
N SER A 67 -3.72 27.84 8.81
CA SER A 67 -3.72 26.66 7.97
C SER A 67 -3.12 27.01 6.61
N LEU A 68 -2.23 26.15 6.14
CA LEU A 68 -1.62 26.27 4.82
C LEU A 68 -2.55 25.58 3.83
N LEU A 69 -3.31 26.36 3.06
CA LEU A 69 -4.42 25.80 2.27
C LEU A 69 -4.01 24.93 1.09
N PHE A 70 -4.74 23.83 0.92
CA PHE A 70 -4.55 22.91 -0.19
C PHE A 70 -5.90 22.51 -0.79
N ASP A 71 -5.92 22.08 -2.04
CA ASP A 71 -7.14 21.64 -2.69
C ASP A 71 -7.60 20.31 -2.08
N LEU A 72 -8.76 20.32 -1.44
CA LEU A 72 -9.33 19.12 -0.82
C LEU A 72 -10.52 18.57 -1.60
N ARG A 73 -10.71 19.03 -2.84
CA ARG A 73 -11.77 18.53 -3.71
C ARG A 73 -11.29 17.33 -4.50
N ASP A 74 -12.11 16.29 -4.57
CA ASP A 74 -11.80 15.12 -5.41
C ASP A 74 -11.84 15.52 -6.88
N GLU A 75 -11.18 14.72 -7.70
CA GLU A 75 -11.09 15.01 -9.13
C GLU A 75 -11.50 13.80 -9.93
N THR A 76 -12.13 14.07 -11.08
CA THR A 76 -12.47 13.05 -12.06
C THR A 76 -12.06 13.53 -13.43
N ARG A 77 -11.43 12.66 -14.22
CA ARG A 77 -11.07 12.99 -15.59
C ARG A 77 -11.44 11.86 -16.54
N ASN A 78 -12.32 12.16 -17.49
CA ASN A 78 -12.68 11.21 -18.55
C ASN A 78 -11.82 11.46 -19.79
N VAL A 79 -10.69 10.79 -19.84
CA VAL A 79 -9.71 10.96 -20.91
C VAL A 79 -9.25 9.59 -21.41
N GLY A 80 -8.91 9.51 -22.69
CA GLY A 80 -8.34 8.30 -23.28
C GLY A 80 -9.24 7.08 -23.15
N SER A 81 -10.56 7.33 -23.19
CA SER A 81 -11.60 6.31 -22.97
C SER A 81 -11.51 5.61 -21.62
N GLN A 82 -10.99 6.32 -20.62
CA GLN A 82 -10.91 5.83 -19.26
C GLN A 82 -11.52 6.88 -18.33
N THR A 83 -11.65 6.52 -17.05
CA THR A 83 -12.13 7.45 -16.03
C THR A 83 -11.16 7.44 -14.85
N LEU A 84 -10.43 8.53 -14.69
CA LEU A 84 -9.46 8.69 -13.61
C LEU A 84 -10.16 9.32 -12.42
N GLN A 85 -9.87 8.82 -11.21
CA GLN A 85 -10.53 9.27 -9.98
C GLN A 85 -9.54 9.47 -8.83
N THR A 86 -9.61 10.62 -8.18
CA THR A 86 -8.86 10.85 -6.92
C THR A 86 -9.84 10.91 -5.74
N PHE A 87 -9.40 10.40 -4.60
CA PHE A 87 -10.22 10.37 -3.38
C PHE A 87 -9.42 10.88 -2.18
N LYS A 88 -9.81 12.05 -1.67
CA LYS A 88 -9.06 12.73 -0.61
C LYS A 88 -9.69 12.51 0.78
N ALA A 89 -10.76 11.73 0.85
CA ALA A 89 -11.38 11.40 2.13
C ALA A 89 -10.46 10.44 2.89
N ARG A 90 -10.11 10.81 4.12
CA ARG A 90 -9.23 10.04 5.00
C ARG A 90 -7.82 9.84 4.41
N GLN A 91 -7.38 10.80 3.60
CA GLN A 91 -6.08 10.71 2.92
C GLN A 91 -4.88 10.90 3.85
N GLY A 92 -5.11 11.53 5.00
CA GLY A 92 -4.07 11.77 5.99
C GLY A 92 -3.07 12.83 5.56
N LEU A 93 -3.57 13.95 5.02
CA LEU A 93 -2.70 15.04 4.62
C LEU A 93 -1.95 15.58 5.83
N GLY A 94 -0.63 15.54 5.76
CA GLY A 94 0.22 15.99 6.87
C GLY A 94 0.74 14.84 7.71
N ALA A 95 0.52 13.60 7.27
CA ALA A 95 1.11 12.43 7.92
C ALA A 95 2.63 12.53 7.88
N SER A 96 3.14 13.22 6.86
CA SER A 96 4.54 13.64 6.82
C SER A 96 4.64 15.05 6.25
N VAL A 97 5.56 15.83 6.79
CA VAL A 97 5.82 17.17 6.29
C VAL A 97 7.32 17.45 6.31
N VAL A 98 7.86 17.89 5.18
CA VAL A 98 9.27 18.25 5.09
C VAL A 98 9.44 19.58 4.35
N SER A 99 10.45 20.35 4.75
CA SER A 99 10.71 21.67 4.18
C SER A 99 12.04 21.66 3.45
N TRP A 100 12.10 22.33 2.31
CA TRP A 100 13.36 22.53 1.59
C TRP A 100 13.36 23.90 0.93
N SER A 101 14.37 24.71 1.27
CA SER A 101 14.44 26.09 0.80
C SER A 101 13.12 26.80 1.10
N ASP A 102 12.42 27.29 0.07
CA ASP A 102 11.15 27.98 0.27
C ASP A 102 9.95 27.11 -0.11
N VAL A 103 10.14 25.79 -0.08
CA VAL A 103 9.08 24.85 -0.44
C VAL A 103 8.76 23.91 0.72
N ILE A 104 7.46 23.68 0.94
CA ILE A 104 6.98 22.73 1.93
C ILE A 104 6.31 21.57 1.18
N VAL A 105 6.74 20.36 1.47
CA VAL A 105 6.12 19.16 0.91
C VAL A 105 5.34 18.48 2.02
N ALA A 106 4.01 18.43 1.89
CA ALA A 106 3.14 17.74 2.85
C ALA A 106 2.42 16.61 2.11
N CYS A 107 2.53 15.39 2.64
CA CYS A 107 2.02 14.22 1.94
C CYS A 107 0.77 13.63 2.59
N ALA A 108 -0.07 13.02 1.77
CA ALA A 108 -1.25 12.29 2.20
C ALA A 108 -1.07 10.83 1.77
N PRO A 109 -0.44 10.01 2.61
CA PRO A 109 -0.10 8.64 2.25
C PRO A 109 -1.28 7.73 1.89
N TRP A 110 -2.48 8.06 2.33
CA TRP A 110 -3.64 7.20 2.11
C TRP A 110 -4.66 7.81 1.14
N GLN A 111 -4.24 8.80 0.36
CA GLN A 111 -5.07 9.29 -0.74
C GLN A 111 -5.29 8.13 -1.69
N HIS A 112 -6.56 7.83 -1.96
CA HIS A 112 -6.89 6.71 -2.84
C HIS A 112 -7.05 7.16 -4.29
N TRP A 113 -7.08 6.18 -5.18
CA TRP A 113 -7.05 6.41 -6.61
C TRP A 113 -7.66 5.21 -7.33
N ASN A 114 -8.45 5.46 -8.36
CA ASN A 114 -9.00 4.38 -9.18
C ASN A 114 -9.04 4.81 -10.63
N VAL A 115 -9.10 3.83 -11.54
CA VAL A 115 -9.32 4.09 -12.95
C VAL A 115 -10.40 3.13 -13.43
N LEU A 116 -11.44 3.66 -14.06
CA LEU A 116 -12.54 2.84 -14.58
C LEU A 116 -12.47 2.80 -16.11
N GLU A 117 -12.73 1.63 -16.67
CA GLU A 117 -12.83 1.46 -18.11
C GLU A 117 -13.91 0.43 -18.41
N LYS A 118 -15.07 0.89 -18.87
CA LYS A 118 -16.25 0.05 -19.03
C LYS A 118 -16.54 -0.69 -17.71
N THR A 119 -16.69 -2.01 -17.75
CA THR A 119 -17.02 -2.77 -16.55
C THR A 119 -15.79 -3.13 -15.71
N GLU A 120 -14.61 -2.73 -16.16
CA GLU A 120 -13.35 -3.06 -15.46
C GLU A 120 -12.79 -1.85 -14.72
N GLU A 121 -11.85 -2.12 -13.81
CA GLU A 121 -11.21 -1.06 -13.03
C GLU A 121 -9.78 -1.46 -12.64
N ALA A 122 -8.98 -0.47 -12.24
CA ALA A 122 -7.64 -0.72 -11.71
C ALA A 122 -7.70 -1.12 -10.23
N GLU A 123 -8.83 -0.83 -9.58
CA GLU A 123 -9.07 -1.03 -8.14
C GLU A 123 -8.79 0.24 -7.37
N LYS A 124 -9.71 0.59 -6.47
CA LYS A 124 -9.62 1.78 -5.63
C LYS A 124 -8.63 1.51 -4.50
N THR A 125 -7.44 2.09 -4.60
CA THR A 125 -6.31 1.73 -3.74
C THR A 125 -5.51 2.97 -3.28
N PRO A 126 -4.81 2.88 -2.14
CA PRO A 126 -4.07 4.02 -1.59
C PRO A 126 -2.69 4.24 -2.22
N VAL A 127 -2.66 4.91 -3.36
CA VAL A 127 -1.41 5.22 -4.04
C VAL A 127 -0.59 6.29 -3.32
N GLY A 128 -1.27 7.13 -2.53
CA GLY A 128 -0.63 8.25 -1.88
C GLY A 128 -0.41 9.41 -2.82
N SER A 129 -0.13 10.58 -2.24
CA SER A 129 0.17 11.78 -3.01
C SER A 129 0.80 12.83 -2.10
N CYS A 130 1.64 13.69 -2.67
CA CYS A 130 2.24 14.78 -1.91
C CYS A 130 1.84 16.13 -2.52
N PHE A 131 1.54 17.08 -1.64
CA PHE A 131 1.19 18.44 -2.04
C PHE A 131 2.39 19.34 -1.77
N LEU A 132 2.89 19.99 -2.82
CA LEU A 132 4.03 20.90 -2.68
C LEU A 132 3.50 22.33 -2.68
N ALA A 133 4.00 23.13 -1.73
CA ALA A 133 3.56 24.51 -1.56
C ALA A 133 4.74 25.45 -1.39
N GLN A 134 4.65 26.62 -2.03
CA GLN A 134 5.65 27.68 -1.92
C GLN A 134 4.93 28.92 -1.37
N PRO A 135 4.88 29.06 -0.02
CA PRO A 135 4.07 30.08 0.66
C PRO A 135 4.27 31.53 0.22
N GLU A 136 5.52 31.93 -0.04
CA GLU A 136 5.81 33.33 -0.40
C GLU A 136 5.37 33.73 -1.82
N SER A 137 4.95 32.76 -2.64
CA SER A 137 4.44 33.04 -3.98
C SER A 137 2.99 32.59 -4.15
N GLY A 138 2.62 31.52 -3.45
CA GLY A 138 1.27 30.95 -3.53
C GLY A 138 1.20 29.73 -4.45
N ARG A 139 2.31 29.41 -5.11
CA ARG A 139 2.33 28.30 -6.05
C ARG A 139 2.01 26.99 -5.36
N ARG A 140 1.26 26.14 -6.04
CA ARG A 140 0.96 24.80 -5.56
C ARG A 140 1.25 23.82 -6.68
N ALA A 141 1.83 22.69 -6.31
CA ALA A 141 1.98 21.55 -7.22
C ALA A 141 1.74 20.25 -6.45
N GLU A 142 1.60 19.15 -7.18
CA GLU A 142 1.43 17.83 -6.58
C GLU A 142 2.41 16.81 -7.20
N TYR A 143 2.60 15.69 -6.52
CA TYR A 143 3.45 14.61 -7.00
C TYR A 143 2.87 13.29 -6.49
N SER A 144 2.51 12.41 -7.41
CA SER A 144 1.84 11.17 -7.07
C SER A 144 2.31 10.07 -8.01
N PRO A 145 3.53 9.54 -7.77
CA PRO A 145 4.23 8.72 -8.76
C PRO A 145 3.74 7.27 -8.91
N CYS A 146 2.81 6.85 -8.06
CA CYS A 146 2.33 5.47 -8.10
C CYS A 146 0.99 5.31 -8.80
N ARG A 147 0.36 6.42 -9.18
CA ARG A 147 -0.86 6.37 -9.96
C ARG A 147 -0.60 5.65 -11.28
N GLY A 148 -1.52 4.78 -11.68
CA GLY A 148 -1.44 4.10 -12.96
C GLY A 148 -2.77 4.10 -13.70
N ASN A 149 -2.75 3.60 -14.94
CA ASN A 149 -3.97 3.38 -15.70
C ASN A 149 -4.06 1.96 -16.25
N THR A 150 -3.54 1.02 -15.48
CA THR A 150 -3.57 -0.39 -15.84
C THR A 150 -4.71 -1.09 -15.09
N LEU A 151 -5.47 -1.91 -15.82
CA LEU A 151 -6.64 -2.58 -15.24
C LEU A 151 -6.29 -3.81 -14.40
N SER A 152 -7.14 -4.08 -13.41
CA SER A 152 -6.99 -5.20 -12.46
C SER A 152 -6.48 -6.49 -13.10
N ARG A 153 -7.09 -6.86 -14.22
CA ARG A 153 -6.79 -8.11 -14.91
C ARG A 153 -5.32 -8.25 -15.29
N ILE A 154 -4.73 -7.19 -15.85
CA ILE A 154 -3.37 -7.27 -16.41
C ILE A 154 -2.35 -7.58 -15.32
N TYR A 155 -2.60 -7.07 -14.12
CA TYR A 155 -1.77 -7.39 -12.96
C TYR A 155 -1.83 -8.89 -12.65
N VAL A 156 -3.04 -9.44 -12.62
CA VAL A 156 -3.22 -10.87 -12.42
C VAL A 156 -2.43 -11.66 -13.47
N GLU A 157 -2.54 -11.24 -14.73
CA GLU A 157 -1.87 -11.91 -15.85
C GLU A 157 -0.35 -11.81 -15.79
N ASN A 158 0.17 -10.83 -15.05
CA ASN A 158 1.62 -10.66 -14.91
C ASN A 158 2.11 -10.96 -13.50
N ASP A 159 1.39 -11.81 -12.79
CA ASP A 159 1.76 -12.26 -11.44
C ASP A 159 2.11 -11.09 -10.51
N PHE A 160 1.34 -10.01 -10.64
CA PHE A 160 1.44 -8.85 -9.76
C PHE A 160 2.83 -8.18 -9.71
N SER A 161 3.52 -8.19 -10.84
CA SER A 161 4.79 -7.47 -10.96
C SER A 161 4.55 -5.98 -11.19
N TRP A 162 5.42 -5.16 -10.62
CA TRP A 162 5.37 -3.70 -10.76
C TRP A 162 4.02 -3.14 -10.34
N ASP A 163 3.46 -3.71 -9.28
CA ASP A 163 2.18 -3.28 -8.74
C ASP A 163 2.38 -2.12 -7.77
N LYS A 164 2.10 -0.91 -8.23
CA LYS A 164 2.26 0.30 -7.41
C LYS A 164 0.93 0.79 -6.81
N ARG A 165 -0.11 -0.03 -6.90
CA ARG A 165 -1.44 0.40 -6.50
C ARG A 165 -1.59 0.74 -5.00
N TYR A 166 -0.72 0.20 -4.15
CA TYR A 166 -0.83 0.37 -2.69
C TYR A 166 0.38 1.08 -2.09
N CYS A 167 1.12 1.82 -2.91
CA CYS A 167 2.37 2.49 -2.48
C CYS A 167 2.32 3.20 -1.14
N GLU A 168 1.33 4.06 -1.00
CA GLU A 168 1.26 5.05 0.07
C GLU A 168 2.47 5.99 -0.02
N ALA A 169 2.67 6.55 -1.20
CA ALA A 169 3.79 7.47 -1.44
C ALA A 169 3.71 8.65 -0.46
N GLY A 170 4.86 9.05 0.08
CA GLY A 170 4.92 10.11 1.07
C GLY A 170 4.69 9.63 2.50
N PHE A 171 4.57 8.31 2.69
CA PHE A 171 4.53 7.70 4.02
C PHE A 171 5.74 8.19 4.82
N SER A 172 6.92 8.17 4.18
CA SER A 172 8.11 8.84 4.69
C SER A 172 8.65 9.73 3.59
N SER A 173 9.45 10.73 3.95
CA SER A 173 9.99 11.65 2.96
C SER A 173 11.24 12.40 3.44
N VAL A 174 12.10 12.74 2.50
CA VAL A 174 13.26 13.57 2.77
C VAL A 174 13.65 14.26 1.47
N VAL A 175 14.27 15.43 1.60
CA VAL A 175 14.79 16.16 0.45
C VAL A 175 16.30 16.24 0.56
N THR A 176 17.02 16.00 -0.54
CA THR A 176 18.46 16.25 -0.58
C THR A 176 18.71 17.75 -0.61
N GLN A 177 19.96 18.15 -0.44
CA GLN A 177 20.30 19.57 -0.46
C GLN A 177 20.17 20.17 -1.86
N ALA A 178 20.44 19.37 -2.89
CA ALA A 178 20.29 19.82 -4.29
C ALA A 178 18.83 20.10 -4.68
N GLY A 179 17.89 19.49 -3.97
CA GLY A 179 16.46 19.67 -4.24
C GLY A 179 15.77 18.43 -4.81
N GLU A 180 16.37 17.26 -4.65
CA GLU A 180 15.70 16.01 -5.01
C GLU A 180 14.82 15.58 -3.84
N LEU A 181 13.52 15.42 -4.11
CA LEU A 181 12.57 14.93 -3.13
C LEU A 181 12.57 13.41 -3.20
N VAL A 182 12.76 12.76 -2.06
CA VAL A 182 12.75 11.30 -1.99
C VAL A 182 11.57 10.87 -1.12
N LEU A 183 10.73 9.99 -1.63
CA LEU A 183 9.56 9.52 -0.90
C LEU A 183 9.63 8.02 -0.64
N GLY A 184 9.30 7.62 0.58
CA GLY A 184 9.13 6.21 0.92
C GLY A 184 7.70 5.77 0.64
N ALA A 185 7.56 4.65 -0.06
CA ALA A 185 6.25 4.05 -0.35
C ALA A 185 6.30 2.59 0.08
N PRO A 186 6.06 2.32 1.38
CA PRO A 186 6.25 0.97 1.92
C PRO A 186 5.25 -0.06 1.42
N GLY A 187 4.16 0.40 0.81
CA GLY A 187 3.20 -0.49 0.18
C GLY A 187 3.51 -0.79 -1.28
N GLY A 188 4.63 -0.28 -1.77
CA GLY A 188 5.01 -0.44 -3.18
C GLY A 188 5.29 -1.88 -3.54
N TYR A 189 5.09 -2.21 -4.82
CA TYR A 189 5.38 -3.54 -5.35
C TYR A 189 4.79 -4.65 -4.47
N TYR A 190 3.48 -4.55 -4.26
CA TYR A 190 2.72 -5.47 -3.40
C TYR A 190 3.34 -5.61 -2.01
N PHE A 191 3.52 -4.46 -1.35
CA PHE A 191 3.97 -4.40 0.06
C PHE A 191 5.45 -4.74 0.29
N LEU A 192 6.19 -4.91 -0.80
CA LEU A 192 7.63 -5.04 -0.76
C LEU A 192 8.23 -3.71 -0.32
N GLY A 193 7.78 -2.63 -0.95
CA GLY A 193 8.21 -1.28 -0.65
C GLY A 193 9.01 -0.67 -1.80
N LEU A 194 8.96 0.65 -1.93
CA LEU A 194 9.74 1.35 -2.96
C LEU A 194 10.05 2.80 -2.58
N LEU A 195 11.01 3.37 -3.29
CA LEU A 195 11.36 4.78 -3.18
C LEU A 195 11.11 5.49 -4.51
N ALA A 196 10.59 6.71 -4.44
CA ALA A 196 10.37 7.56 -5.61
C ALA A 196 11.13 8.88 -5.44
N GLN A 197 12.01 9.19 -6.38
CA GLN A 197 12.80 10.41 -6.34
C GLN A 197 12.43 11.32 -7.52
N ALA A 198 12.45 12.63 -7.29
CA ALA A 198 12.24 13.61 -8.35
C ALA A 198 12.69 15.00 -7.88
N PRO A 199 13.36 15.76 -8.75
CA PRO A 199 13.70 17.14 -8.43
C PRO A 199 12.47 17.98 -8.10
N VAL A 200 12.55 18.78 -7.05
CA VAL A 200 11.42 19.62 -6.63
C VAL A 200 11.06 20.60 -7.74
N ALA A 201 12.08 21.16 -8.39
CA ALA A 201 11.90 22.09 -9.51
C ALA A 201 11.11 21.46 -10.66
N ASP A 202 11.42 20.20 -10.97
CA ASP A 202 10.78 19.49 -12.07
C ASP A 202 9.37 19.04 -11.72
N ILE A 203 9.11 18.79 -10.43
CA ILE A 203 7.76 18.47 -9.98
C ILE A 203 6.86 19.68 -10.22
N PHE A 204 7.36 20.87 -9.87
CA PHE A 204 6.60 22.12 -10.07
C PHE A 204 6.36 22.43 -11.54
N SER A 205 7.38 22.23 -12.39
CA SER A 205 7.29 22.65 -13.78
C SER A 205 6.51 21.68 -14.69
N SER A 206 6.28 20.45 -14.22
CA SER A 206 5.50 19.47 -14.99
C SER A 206 4.05 19.32 -14.50
N TYR A 207 3.69 20.00 -13.42
CA TYR A 207 2.34 19.89 -12.85
C TYR A 207 1.38 20.98 -13.34
N ARG A 208 0.22 20.54 -13.81
CA ARG A 208 -0.94 21.41 -14.04
C ARG A 208 -2.18 20.76 -13.44
N PRO A 209 -3.14 21.56 -12.96
CA PRO A 209 -4.31 20.98 -12.31
C PRO A 209 -5.25 20.26 -13.28
N GLY A 210 -5.85 19.16 -12.83
CA GLY A 210 -6.85 18.44 -13.61
C GLY A 210 -6.32 17.33 -14.50
N ILE A 211 -5.00 17.22 -14.63
CA ILE A 211 -4.37 16.27 -15.54
C ILE A 211 -4.33 14.88 -14.90
N LEU A 212 -3.96 14.82 -13.63
CA LEU A 212 -4.00 13.59 -12.81
C LEU A 212 -2.91 12.55 -13.16
N LEU A 213 -2.75 12.20 -14.42
CA LEU A 213 -1.63 11.34 -14.84
C LEU A 213 -0.69 12.12 -15.75
N TRP A 214 0.46 12.52 -15.22
CA TRP A 214 1.45 13.25 -16.01
C TRP A 214 2.86 12.72 -15.79
N HIS A 215 3.77 13.10 -16.70
CA HIS A 215 5.14 12.62 -16.69
C HIS A 215 6.10 13.60 -16.02
N VAL A 216 6.91 13.09 -15.09
CA VAL A 216 8.04 13.85 -14.56
C VAL A 216 9.31 13.13 -15.04
N SER A 217 9.83 13.59 -16.18
CA SER A 217 10.88 12.89 -16.91
C SER A 217 12.14 12.62 -16.09
N SER A 218 12.41 13.48 -15.11
CA SER A 218 13.61 13.36 -14.29
C SER A 218 13.47 12.39 -13.12
N GLN A 219 12.27 11.82 -12.93
CA GLN A 219 12.02 10.99 -11.75
C GLN A 219 12.69 9.64 -11.85
N SER A 220 12.99 9.06 -10.69
CA SER A 220 13.66 7.77 -10.58
C SER A 220 13.00 6.94 -9.49
N LEU A 221 12.46 5.78 -9.86
CA LEU A 221 11.82 4.88 -8.91
C LEU A 221 12.73 3.69 -8.65
N SER A 222 12.63 3.11 -7.46
CA SER A 222 13.37 1.88 -7.11
C SER A 222 12.74 0.68 -7.82
N PHE A 223 13.22 -0.52 -7.52
CA PHE A 223 12.88 -1.69 -8.34
C PHE A 223 12.06 -2.74 -7.60
N ASP A 224 11.36 -3.55 -8.40
CA ASP A 224 10.56 -4.65 -7.91
C ASP A 224 11.46 -5.89 -7.87
N SER A 225 11.11 -6.85 -7.03
CA SER A 225 11.94 -8.03 -6.82
C SER A 225 11.10 -9.27 -6.55
N SER A 226 11.66 -10.42 -6.90
CA SER A 226 11.05 -11.70 -6.60
C SER A 226 11.82 -12.43 -5.48
N ASN A 227 12.59 -11.67 -4.70
CA ASN A 227 13.36 -12.20 -3.58
C ASN A 227 12.47 -12.28 -2.33
N PRO A 228 12.14 -13.50 -1.87
CA PRO A 228 11.21 -13.64 -0.75
C PRO A 228 11.61 -12.87 0.52
N GLU A 229 12.91 -12.62 0.69
CA GLU A 229 13.39 -11.85 1.84
C GLU A 229 12.79 -10.45 1.90
N TYR A 230 12.47 -9.88 0.74
CA TYR A 230 11.94 -8.53 0.67
C TYR A 230 10.42 -8.44 0.80
N PHE A 231 9.72 -9.58 0.71
CA PHE A 231 8.25 -9.58 0.72
C PHE A 231 7.67 -9.07 2.03
N ASP A 232 6.67 -8.19 1.93
CA ASP A 232 6.02 -7.58 3.09
C ASP A 232 7.02 -6.90 4.02
N GLY A 233 8.12 -6.41 3.46
CA GLY A 233 9.22 -5.83 4.23
C GLY A 233 9.04 -4.37 4.56
N TYR A 234 8.10 -3.72 3.88
CA TYR A 234 7.79 -2.29 4.07
C TYR A 234 9.04 -1.41 3.90
N TRP A 235 9.82 -1.76 2.88
CA TRP A 235 10.98 -0.99 2.45
C TRP A 235 10.54 0.46 2.14
N GLY A 236 10.98 1.40 2.97
CA GLY A 236 10.58 2.81 2.83
C GLY A 236 9.64 3.30 3.93
N TYR A 237 9.44 2.47 4.96
CA TYR A 237 8.70 2.89 6.15
C TYR A 237 9.35 4.14 6.75
N SER A 238 10.68 4.19 6.71
CA SER A 238 11.43 5.39 7.06
C SER A 238 12.51 5.61 6.02
N VAL A 239 13.00 6.86 5.93
CA VAL A 239 13.93 7.23 4.88
C VAL A 239 14.81 8.42 5.32
N ALA A 240 16.03 8.47 4.79
CA ALA A 240 16.97 9.57 5.09
C ALA A 240 18.10 9.64 4.06
N VAL A 241 18.82 10.76 4.04
CA VAL A 241 19.96 10.94 3.13
C VAL A 241 21.24 11.29 3.89
N GLY A 242 22.37 10.96 3.28
CA GLY A 242 23.67 11.21 3.89
C GLY A 242 24.85 10.90 2.98
N GLU A 243 26.05 10.95 3.53
CA GLU A 243 27.29 10.72 2.80
C GLU A 243 28.02 9.51 3.37
N PHE A 244 28.03 8.41 2.62
CA PHE A 244 28.58 7.13 3.07
C PHE A 244 29.57 6.44 2.12
N ASP A 245 29.80 7.03 0.94
CA ASP A 245 30.75 6.46 -0.03
C ASP A 245 32.00 7.33 -0.21
N GLY A 246 32.09 8.44 0.51
CA GLY A 246 33.27 9.30 0.47
C GLY A 246 33.40 10.21 -0.75
N ASP A 247 32.41 10.17 -1.63
CA ASP A 247 32.39 10.99 -2.85
C ASP A 247 31.31 12.06 -2.71
N LEU A 248 31.72 13.30 -2.50
CA LEU A 248 30.78 14.40 -2.26
C LEU A 248 29.88 14.72 -3.46
N ASN A 249 30.29 14.28 -4.66
CA ASN A 249 29.50 14.49 -5.87
C ASN A 249 28.18 13.69 -5.88
N THR A 250 28.21 12.52 -5.26
CA THR A 250 27.04 11.63 -5.19
C THR A 250 26.34 11.74 -3.83
N THR A 251 25.06 11.37 -3.81
CA THR A 251 24.27 11.33 -2.58
C THR A 251 23.85 9.90 -2.29
N GLU A 252 23.84 9.52 -1.03
CA GLU A 252 23.46 8.17 -0.62
C GLU A 252 22.14 8.21 0.15
N TYR A 253 21.30 7.20 -0.06
CA TYR A 253 20.01 7.11 0.62
C TYR A 253 20.06 6.04 1.71
N VAL A 254 19.42 6.33 2.84
CA VAL A 254 19.24 5.36 3.92
C VAL A 254 17.76 4.98 3.98
N VAL A 255 17.45 3.69 3.80
CA VAL A 255 16.07 3.22 3.77
C VAL A 255 15.81 2.19 4.87
N GLY A 256 14.68 2.34 5.55
CA GLY A 256 14.27 1.44 6.62
C GLY A 256 13.19 0.46 6.17
N ALA A 257 13.47 -0.83 6.35
CA ALA A 257 12.53 -1.91 6.02
C ALA A 257 12.30 -2.73 7.28
N PRO A 258 11.38 -2.28 8.15
CA PRO A 258 11.24 -2.84 9.50
C PRO A 258 10.69 -4.26 9.61
N THR A 259 10.06 -4.77 8.55
CA THR A 259 9.56 -6.15 8.57
C THR A 259 10.26 -7.00 7.51
N TRP A 260 11.44 -6.55 7.08
CA TRP A 260 12.25 -7.23 6.07
C TRP A 260 12.63 -8.63 6.53
N SER A 261 12.72 -9.55 5.58
CA SER A 261 13.04 -10.96 5.86
C SER A 261 12.27 -11.52 7.05
N TRP A 262 10.97 -11.76 6.83
CA TRP A 262 10.11 -12.38 7.84
C TRP A 262 10.16 -11.66 9.19
N THR A 263 10.04 -10.33 9.13
CA THR A 263 9.97 -9.47 10.32
C THR A 263 11.26 -9.38 11.14
N LEU A 264 12.39 -9.81 10.57
CA LEU A 264 13.70 -9.56 11.17
C LEU A 264 14.03 -8.07 11.11
N GLY A 265 13.65 -7.41 10.02
CA GLY A 265 13.89 -5.99 9.86
C GLY A 265 15.27 -5.72 9.28
N ALA A 266 15.41 -4.56 8.65
CA ALA A 266 16.66 -4.19 8.00
C ALA A 266 16.68 -2.70 7.67
N VAL A 267 17.89 -2.14 7.62
CA VAL A 267 18.11 -0.80 7.08
C VAL A 267 19.20 -0.89 6.02
N GLU A 268 18.98 -0.23 4.89
CA GLU A 268 19.91 -0.29 3.77
C GLU A 268 20.47 1.09 3.41
N ILE A 269 21.72 1.11 2.95
CA ILE A 269 22.37 2.31 2.42
C ILE A 269 22.58 2.13 0.92
N LEU A 270 22.06 3.07 0.14
CA LEU A 270 22.03 2.92 -1.31
C LEU A 270 22.64 4.12 -1.99
N ASP A 271 23.06 3.97 -3.25
CA ASP A 271 23.44 5.11 -4.08
C ASP A 271 22.17 5.69 -4.70
N SER A 272 22.29 6.77 -5.46
CA SER A 272 21.11 7.42 -6.06
C SER A 272 20.51 6.62 -7.22
N TYR A 273 21.20 5.56 -7.64
CA TYR A 273 20.65 4.59 -8.60
C TYR A 273 19.96 3.40 -7.93
N TYR A 274 19.84 3.45 -6.60
CA TYR A 274 19.23 2.38 -5.80
C TYR A 274 20.01 1.06 -5.80
N GLN A 275 21.33 1.14 -6.01
CA GLN A 275 22.21 -0.01 -5.82
C GLN A 275 22.57 -0.10 -4.35
N ARG A 276 22.49 -1.30 -3.78
CA ARG A 276 22.78 -1.52 -2.37
CA ARG A 276 22.78 -1.50 -2.37
C ARG A 276 24.28 -1.34 -2.10
N LEU A 277 24.62 -0.51 -1.12
CA LEU A 277 26.01 -0.31 -0.67
C LEU A 277 26.28 -1.06 0.63
N HIS A 278 25.33 -1.03 1.55
N HIS A 278 25.32 -0.99 1.56
CA HIS A 278 25.41 -1.86 2.73
CA HIS A 278 25.39 -1.70 2.84
C HIS A 278 24.02 -2.18 3.26
C HIS A 278 23.99 -2.21 3.22
N ARG A 279 23.92 -3.29 4.00
CA ARG A 279 22.68 -3.70 4.65
C ARG A 279 22.93 -4.00 6.12
N LEU A 280 22.14 -3.36 6.98
CA LEU A 280 22.20 -3.63 8.41
C LEU A 280 20.98 -4.48 8.76
N ARG A 281 21.24 -5.65 9.34
CA ARG A 281 20.18 -6.59 9.69
C ARG A 281 19.71 -6.35 11.12
N GLY A 282 18.44 -6.64 11.37
CA GLY A 282 17.87 -6.52 12.71
C GLY A 282 18.44 -7.59 13.64
N GLU A 283 18.22 -7.39 14.93
CA GLU A 283 18.76 -8.27 15.96
C GLU A 283 17.72 -9.28 16.43
N GLN A 284 16.46 -8.83 16.50
CA GLN A 284 15.38 -9.61 17.10
C GLN A 284 14.10 -9.41 16.30
N MET A 285 13.43 -10.50 15.96
CA MET A 285 12.21 -10.45 15.15
C MET A 285 11.10 -9.65 15.83
N ALA A 286 10.34 -8.92 15.00
CA ALA A 286 9.20 -8.11 15.45
C ALA A 286 9.59 -6.83 16.23
N SER A 287 10.90 -6.58 16.37
CA SER A 287 11.37 -5.39 17.09
C SER A 287 11.16 -4.11 16.29
N TYR A 288 10.85 -4.25 15.00
CA TYR A 288 10.64 -3.11 14.10
C TYR A 288 11.92 -2.28 13.88
N PHE A 289 13.06 -2.98 13.85
CA PHE A 289 14.35 -2.41 13.47
C PHE A 289 14.22 -1.76 12.09
N GLY A 290 14.36 -0.44 12.04
CA GLY A 290 14.17 0.33 10.80
C GLY A 290 12.96 1.26 10.83
N HIS A 291 12.23 1.24 11.94
CA HIS A 291 11.15 2.18 12.19
C HIS A 291 11.66 3.62 12.07
N SER A 292 12.84 3.85 12.63
CA SER A 292 13.47 5.15 12.62
C SER A 292 14.90 5.04 12.11
N VAL A 293 15.31 6.05 11.36
CA VAL A 293 16.70 6.16 10.91
C VAL A 293 17.14 7.62 11.04
N ALA A 294 18.38 7.81 11.48
CA ALA A 294 18.96 9.15 11.60
C ALA A 294 20.40 9.13 11.08
N VAL A 295 20.77 10.21 10.38
CA VAL A 295 22.13 10.36 9.84
C VAL A 295 22.75 11.63 10.41
N THR A 296 23.89 11.47 11.08
CA THR A 296 24.66 12.61 11.62
C THR A 296 26.04 12.16 12.08
N ASP A 297 26.98 13.09 12.08
CA ASP A 297 28.34 12.82 12.54
C ASP A 297 28.40 13.14 14.03
N VAL A 298 28.49 12.11 14.87
CA VAL A 298 28.50 12.29 16.33
C VAL A 298 29.88 12.31 16.98
N ASN A 299 30.87 11.70 16.34
CA ASN A 299 32.23 11.63 16.89
C ASN A 299 33.21 12.66 16.31
N GLY A 300 32.68 13.63 15.56
CA GLY A 300 33.46 14.79 15.12
C GLY A 300 34.60 14.50 14.16
N ASP A 301 34.50 13.41 13.41
CA ASP A 301 35.54 13.05 12.44
C ASP A 301 35.18 13.45 11.00
N GLY A 302 34.03 14.07 10.82
CA GLY A 302 33.59 14.54 9.50
C GLY A 302 32.74 13.53 8.73
N ARG A 303 32.76 12.27 9.14
CA ARG A 303 32.02 11.22 8.46
C ARG A 303 30.67 11.02 9.14
N HIS A 304 29.60 10.96 8.35
CA HIS A 304 28.26 10.75 8.89
C HIS A 304 28.13 9.37 9.55
N ASP A 305 27.51 9.34 10.71
CA ASP A 305 27.19 8.09 11.41
C ASP A 305 25.70 7.78 11.23
N LEU A 306 25.34 6.50 11.38
CA LEU A 306 23.97 6.04 11.20
C LEU A 306 23.37 5.64 12.54
N LEU A 307 22.10 5.98 12.73
CA LEU A 307 21.35 5.61 13.93
C LEU A 307 20.04 4.92 13.54
N VAL A 308 19.88 3.65 13.89
CA VAL A 308 18.65 2.90 13.63
C VAL A 308 17.89 2.67 14.93
N GLY A 309 16.56 2.78 14.87
CA GLY A 309 15.70 2.55 16.02
C GLY A 309 14.81 1.33 15.86
N ALA A 310 14.75 0.51 16.90
CA ALA A 310 13.88 -0.68 16.96
C ALA A 310 13.03 -0.60 18.23
N PRO A 311 11.89 0.11 18.15
CA PRO A 311 11.13 0.49 19.35
C PRO A 311 10.36 -0.63 20.04
N LEU A 312 10.29 -1.81 19.44
CA LEU A 312 9.62 -2.95 20.08
C LEU A 312 10.60 -4.04 20.52
N TYR A 313 11.89 -3.68 20.62
CA TYR A 313 12.91 -4.62 21.07
C TYR A 313 12.66 -5.08 22.50
N MET A 314 12.69 -6.40 22.71
CA MET A 314 12.52 -7.00 24.03
C MET A 314 13.88 -7.37 24.63
N GLU A 315 14.19 -6.79 25.78
CA GLU A 315 15.46 -7.00 26.46
C GLU A 315 15.35 -8.22 27.39
N SER A 316 16.45 -8.95 27.52
CA SER A 316 16.50 -10.11 28.42
C SER A 316 16.55 -9.65 29.89
N ARG A 317 15.84 -10.39 30.75
CA ARG A 317 15.82 -10.10 32.19
C ARG A 317 15.81 -11.39 33.00
N ALA A 318 15.92 -11.26 34.32
CA ALA A 318 16.01 -12.41 35.22
C ALA A 318 14.96 -13.50 34.94
N ASP A 319 15.41 -14.75 35.02
CA ASP A 319 14.58 -15.95 34.82
C ASP A 319 13.98 -16.07 33.41
N ARG A 320 14.83 -15.85 32.40
CA ARG A 320 14.49 -16.05 30.98
C ARG A 320 13.33 -15.17 30.49
N LYS A 321 13.06 -14.06 31.18
CA LYS A 321 11.93 -13.20 30.87
C LYS A 321 12.33 -12.01 30.01
N LEU A 322 11.60 -11.80 28.93
CA LEU A 322 11.84 -10.70 27.99
C LEU A 322 10.96 -9.51 28.37
N ALA A 323 11.45 -8.31 28.11
CA ALA A 323 10.73 -7.07 28.44
C ALA A 323 10.83 -6.05 27.32
N GLU A 324 9.71 -5.77 26.67
CA GLU A 324 9.66 -4.81 25.56
C GLU A 324 10.01 -3.42 26.05
N VAL A 325 11.16 -2.91 25.62
CA VAL A 325 11.62 -1.58 26.02
C VAL A 325 12.00 -0.67 24.83
N GLY A 326 12.54 -1.25 23.76
CA GLY A 326 13.02 -0.49 22.61
C GLY A 326 14.53 -0.37 22.61
N ARG A 327 15.12 -0.19 21.44
CA ARG A 327 16.58 -0.06 21.32
C ARG A 327 17.02 0.80 20.13
N VAL A 328 18.06 1.60 20.34
CA VAL A 328 18.69 2.39 19.28
C VAL A 328 20.10 1.89 19.03
N TYR A 329 20.46 1.75 17.76
CA TYR A 329 21.76 1.21 17.34
C TYR A 329 22.60 2.31 16.68
N LEU A 330 23.79 2.56 17.21
CA LEU A 330 24.72 3.55 16.64
C LEU A 330 25.80 2.87 15.81
N PHE A 331 25.93 3.31 14.56
CA PHE A 331 26.97 2.82 13.66
C PHE A 331 27.87 3.96 13.22
N LEU A 332 29.11 3.96 13.69
CA LEU A 332 30.08 4.96 13.29
C LEU A 332 30.68 4.59 11.92
N GLN A 333 30.82 5.56 11.04
CA GLN A 333 31.40 5.32 9.72
C GLN A 333 32.92 5.35 9.83
N PRO A 334 33.61 4.28 9.36
CA PRO A 334 35.06 4.25 9.36
C PRO A 334 35.65 4.98 8.15
N ARG A 335 36.96 5.13 8.14
CA ARG A 335 37.66 5.81 7.03
C ARG A 335 37.82 4.93 5.80
N GLY A 336 37.99 5.58 4.64
CA GLY A 336 38.24 4.89 3.38
C GLY A 336 37.06 4.07 2.90
N PRO A 337 37.25 3.33 1.79
CA PRO A 337 36.22 2.42 1.30
C PRO A 337 36.10 1.17 2.19
N HIS A 338 35.45 1.34 3.34
CA HIS A 338 35.23 0.26 4.30
C HIS A 338 33.74 0.21 4.66
N ALA A 339 33.23 -1.00 4.91
CA ALA A 339 31.82 -1.20 5.23
C ALA A 339 31.51 -0.75 6.65
N LEU A 340 30.23 -0.50 6.91
CA LEU A 340 29.76 -0.22 8.28
C LEU A 340 29.74 -1.52 9.06
N GLY A 341 30.51 -1.58 10.13
CA GLY A 341 30.63 -2.79 10.93
C GLY A 341 29.48 -2.98 11.91
N ALA A 342 29.78 -3.63 13.02
CA ALA A 342 28.81 -3.83 14.09
C ALA A 342 28.53 -2.52 14.81
N PRO A 343 27.51 -2.49 15.69
CA PRO A 343 27.17 -1.24 16.36
C PRO A 343 28.24 -0.79 17.35
N SER A 344 28.61 0.49 17.28
CA SER A 344 29.56 1.07 18.23
C SER A 344 28.93 1.24 19.61
N LEU A 345 27.61 1.36 19.65
CA LEU A 345 26.88 1.48 20.90
C LEU A 345 25.44 1.00 20.75
N LEU A 346 24.91 0.39 21.81
CA LEU A 346 23.50 0.02 21.88
C LEU A 346 22.85 0.77 23.04
N LEU A 347 21.84 1.58 22.72
CA LEU A 347 21.04 2.29 23.72
C LEU A 347 19.69 1.58 23.88
N THR A 348 19.37 1.17 25.10
CA THR A 348 18.18 0.39 25.39
C THR A 348 17.27 1.11 26.37
N GLY A 349 15.98 1.17 26.08
CA GLY A 349 15.02 1.84 26.97
C GLY A 349 14.88 1.12 28.30
N THR A 350 14.30 1.79 29.28
CA THR A 350 14.15 1.22 30.62
C THR A 350 12.70 0.92 31.00
N GLN A 351 11.76 1.71 30.47
CA GLN A 351 10.34 1.54 30.77
C GLN A 351 9.68 0.52 29.86
N LEU A 352 8.90 -0.38 30.44
CA LEU A 352 8.16 -1.38 29.69
C LEU A 352 7.16 -0.70 28.75
N TYR A 353 7.07 -1.20 27.52
CA TYR A 353 6.20 -0.66 26.47
C TYR A 353 6.49 0.81 26.10
N GLY A 354 7.68 1.30 26.47
CA GLY A 354 8.01 2.72 26.30
C GLY A 354 8.28 3.12 24.87
N ARG A 355 8.67 2.14 24.04
CA ARG A 355 8.97 2.36 22.63
C ARG A 355 10.14 3.34 22.45
N PHE A 356 11.19 3.12 23.23
CA PHE A 356 12.44 3.85 23.09
C PHE A 356 12.94 3.70 21.66
N GLY A 357 13.40 4.79 21.06
CA GLY A 357 13.86 4.77 19.67
C GLY A 357 12.74 4.76 18.64
N SER A 358 11.55 5.23 19.03
CA SER A 358 10.45 5.41 18.08
C SER A 358 10.72 6.60 17.17
N ALA A 359 11.52 7.56 17.65
CA ALA A 359 12.01 8.68 16.83
C ALA A 359 13.42 9.09 17.29
N ILE A 360 14.30 9.36 16.32
CA ILE A 360 15.68 9.81 16.61
C ILE A 360 15.97 11.09 15.81
N ALA A 361 16.26 12.18 16.53
CA ALA A 361 16.47 13.48 15.91
C ALA A 361 17.89 14.02 16.16
N PRO A 362 18.66 14.24 15.07
CA PRO A 362 19.91 14.99 15.19
C PRO A 362 19.65 16.42 15.68
N LEU A 363 20.29 16.80 16.78
CA LEU A 363 20.08 18.11 17.41
C LEU A 363 21.09 19.15 16.95
N GLY A 364 22.10 18.72 16.19
CA GLY A 364 23.26 19.55 15.92
C GLY A 364 24.08 19.64 17.20
N ASP A 365 25.01 20.59 17.25
CA ASP A 365 25.85 20.78 18.43
C ASP A 365 25.08 21.57 19.48
N LEU A 366 24.42 20.86 20.40
CA LEU A 366 23.53 21.49 21.37
C LEU A 366 24.29 22.36 22.37
N ASP A 367 25.37 21.80 22.92
CA ASP A 367 26.17 22.50 23.92
C ASP A 367 27.41 23.20 23.33
N ARG A 368 27.51 23.24 22.01
CA ARG A 368 28.60 23.93 21.30
C ARG A 368 29.98 23.52 21.82
N ASP A 369 30.25 22.21 21.83
CA ASP A 369 31.54 21.68 22.26
C ASP A 369 32.35 21.05 21.12
N GLY A 370 31.82 21.09 19.90
CA GLY A 370 32.48 20.50 18.73
C GLY A 370 31.82 19.23 18.22
N TYR A 371 31.21 18.47 19.13
CA TYR A 371 30.54 17.21 18.77
C TYR A 371 29.04 17.43 18.59
N ASN A 372 28.47 16.82 17.55
CA ASN A 372 27.02 16.85 17.35
C ASN A 372 26.31 15.98 18.37
N ASP A 373 25.04 16.30 18.62
CA ASP A 373 24.24 15.58 19.60
C ASP A 373 22.93 15.10 18.99
N ILE A 374 22.26 14.18 19.68
CA ILE A 374 20.98 13.64 19.21
C ILE A 374 19.96 13.56 20.36
N ALA A 375 18.68 13.45 19.98
CA ALA A 375 17.60 13.17 20.93
C ALA A 375 16.89 11.89 20.50
N VAL A 376 16.55 11.04 21.48
CA VAL A 376 15.83 9.80 21.22
C VAL A 376 14.49 9.82 21.96
N ALA A 377 13.43 9.42 21.27
CA ALA A 377 12.08 9.48 21.82
C ALA A 377 11.63 8.13 22.39
N ALA A 378 11.01 8.19 23.57
CA ALA A 378 10.33 7.05 24.18
C ALA A 378 8.88 7.50 24.43
N PRO A 379 8.04 7.46 23.38
CA PRO A 379 6.70 8.07 23.41
C PRO A 379 5.75 7.60 24.52
N TYR A 380 6.05 6.46 25.14
CA TYR A 380 5.29 5.99 26.30
C TYR A 380 6.25 5.65 27.45
N GLY A 381 7.37 6.37 27.49
CA GLY A 381 8.40 6.17 28.50
C GLY A 381 8.17 7.00 29.76
N GLY A 382 9.10 6.89 30.70
CA GLY A 382 8.95 7.51 32.02
C GLY A 382 8.11 6.61 32.92
N PRO A 383 8.28 6.74 34.25
CA PRO A 383 7.51 5.93 35.21
C PRO A 383 5.99 5.98 35.00
N SER A 384 5.46 7.15 34.67
CA SER A 384 4.02 7.34 34.47
C SER A 384 3.52 6.72 33.16
N GLY A 385 4.38 6.70 32.14
CA GLY A 385 4.03 6.21 30.81
C GLY A 385 3.62 7.33 29.87
N ARG A 386 3.69 8.57 30.34
CA ARG A 386 3.21 9.72 29.57
C ARG A 386 4.08 10.06 28.36
N GLY A 387 5.35 9.68 28.40
CA GLY A 387 6.28 9.94 27.31
C GLY A 387 7.55 10.60 27.79
N GLN A 388 8.62 10.45 27.01
CA GLN A 388 9.94 10.88 27.44
C GLN A 388 10.88 11.01 26.25
N VAL A 389 11.57 12.15 26.15
CA VAL A 389 12.61 12.35 25.15
C VAL A 389 13.95 12.50 25.86
N LEU A 390 14.95 11.78 25.36
CA LEU A 390 16.26 11.69 26.02
C LEU A 390 17.36 12.27 25.14
N VAL A 391 18.11 13.24 25.68
CA VAL A 391 19.21 13.87 24.95
C VAL A 391 20.52 13.13 25.22
N PHE A 392 21.27 12.84 24.16
CA PHE A 392 22.58 12.18 24.26
C PHE A 392 23.64 13.01 23.54
N LEU A 393 24.62 13.52 24.29
CA LEU A 393 25.71 14.31 23.71
C LEU A 393 26.75 13.40 23.06
N GLY A 394 27.34 13.89 21.97
CA GLY A 394 28.38 13.16 21.25
C GLY A 394 29.76 13.41 21.80
N GLN A 395 30.68 12.49 21.50
CA GLN A 395 32.06 12.57 21.96
C GLN A 395 32.97 11.79 21.01
N SER A 396 34.29 11.89 21.21
CA SER A 396 35.26 11.17 20.38
C SER A 396 34.98 9.67 20.29
N GLU A 397 34.49 9.13 21.41
CA GLU A 397 34.22 7.69 21.53
C GLU A 397 32.89 7.28 20.88
N GLY A 398 32.11 8.27 20.43
CA GLY A 398 30.82 8.03 19.75
C GLY A 398 29.69 8.80 20.42
N LEU A 399 28.93 8.09 21.24
CA LEU A 399 27.91 8.69 22.10
C LEU A 399 28.07 8.17 23.52
N ARG A 400 27.43 8.85 24.47
CA ARG A 400 27.41 8.45 25.86
C ARG A 400 26.24 7.50 26.10
N SER A 401 26.46 6.47 26.92
CA SER A 401 25.40 5.55 27.32
C SER A 401 24.36 6.25 28.21
N ARG A 402 24.85 7.07 29.13
CA ARG A 402 24.01 7.84 30.04
C ARG A 402 23.54 9.11 29.35
N PRO A 403 22.22 9.40 29.38
CA PRO A 403 21.75 10.64 28.75
C PRO A 403 22.13 11.87 29.56
N SER A 404 22.40 12.97 28.86
CA SER A 404 22.77 14.23 29.48
C SER A 404 21.55 14.94 30.08
N GLN A 405 20.37 14.63 29.56
CA GLN A 405 19.14 15.29 29.97
C GLN A 405 17.93 14.46 29.57
N VAL A 406 16.89 14.48 30.40
CA VAL A 406 15.64 13.78 30.11
C VAL A 406 14.45 14.74 30.18
N LEU A 407 13.75 14.89 29.06
CA LEU A 407 12.55 15.72 29.00
C LEU A 407 11.32 14.85 29.24
N ASP A 408 10.54 15.19 30.26
CA ASP A 408 9.30 14.46 30.57
C ASP A 408 8.09 15.13 29.93
N SER A 409 7.17 14.32 29.41
CA SER A 409 5.95 14.82 28.79
C SER A 409 5.16 15.72 29.74
N PRO A 410 4.87 16.97 29.31
CA PRO A 410 3.97 17.83 30.08
C PRO A 410 2.50 17.61 29.74
N PHE A 411 2.22 16.76 28.75
CA PHE A 411 0.85 16.46 28.33
C PHE A 411 0.34 15.22 29.05
N PRO A 412 -1.00 15.00 29.04
CA PRO A 412 -1.57 13.83 29.71
C PRO A 412 -1.33 12.50 28.98
N THR A 413 -1.70 11.40 29.64
CA THR A 413 -1.56 10.05 29.09
C THR A 413 -2.15 9.96 27.69
N GLY A 414 -1.44 9.25 26.80
CA GLY A 414 -1.91 9.02 25.43
C GLY A 414 -1.42 10.03 24.39
N SER A 415 -0.74 11.08 24.83
CA SER A 415 -0.31 12.16 23.92
C SER A 415 0.65 11.68 22.83
N ALA A 416 1.39 10.61 23.10
CA ALA A 416 2.45 10.13 22.20
C ALA A 416 3.59 11.14 22.12
N PHE A 417 3.81 11.85 23.24
CA PHE A 417 4.87 12.85 23.34
C PHE A 417 6.19 12.28 22.87
N GLY A 418 6.75 12.84 21.81
CA GLY A 418 8.02 12.38 21.24
C GLY A 418 7.90 11.57 19.96
N PHE A 419 6.67 11.26 19.55
CA PHE A 419 6.42 10.49 18.32
C PHE A 419 7.03 11.18 17.10
N SER A 420 7.09 12.51 17.14
CA SER A 420 7.80 13.30 16.14
C SER A 420 8.83 14.21 16.82
N LEU A 421 9.95 14.44 16.15
CA LEU A 421 11.04 15.25 16.69
C LEU A 421 11.79 15.95 15.58
N ARG A 422 12.33 17.13 15.88
CA ARG A 422 13.20 17.84 14.95
C ARG A 422 14.09 18.85 15.69
N GLY A 423 15.35 18.96 15.25
CA GLY A 423 16.30 19.89 15.83
C GLY A 423 17.29 20.44 14.83
N ALA A 424 18.48 20.80 15.32
CA ALA A 424 19.57 21.33 14.49
C ALA A 424 19.25 22.68 13.84
N VAL A 425 18.35 23.45 14.46
CA VAL A 425 17.96 24.76 13.94
C VAL A 425 17.73 25.73 15.08
N ASP A 426 18.23 26.95 14.92
CA ASP A 426 18.15 27.99 15.95
C ASP A 426 16.92 28.86 15.66
N ILE A 427 15.82 28.61 16.37
CA ILE A 427 14.54 29.26 16.08
C ILE A 427 14.42 30.67 16.66
N ASP A 428 15.05 30.91 17.82
CA ASP A 428 14.97 32.21 18.51
C ASP A 428 16.19 33.09 18.27
N ASP A 429 17.17 32.56 17.53
CA ASP A 429 18.32 33.34 17.07
C ASP A 429 19.27 33.73 18.22
N ASN A 430 19.50 32.82 19.15
CA ASN A 430 20.44 33.04 20.25
C ASN A 430 21.77 32.30 20.09
N GLY A 431 21.96 31.66 18.94
CA GLY A 431 23.22 30.96 18.63
C GLY A 431 23.28 29.50 19.05
N TYR A 432 22.17 28.97 19.57
CA TYR A 432 22.12 27.58 20.02
C TYR A 432 20.95 26.88 19.34
N PRO A 433 21.17 25.65 18.82
CA PRO A 433 20.09 24.93 18.14
C PRO A 433 19.03 24.38 19.11
N ASP A 434 17.77 24.44 18.69
CA ASP A 434 16.63 24.11 19.55
C ASP A 434 15.95 22.82 19.10
N LEU A 435 14.95 22.37 19.86
CA LEU A 435 14.26 21.10 19.60
C LEU A 435 12.74 21.28 19.65
N ILE A 436 12.05 20.76 18.64
CA ILE A 436 10.59 20.72 18.65
C ILE A 436 10.09 19.27 18.81
N VAL A 437 9.15 19.07 19.73
CA VAL A 437 8.58 17.76 20.03
C VAL A 437 7.06 17.79 19.79
N GLY A 438 6.57 16.86 18.98
CA GLY A 438 5.14 16.73 18.73
C GLY A 438 4.46 15.72 19.64
N ALA A 439 3.23 16.02 20.03
CA ALA A 439 2.41 15.11 20.81
C ALA A 439 1.03 15.01 20.15
N TYR A 440 0.92 14.15 19.16
CA TYR A 440 -0.27 14.13 18.30
C TYR A 440 -1.52 13.73 19.06
N GLY A 441 -1.39 12.83 20.03
CA GLY A 441 -2.49 12.46 20.90
C GLY A 441 -3.11 13.65 21.60
N ALA A 442 -2.26 14.62 21.98
CA ALA A 442 -2.72 15.85 22.64
C ALA A 442 -3.01 17.00 21.67
N ASN A 443 -2.80 16.77 20.37
CA ASN A 443 -2.99 17.80 19.34
C ASN A 443 -2.10 19.03 19.52
N GLN A 444 -0.88 18.81 20.00
CA GLN A 444 0.02 19.93 20.33
C GLN A 444 1.49 19.66 19.97
N VAL A 445 2.24 20.75 19.88
CA VAL A 445 3.69 20.70 19.71
C VAL A 445 4.35 21.51 20.84
N ALA A 446 5.48 21.02 21.34
CA ALA A 446 6.23 21.70 22.40
C ALA A 446 7.63 22.07 21.90
N VAL A 447 7.98 23.34 22.02
CA VAL A 447 9.31 23.83 21.62
C VAL A 447 10.18 24.05 22.85
N TYR A 448 11.38 23.49 22.82
CA TYR A 448 12.37 23.63 23.89
C TYR A 448 13.56 24.41 23.37
N ARG A 449 14.00 25.42 24.12
CA ARG A 449 15.11 26.27 23.69
C ARG A 449 16.42 25.94 24.42
N ALA A 450 17.51 25.92 23.66
CA ALA A 450 18.83 25.65 24.21
C ALA A 450 19.41 26.93 24.81
N GLN A 451 19.93 26.83 26.04
CA GLN A 451 20.51 27.96 26.75
C GLN A 451 22.02 27.77 26.90
N PRO A 452 22.75 28.87 27.20
CA PRO A 452 24.19 28.73 27.51
C PRO A 452 24.46 27.83 28.71
N GLY B 1 1.07 -44.26 94.10
CA GLY B 1 0.12 -44.97 95.00
C GLY B 1 -1.24 -45.23 94.37
N PRO B 2 -2.26 -44.42 94.73
CA PRO B 2 -3.63 -44.64 94.22
C PRO B 2 -3.88 -44.04 92.83
N ASN B 3 -4.93 -44.53 92.17
CA ASN B 3 -5.29 -44.05 90.82
C ASN B 3 -6.42 -43.01 90.85
N ILE B 4 -6.67 -42.40 89.68
CA ILE B 4 -7.64 -41.32 89.56
C ILE B 4 -9.09 -41.82 89.67
N CYS B 5 -9.33 -43.08 89.34
CA CYS B 5 -10.68 -43.65 89.37
C CYS B 5 -11.24 -43.70 90.80
N THR B 6 -10.44 -44.26 91.70
CA THR B 6 -10.85 -44.45 93.10
C THR B 6 -10.95 -43.14 93.88
N THR B 7 -10.09 -42.18 93.56
CA THR B 7 -9.93 -40.98 94.38
C THR B 7 -10.66 -39.74 93.81
N ARG B 8 -11.89 -39.92 93.32
CA ARG B 8 -12.67 -38.80 92.77
C ARG B 8 -14.18 -39.00 92.92
N GLY B 9 -14.66 -38.95 94.16
CA GLY B 9 -16.09 -39.05 94.46
C GLY B 9 -16.75 -40.31 93.94
N VAL B 10 -17.00 -40.33 92.63
CA VAL B 10 -17.55 -41.49 91.92
C VAL B 10 -18.58 -42.29 92.72
N SER B 11 -19.79 -41.73 92.78
CA SER B 11 -20.92 -42.35 93.46
C SER B 11 -21.68 -43.34 92.57
N SER B 12 -21.38 -43.34 91.27
CA SER B 12 -22.13 -44.16 90.32
C SER B 12 -21.28 -44.65 89.15
N CYS B 13 -21.80 -45.64 88.44
CA CYS B 13 -21.18 -46.19 87.25
C CYS B 13 -20.92 -45.11 86.19
N GLN B 14 -21.87 -44.18 86.07
CA GLN B 14 -21.77 -43.10 85.08
C GLN B 14 -20.64 -42.12 85.43
N GLN B 15 -20.60 -41.69 86.68
CA GLN B 15 -19.55 -40.77 87.15
C GLN B 15 -18.17 -41.40 86.98
N CYS B 16 -18.11 -42.72 87.15
CA CYS B 16 -16.88 -43.50 86.98
C CYS B 16 -16.30 -43.35 85.58
N LEU B 17 -17.15 -43.45 84.56
CA LEU B 17 -16.72 -43.31 83.17
C LEU B 17 -16.30 -41.88 82.83
N ALA B 18 -16.89 -40.91 83.54
CA ALA B 18 -16.60 -39.48 83.32
C ALA B 18 -15.17 -39.09 83.72
N VAL B 19 -14.57 -39.84 84.64
CA VAL B 19 -13.25 -39.51 85.17
C VAL B 19 -12.14 -39.70 84.13
N SER B 20 -12.14 -40.86 83.47
CA SER B 20 -11.10 -41.20 82.51
C SER B 20 -11.47 -42.46 81.71
N PRO B 21 -10.99 -42.59 80.46
CA PRO B 21 -11.21 -43.80 79.67
C PRO B 21 -10.73 -45.13 80.28
N MET B 22 -9.72 -45.08 81.15
CA MET B 22 -9.14 -46.32 81.70
C MET B 22 -9.91 -46.88 82.91
N CYS B 23 -10.90 -46.15 83.40
CA CYS B 23 -11.69 -46.59 84.55
C CYS B 23 -12.72 -47.66 84.17
N ALA B 24 -12.95 -48.60 85.07
CA ALA B 24 -13.98 -49.62 84.93
C ALA B 24 -14.85 -49.65 86.19
N TRP B 25 -16.05 -50.23 86.08
CA TRP B 25 -16.97 -50.35 87.20
C TRP B 25 -17.35 -51.81 87.44
N CYS B 26 -17.43 -52.19 88.71
CA CYS B 26 -17.80 -53.55 89.12
C CYS B 26 -19.22 -53.54 89.67
N SER B 27 -20.11 -54.31 89.03
CA SER B 27 -21.50 -54.42 89.48
C SER B 27 -21.72 -55.64 90.39
N ASP B 28 -20.70 -56.48 90.51
CA ASP B 28 -20.78 -57.71 91.31
C ASP B 28 -21.22 -57.42 92.73
N GLU B 29 -22.36 -57.99 93.12
CA GLU B 29 -22.91 -57.81 94.47
C GLU B 29 -22.08 -58.53 95.53
N ALA B 30 -21.34 -59.56 95.13
CA ALA B 30 -20.49 -60.32 96.05
C ALA B 30 -19.20 -59.57 96.44
N LEU B 31 -18.95 -58.42 95.83
CA LEU B 31 -17.79 -57.59 96.17
C LEU B 31 -17.91 -57.08 97.62
N PRO B 32 -16.80 -57.12 98.38
CA PRO B 32 -16.86 -56.63 99.77
C PRO B 32 -16.94 -55.10 99.87
N LEU B 33 -17.30 -54.61 101.06
CA LEU B 33 -17.47 -53.19 101.30
C LEU B 33 -16.19 -52.40 101.08
N GLY B 34 -15.06 -52.97 101.53
CA GLY B 34 -13.76 -52.33 101.41
C GLY B 34 -13.33 -52.03 99.98
N SER B 35 -13.63 -52.95 99.06
CA SER B 35 -13.22 -52.81 97.65
C SER B 35 -13.96 -51.66 96.97
N PRO B 36 -13.21 -50.79 96.25
CA PRO B 36 -13.84 -49.71 95.50
C PRO B 36 -14.44 -50.21 94.19
N ARG B 37 -15.66 -49.77 93.88
CA ARG B 37 -16.35 -50.22 92.67
C ARG B 37 -15.82 -49.54 91.40
N CYS B 38 -15.28 -48.33 91.54
CA CYS B 38 -14.72 -47.59 90.42
C CYS B 38 -13.18 -47.62 90.45
N ASP B 39 -12.60 -48.42 89.56
CA ASP B 39 -11.16 -48.69 89.56
C ASP B 39 -10.69 -49.11 88.17
N LEU B 40 -9.41 -49.49 88.05
CA LEU B 40 -8.89 -50.07 86.81
C LEU B 40 -9.41 -51.50 86.66
N LYS B 41 -9.52 -51.97 85.42
CA LYS B 41 -10.01 -53.33 85.16
C LYS B 41 -9.06 -54.38 85.73
N GLU B 42 -7.76 -54.07 85.75
CA GLU B 42 -6.77 -54.95 86.38
C GLU B 42 -7.09 -55.14 87.86
N ASN B 43 -7.38 -54.04 88.54
CA ASN B 43 -7.63 -54.05 90.00
C ASN B 43 -8.91 -54.79 90.39
N LEU B 44 -9.97 -54.61 89.61
CA LEU B 44 -11.26 -55.24 89.88
C LEU B 44 -11.18 -56.76 89.75
N LEU B 45 -10.55 -57.23 88.68
CA LEU B 45 -10.34 -58.67 88.47
C LEU B 45 -9.51 -59.27 89.59
N LYS B 46 -8.56 -58.49 90.11
CA LYS B 46 -7.70 -58.92 91.21
C LYS B 46 -8.43 -58.92 92.56
N ASP B 47 -9.59 -58.27 92.63
CA ASP B 47 -10.41 -58.23 93.85
C ASP B 47 -11.66 -59.13 93.75
N ASN B 48 -11.54 -60.25 93.04
CA ASN B 48 -12.61 -61.24 92.93
C ASN B 48 -13.93 -60.72 92.34
N CYS B 49 -13.86 -59.65 91.54
CA CYS B 49 -15.04 -59.17 90.84
C CYS B 49 -15.26 -60.05 89.62
N ALA B 50 -16.49 -60.56 89.47
CA ALA B 50 -16.82 -61.47 88.37
C ALA B 50 -16.69 -60.74 87.02
N PRO B 51 -15.88 -61.29 86.09
CA PRO B 51 -15.68 -60.71 84.76
C PRO B 51 -16.95 -60.27 84.03
N GLU B 52 -18.06 -60.99 84.24
CA GLU B 52 -19.35 -60.66 83.63
C GLU B 52 -19.99 -59.41 84.25
N SER B 53 -19.54 -59.02 85.44
CA SER B 53 -20.09 -57.87 86.16
C SER B 53 -19.35 -56.57 85.85
N ILE B 54 -18.18 -56.67 85.22
CA ILE B 54 -17.36 -55.50 84.91
C ILE B 54 -17.92 -54.71 83.73
N GLU B 55 -18.15 -53.42 83.95
CA GLU B 55 -18.52 -52.48 82.88
C GLU B 55 -17.26 -51.76 82.43
N PHE B 56 -16.95 -51.85 81.14
CA PHE B 56 -15.75 -51.22 80.59
C PHE B 56 -15.91 -51.03 79.08
N PRO B 57 -16.60 -49.96 78.67
CA PRO B 57 -16.83 -49.69 77.25
C PRO B 57 -15.55 -49.32 76.52
N VAL B 58 -15.36 -49.87 75.33
CA VAL B 58 -14.21 -49.54 74.50
C VAL B 58 -14.70 -48.90 73.20
N SER B 59 -14.07 -47.80 72.80
CA SER B 59 -14.48 -47.07 71.61
C SER B 59 -14.13 -47.82 70.32
N GLU B 60 -15.02 -47.75 69.33
CA GLU B 60 -14.84 -48.43 68.05
C GLU B 60 -15.24 -47.56 66.85
N ALA B 61 -14.76 -47.97 65.67
CA ALA B 61 -15.17 -47.37 64.41
C ALA B 61 -15.55 -48.47 63.43
N ARG B 62 -16.84 -48.58 63.10
CA ARG B 62 -17.33 -49.60 62.17
C ARG B 62 -17.56 -49.00 60.77
N VAL B 63 -17.04 -49.66 59.74
CA VAL B 63 -17.27 -49.26 58.36
C VAL B 63 -18.70 -49.64 57.94
N LEU B 64 -19.48 -48.63 57.53
CA LEU B 64 -20.87 -48.86 57.13
C LEU B 64 -21.00 -48.97 55.60
N GLU B 65 -20.38 -48.04 54.89
CA GLU B 65 -20.32 -48.07 53.42
C GLU B 65 -18.85 -48.18 52.99
N ASP B 66 -18.53 -49.21 52.22
CA ASP B 66 -17.15 -49.58 51.97
C ASP B 66 -16.95 -50.06 50.52
N ARG B 67 -17.48 -49.29 49.58
CA ARG B 67 -17.33 -49.59 48.16
C ARG B 67 -15.89 -49.34 47.73
N PRO B 68 -15.38 -50.15 46.78
CA PRO B 68 -13.97 -50.03 46.38
C PRO B 68 -13.71 -48.81 45.50
N LEU B 69 -12.42 -48.44 45.39
CA LEU B 69 -12.00 -47.35 44.52
C LEU B 69 -12.05 -47.82 43.07
N SER B 70 -12.41 -46.90 42.17
CA SER B 70 -12.71 -47.25 40.77
C SER B 70 -11.47 -47.37 39.88
N ASP B 71 -11.66 -47.96 38.70
CA ASP B 71 -10.59 -48.13 37.71
C ASP B 71 -11.06 -47.59 36.35
N LYS B 72 -10.30 -47.89 35.29
CA LYS B 72 -10.72 -47.59 33.91
C LYS B 72 -10.19 -48.64 32.94
N GLN B 79 -20.67 -44.25 37.95
CA GLN B 79 -20.77 -43.86 39.34
C GLN B 79 -19.48 -43.18 39.81
N VAL B 80 -18.38 -43.93 39.79
CA VAL B 80 -17.04 -43.44 40.17
C VAL B 80 -16.89 -43.16 41.67
N THR B 81 -16.12 -44.02 42.34
CA THR B 81 -15.80 -43.89 43.76
C THR B 81 -14.33 -43.50 43.93
N GLN B 82 -14.10 -42.34 44.54
CA GLN B 82 -12.73 -41.81 44.75
C GLN B 82 -12.32 -41.79 46.22
N VAL B 83 -13.29 -41.65 47.12
CA VAL B 83 -13.06 -41.73 48.55
C VAL B 83 -13.52 -43.10 49.06
N SER B 84 -12.81 -43.63 50.06
CA SER B 84 -13.08 -44.97 50.58
C SER B 84 -12.45 -45.16 51.96
N PRO B 85 -13.24 -45.62 52.94
CA PRO B 85 -14.68 -45.90 52.88
C PRO B 85 -15.52 -44.62 52.76
N GLN B 86 -16.81 -44.78 52.48
CA GLN B 86 -17.71 -43.64 52.30
C GLN B 86 -18.41 -43.26 53.60
N ARG B 87 -18.68 -44.25 54.45
CA ARG B 87 -19.37 -44.01 55.73
C ARG B 87 -18.77 -44.84 56.87
N ILE B 88 -18.50 -44.17 57.99
CA ILE B 88 -17.96 -44.82 59.20
C ILE B 88 -18.83 -44.45 60.42
N ALA B 89 -19.00 -45.39 61.34
CA ALA B 89 -19.74 -45.15 62.59
C ALA B 89 -18.78 -45.14 63.78
N LEU B 90 -18.52 -43.95 64.33
CA LEU B 90 -17.66 -43.80 65.53
C LEU B 90 -18.49 -43.83 66.80
N ARG B 91 -18.02 -44.57 67.78
CA ARG B 91 -18.67 -44.62 69.10
C ARG B 91 -17.62 -44.32 70.19
N LEU B 92 -17.76 -43.16 70.83
CA LEU B 92 -16.77 -42.68 71.80
C LEU B 92 -17.34 -42.66 73.21
N ARG B 93 -16.47 -42.82 74.20
CA ARG B 93 -16.81 -42.66 75.61
C ARG B 93 -16.18 -41.36 76.12
N PRO B 94 -16.58 -40.88 77.31
CA PRO B 94 -16.11 -39.59 77.81
C PRO B 94 -14.59 -39.39 77.72
N ASP B 95 -14.18 -38.28 77.11
CA ASP B 95 -12.76 -37.90 76.94
C ASP B 95 -11.92 -38.86 76.08
N ASP B 96 -12.54 -39.87 75.47
CA ASP B 96 -11.81 -40.87 74.71
C ASP B 96 -11.61 -40.42 73.27
N SER B 97 -10.66 -41.06 72.58
CA SER B 97 -10.47 -40.85 71.15
C SER B 97 -10.40 -42.18 70.40
N LYS B 98 -10.44 -42.11 69.08
CA LYS B 98 -10.41 -43.30 68.24
C LYS B 98 -9.88 -42.92 66.85
N ASN B 99 -9.16 -43.83 66.21
CA ASN B 99 -8.60 -43.59 64.89
C ASN B 99 -9.28 -44.41 63.81
N PHE B 100 -9.24 -43.90 62.58
CA PHE B 100 -9.82 -44.59 61.43
C PHE B 100 -9.06 -44.21 60.17
N SER B 101 -9.33 -44.94 59.09
CA SER B 101 -8.56 -44.82 57.86
C SER B 101 -9.40 -44.24 56.72
N ILE B 102 -8.73 -43.69 55.72
CA ILE B 102 -9.38 -43.13 54.54
C ILE B 102 -8.41 -43.17 53.36
N GLN B 103 -8.92 -43.54 52.19
CA GLN B 103 -8.14 -43.56 50.96
C GLN B 103 -8.75 -42.61 49.95
N VAL B 104 -7.91 -41.86 49.25
CA VAL B 104 -8.36 -40.99 48.18
C VAL B 104 -7.61 -41.32 46.89
N ARG B 105 -8.34 -41.36 45.78
CA ARG B 105 -7.74 -41.63 44.47
C ARG B 105 -8.29 -40.67 43.42
N GLN B 106 -7.41 -40.19 42.55
CA GLN B 106 -7.81 -39.34 41.42
C GLN B 106 -8.26 -40.24 40.27
N VAL B 107 -9.58 -40.41 40.16
CA VAL B 107 -10.17 -41.26 39.13
C VAL B 107 -10.68 -40.42 37.96
N GLU B 108 -11.39 -39.34 38.28
CA GLU B 108 -11.97 -38.49 37.25
C GLU B 108 -10.91 -37.81 36.37
N ASP B 109 -11.24 -37.58 35.10
CA ASP B 109 -10.34 -36.95 34.15
C ASP B 109 -10.14 -35.48 34.47
N TYR B 110 -8.99 -34.94 34.05
CA TYR B 110 -8.66 -33.54 34.32
C TYR B 110 -9.38 -32.61 33.36
N PRO B 111 -9.88 -31.48 33.88
CA PRO B 111 -10.58 -30.51 33.04
C PRO B 111 -9.64 -29.74 32.10
N VAL B 112 -9.98 -29.72 30.82
CA VAL B 112 -9.16 -29.04 29.80
C VAL B 112 -10.03 -28.18 28.87
N ASP B 113 -9.57 -26.96 28.61
CA ASP B 113 -10.20 -26.06 27.66
C ASP B 113 -9.34 -25.96 26.40
N ILE B 114 -9.97 -26.15 25.24
CA ILE B 114 -9.30 -25.95 23.95
C ILE B 114 -10.13 -24.96 23.13
N TYR B 115 -9.56 -23.78 22.86
CA TYR B 115 -10.20 -22.81 21.97
C TYR B 115 -9.44 -22.77 20.67
N TYR B 116 -10.17 -22.88 19.56
CA TYR B 116 -9.60 -23.09 18.23
C TYR B 116 -9.80 -21.86 17.35
N LEU B 117 -8.69 -21.27 16.92
CA LEU B 117 -8.74 -20.10 16.04
C LEU B 117 -8.50 -20.53 14.58
N MET B 118 -9.50 -20.29 13.73
CA MET B 118 -9.43 -20.67 12.33
C MET B 118 -9.13 -19.47 11.44
N ASP B 119 -7.98 -19.51 10.76
CA ASP B 119 -7.70 -18.59 9.65
C ASP B 119 -8.67 -18.96 8.53
N LEU B 120 -9.65 -18.09 8.28
CA LEU B 120 -10.57 -18.27 7.16
C LEU B 120 -10.36 -17.20 6.10
N SER B 121 -9.09 -16.90 5.81
CA SER B 121 -8.74 -16.03 4.69
C SER B 121 -8.70 -16.85 3.41
N TYR B 122 -8.52 -16.18 2.28
CA TYR B 122 -8.63 -16.83 0.97
C TYR B 122 -7.49 -17.81 0.68
N SER B 123 -6.32 -17.55 1.26
CA SER B 123 -5.18 -18.45 1.08
C SER B 123 -5.44 -19.83 1.69
N MET B 124 -6.37 -19.89 2.63
CA MET B 124 -6.76 -21.14 3.27
C MET B 124 -7.84 -21.89 2.48
N LYS B 125 -8.17 -21.41 1.29
CA LYS B 125 -9.11 -22.12 0.41
C LYS B 125 -8.73 -23.59 0.26
N ASP B 126 -7.44 -23.86 0.09
CA ASP B 126 -6.92 -25.22 -0.08
C ASP B 126 -6.56 -25.92 1.24
N ASP B 127 -6.45 -25.14 2.33
CA ASP B 127 -6.17 -25.69 3.64
C ASP B 127 -7.44 -25.87 4.48
N LEU B 128 -8.61 -25.57 3.91
CA LEU B 128 -9.87 -25.60 4.66
C LEU B 128 -10.21 -26.99 5.17
N TRP B 129 -10.07 -28.01 4.32
CA TRP B 129 -10.30 -29.39 4.75
C TRP B 129 -9.40 -29.75 5.93
N SER B 130 -8.15 -29.33 5.85
CA SER B 130 -7.15 -29.66 6.88
C SER B 130 -7.49 -29.08 8.25
N ILE B 131 -7.87 -27.80 8.30
CA ILE B 131 -8.25 -27.18 9.59
C ILE B 131 -9.59 -27.70 10.11
N GLN B 132 -10.49 -28.05 9.20
CA GLN B 132 -11.75 -28.71 9.59
C GLN B 132 -11.45 -30.08 10.20
N ASN B 133 -10.58 -30.84 9.52
CA ASN B 133 -10.14 -32.14 10.00
C ASN B 133 -9.41 -32.04 11.33
N LEU B 134 -8.58 -31.02 11.49
CA LEU B 134 -7.83 -30.83 12.72
C LEU B 134 -8.76 -30.53 13.89
N GLY B 135 -9.69 -29.60 13.68
CA GLY B 135 -10.63 -29.21 14.71
C GLY B 135 -11.47 -30.38 15.21
N THR B 136 -11.98 -31.17 14.27
CA THR B 136 -12.87 -32.29 14.61
C THR B 136 -12.10 -33.46 15.24
N LYS B 137 -10.84 -33.64 14.85
CA LYS B 137 -9.97 -34.62 15.49
C LYS B 137 -9.58 -34.19 16.92
N LEU B 138 -9.26 -32.91 17.10
CA LEU B 138 -9.03 -32.37 18.45
C LEU B 138 -10.26 -32.60 19.33
N ALA B 139 -11.44 -32.33 18.80
CA ALA B 139 -12.67 -32.50 19.56
C ALA B 139 -12.86 -33.95 19.97
N THR B 140 -12.81 -34.84 18.98
CA THR B 140 -13.15 -36.25 19.19
C THR B 140 -12.10 -37.01 20.01
N GLN B 141 -10.83 -36.84 19.64
CA GLN B 141 -9.76 -37.63 20.25
C GLN B 141 -9.43 -37.17 21.67
N MET B 142 -9.51 -35.86 21.96
CA MET B 142 -9.25 -35.36 23.30
CA MET B 142 -9.26 -35.35 23.31
C MET B 142 -10.44 -35.63 24.23
N ARG B 143 -11.61 -35.90 23.64
CA ARG B 143 -12.76 -36.33 24.42
C ARG B 143 -12.51 -37.74 24.97
N LYS B 144 -11.92 -38.60 24.14
CA LYS B 144 -11.51 -39.93 24.55
C LYS B 144 -10.45 -39.87 25.66
N LEU B 145 -9.64 -38.82 25.66
CA LEU B 145 -8.61 -38.62 26.67
C LEU B 145 -9.17 -38.06 27.99
N THR B 146 -10.13 -37.15 27.91
CA THR B 146 -10.74 -36.55 29.10
C THR B 146 -12.23 -36.25 28.92
N SER B 147 -13.04 -36.80 29.82
CA SER B 147 -14.48 -36.56 29.83
C SER B 147 -14.85 -35.13 30.23
N ASN B 148 -13.92 -34.43 30.89
CA ASN B 148 -14.11 -33.05 31.28
C ASN B 148 -13.48 -32.07 30.28
N LEU B 149 -13.45 -32.46 29.01
CA LEU B 149 -13.00 -31.56 27.95
C LEU B 149 -14.11 -30.55 27.66
N ARG B 150 -13.69 -29.31 27.42
CA ARG B 150 -14.56 -28.31 26.82
C ARG B 150 -13.81 -27.70 25.65
N ILE B 151 -14.57 -27.42 24.58
CA ILE B 151 -13.97 -26.99 23.32
C ILE B 151 -14.85 -25.96 22.63
N GLY B 152 -14.22 -24.95 22.05
CA GLY B 152 -14.91 -23.91 21.29
C GLY B 152 -14.03 -23.38 20.17
N PHE B 153 -14.53 -22.42 19.39
CA PHE B 153 -13.75 -21.86 18.30
C PHE B 153 -14.21 -20.49 17.82
N GLY B 154 -13.31 -19.82 17.10
CA GLY B 154 -13.62 -18.56 16.41
C GLY B 154 -12.81 -18.47 15.14
N ALA B 155 -13.07 -17.46 14.32
CA ALA B 155 -12.37 -17.29 13.04
C ALA B 155 -11.80 -15.88 12.91
N PHE B 156 -10.80 -15.73 12.04
CA PHE B 156 -10.23 -14.42 11.75
C PHE B 156 -9.82 -14.31 10.30
N VAL B 157 -9.82 -13.08 9.78
CA VAL B 157 -9.18 -12.79 8.49
C VAL B 157 -8.15 -11.70 8.72
N ASP B 158 -8.57 -10.44 8.69
CA ASP B 158 -7.65 -9.32 8.93
C ASP B 158 -8.48 -8.06 9.17
N LYS B 159 -7.80 -6.96 9.49
CA LYS B 159 -8.47 -5.69 9.77
C LYS B 159 -9.20 -5.22 8.52
N PRO B 160 -10.54 -5.14 8.57
CA PRO B 160 -11.34 -4.80 7.38
C PRO B 160 -11.26 -3.31 7.01
N VAL B 161 -10.09 -2.91 6.52
CA VAL B 161 -9.81 -1.54 6.14
C VAL B 161 -8.84 -1.59 4.96
N SER B 162 -8.97 -0.63 4.05
CA SER B 162 -8.00 -0.49 2.96
C SER B 162 -6.65 -0.14 3.56
N PRO B 163 -5.55 -0.72 3.02
CA PRO B 163 -5.43 -1.57 1.83
C PRO B 163 -5.56 -3.07 2.06
N TYR B 164 -5.85 -3.51 3.29
CA TYR B 164 -6.04 -4.94 3.55
C TYR B 164 -7.33 -5.40 2.86
N MET B 165 -8.39 -4.61 3.01
CA MET B 165 -9.70 -4.91 2.45
C MET B 165 -9.84 -4.35 1.02
N TYR B 166 -10.50 -5.12 0.16
CA TYR B 166 -10.90 -4.62 -1.16
C TYR B 166 -12.12 -3.73 -0.97
N ILE B 167 -12.03 -2.49 -1.48
CA ILE B 167 -13.06 -1.48 -1.26
C ILE B 167 -13.69 -1.03 -2.58
N SER B 168 -13.50 -1.83 -3.63
CA SER B 168 -14.13 -1.55 -4.92
C SER B 168 -14.23 -2.82 -5.77
N PRO B 169 -15.23 -2.88 -6.66
CA PRO B 169 -16.38 -1.99 -6.77
C PRO B 169 -17.29 -2.21 -5.56
N PRO B 170 -18.38 -1.42 -5.42
CA PRO B 170 -19.24 -1.56 -4.24
C PRO B 170 -19.65 -3.00 -3.93
N GLU B 171 -19.80 -3.81 -4.97
CA GLU B 171 -20.21 -5.20 -4.81
C GLU B 171 -19.17 -6.02 -4.02
N ALA B 172 -17.91 -5.62 -4.13
CA ALA B 172 -16.80 -6.34 -3.47
C ALA B 172 -16.88 -6.36 -1.95
N LEU B 173 -17.66 -5.48 -1.34
CA LEU B 173 -17.75 -5.42 0.12
C LEU B 173 -18.57 -6.58 0.70
N GLU B 174 -19.68 -6.91 0.06
CA GLU B 174 -20.48 -8.07 0.46
C GLU B 174 -19.88 -9.37 -0.08
N ASN B 175 -19.19 -9.29 -1.21
CA ASN B 175 -18.56 -10.45 -1.83
C ASN B 175 -17.16 -10.09 -2.33
N PRO B 176 -16.16 -10.20 -1.44
CA PRO B 176 -14.75 -9.98 -1.80
C PRO B 176 -14.26 -10.79 -3.01
N CYS B 177 -14.91 -11.91 -3.30
CA CYS B 177 -14.54 -12.75 -4.44
C CYS B 177 -15.26 -12.34 -5.74
N TYR B 178 -15.89 -11.17 -5.73
CA TYR B 178 -16.75 -10.72 -6.84
C TYR B 178 -16.03 -10.68 -8.18
N ASP B 179 -14.84 -10.08 -8.23
CA ASP B 179 -14.11 -9.92 -9.49
C ASP B 179 -13.47 -11.22 -9.99
N MET B 180 -13.64 -12.32 -9.25
CA MET B 180 -13.29 -13.66 -9.71
C MET B 180 -14.54 -14.43 -10.16
N LYS B 181 -15.66 -13.72 -10.31
CA LYS B 181 -16.94 -14.31 -10.72
C LYS B 181 -17.34 -15.49 -9.84
N THR B 182 -17.04 -15.39 -8.55
CA THR B 182 -17.40 -16.41 -7.57
C THR B 182 -17.87 -15.71 -6.29
N THR B 183 -18.30 -16.49 -5.30
CA THR B 183 -18.81 -15.92 -4.05
C THR B 183 -18.06 -16.41 -2.83
N CYS B 184 -17.68 -15.48 -1.96
CA CYS B 184 -17.21 -15.79 -0.63
C CYS B 184 -17.80 -14.80 0.37
N LEU B 185 -17.60 -15.07 1.66
CA LEU B 185 -18.17 -14.27 2.72
C LEU B 185 -17.49 -12.90 2.79
N PRO B 186 -18.19 -11.91 3.37
CA PRO B 186 -17.57 -10.61 3.67
C PRO B 186 -16.38 -10.74 4.63
N MET B 187 -15.43 -9.83 4.51
CA MET B 187 -14.25 -9.82 5.36
C MET B 187 -14.60 -9.45 6.80
N PHE B 188 -13.81 -9.94 7.74
CA PHE B 188 -13.97 -9.61 9.17
C PHE B 188 -12.66 -9.73 9.93
N GLY B 189 -12.54 -8.99 11.02
CA GLY B 189 -11.33 -9.00 11.84
C GLY B 189 -11.21 -10.27 12.66
N TYR B 190 -11.96 -10.34 13.75
CA TYR B 190 -12.09 -11.56 14.54
C TYR B 190 -13.55 -11.78 14.89
N LYS B 191 -13.99 -13.04 14.77
CA LYS B 191 -15.36 -13.43 15.02
C LYS B 191 -15.36 -14.64 15.96
N HIS B 192 -15.93 -14.45 17.15
CA HIS B 192 -16.13 -15.55 18.11
C HIS B 192 -17.37 -16.32 17.68
N VAL B 193 -17.24 -17.63 17.49
CA VAL B 193 -18.30 -18.41 16.86
C VAL B 193 -19.01 -19.36 17.84
N LEU B 194 -18.24 -20.06 18.65
CA LEU B 194 -18.79 -21.07 19.57
C LEU B 194 -18.07 -21.05 20.91
N THR B 195 -18.79 -20.68 21.97
CA THR B 195 -18.24 -20.64 23.33
C THR B 195 -17.86 -22.04 23.80
N LEU B 196 -16.83 -22.12 24.66
CA LEU B 196 -16.33 -23.38 25.21
C LEU B 196 -17.48 -24.25 25.72
N THR B 197 -17.75 -25.34 25.02
CA THR B 197 -18.86 -26.23 25.33
C THR B 197 -18.37 -27.66 25.44
N ASP B 198 -19.19 -28.53 26.04
CA ASP B 198 -18.91 -29.97 26.08
C ASP B 198 -19.71 -30.71 25.00
N GLN B 199 -20.50 -29.97 24.22
CA GLN B 199 -21.31 -30.54 23.13
C GLN B 199 -20.44 -30.74 21.89
N VAL B 200 -19.74 -31.86 21.86
CA VAL B 200 -18.74 -32.14 20.82
C VAL B 200 -19.34 -32.29 19.42
N THR B 201 -20.46 -33.00 19.31
CA THR B 201 -21.09 -33.20 18.01
C THR B 201 -21.46 -31.88 17.38
N ARG B 202 -21.98 -30.97 18.19
CA ARG B 202 -22.36 -29.63 17.74
C ARG B 202 -21.13 -28.86 17.25
N PHE B 203 -20.07 -28.85 18.06
CA PHE B 203 -18.81 -28.21 17.70
C PHE B 203 -18.32 -28.67 16.32
N ASN B 204 -18.25 -29.99 16.13
CA ASN B 204 -17.81 -30.56 14.86
C ASN B 204 -18.66 -30.09 13.67
N GLU B 205 -19.97 -30.03 13.86
CA GLU B 205 -20.90 -29.60 12.82
C GLU B 205 -20.69 -28.14 12.42
N GLU B 206 -20.53 -27.27 13.42
CA GLU B 206 -20.28 -25.85 13.17
C GLU B 206 -18.93 -25.62 12.47
N VAL B 207 -17.93 -26.39 12.87
CA VAL B 207 -16.61 -26.31 12.24
C VAL B 207 -16.72 -26.63 10.75
N LYS B 208 -17.51 -27.65 10.40
CA LYS B 208 -17.63 -28.08 9.01
C LYS B 208 -18.43 -27.10 8.15
N LYS B 209 -19.24 -26.25 8.78
CA LYS B 209 -19.99 -25.22 8.05
C LYS B 209 -19.13 -24.04 7.60
N GLN B 210 -17.96 -23.87 8.22
CA GLN B 210 -17.12 -22.70 7.95
C GLN B 210 -16.58 -22.68 6.53
N SER B 211 -16.64 -21.51 5.90
CA SER B 211 -16.07 -21.27 4.57
C SER B 211 -15.16 -20.05 4.60
N VAL B 212 -14.36 -19.89 3.56
CA VAL B 212 -13.35 -18.83 3.52
C VAL B 212 -13.90 -17.49 3.05
N SER B 213 -13.20 -16.42 3.43
CA SER B 213 -13.47 -15.08 2.93
C SER B 213 -12.27 -14.68 2.07
N ARG B 214 -11.96 -13.39 1.99
CA ARG B 214 -10.82 -12.92 1.19
C ARG B 214 -10.35 -11.51 1.57
N ASN B 215 -9.04 -11.32 1.54
CA ASN B 215 -8.43 -9.99 1.66
C ASN B 215 -7.21 -9.88 0.74
N ARG B 216 -6.50 -8.76 0.79
CA ARG B 216 -5.47 -8.44 -0.20
C ARG B 216 -4.07 -8.95 0.16
N ASP B 217 -3.61 -8.68 1.37
CA ASP B 217 -2.21 -8.95 1.73
C ASP B 217 -2.02 -10.29 2.47
N ALA B 218 -0.88 -10.93 2.23
CA ALA B 218 -0.59 -12.27 2.75
C ALA B 218 -0.62 -12.32 4.28
N PRO B 219 0.05 -11.37 4.95
CA PRO B 219 0.01 -11.36 6.41
C PRO B 219 -1.39 -11.03 6.93
N GLU B 220 -1.89 -11.85 7.86
CA GLU B 220 -3.26 -11.71 8.35
C GLU B 220 -3.30 -11.17 9.78
N GLY B 221 -4.51 -10.97 10.30
CA GLY B 221 -4.71 -10.37 11.62
C GLY B 221 -5.04 -11.36 12.73
N GLY B 222 -4.39 -12.52 12.71
CA GLY B 222 -4.65 -13.55 13.71
C GLY B 222 -4.25 -13.19 15.13
N PHE B 223 -3.28 -12.27 15.27
CA PHE B 223 -2.83 -11.84 16.59
C PHE B 223 -3.89 -11.03 17.33
N ASP B 224 -4.70 -10.26 16.59
CA ASP B 224 -5.88 -9.64 17.18
C ASP B 224 -6.78 -10.71 17.83
N ALA B 225 -7.03 -11.80 17.09
CA ALA B 225 -7.80 -12.92 17.60
C ALA B 225 -7.17 -13.55 18.85
N ILE B 226 -5.87 -13.79 18.81
CA ILE B 226 -5.16 -14.39 19.94
C ILE B 226 -5.33 -13.53 21.21
N MET B 227 -5.23 -12.22 21.03
CA MET B 227 -5.34 -11.26 22.14
C MET B 227 -6.75 -11.25 22.73
N GLN B 228 -7.74 -11.20 21.85
CA GLN B 228 -9.15 -11.16 22.27
C GLN B 228 -9.61 -12.51 22.82
N ALA B 229 -9.11 -13.60 22.25
CA ALA B 229 -9.41 -14.94 22.77
C ALA B 229 -8.79 -15.18 24.15
N THR B 230 -7.76 -14.40 24.50
CA THR B 230 -7.11 -14.50 25.80
C THR B 230 -7.85 -13.66 26.86
N VAL B 231 -8.12 -12.40 26.51
CA VAL B 231 -8.61 -11.43 27.49
C VAL B 231 -10.13 -11.43 27.69
N CYS B 232 -10.88 -11.89 26.70
CA CYS B 232 -12.35 -11.93 26.82
C CYS B 232 -12.81 -13.16 27.61
N ASP B 233 -12.69 -13.07 28.92
CA ASP B 233 -12.99 -14.19 29.83
C ASP B 233 -14.40 -14.74 29.66
N GLU B 234 -15.39 -13.88 29.85
CA GLU B 234 -16.80 -14.28 29.78
C GLU B 234 -17.15 -14.86 28.41
N LYS B 235 -16.77 -14.16 27.34
CA LYS B 235 -17.15 -14.54 25.98
C LYS B 235 -16.66 -15.94 25.60
N ILE B 236 -15.38 -16.20 25.84
CA ILE B 236 -14.79 -17.49 25.50
C ILE B 236 -15.17 -18.55 26.53
N GLY B 237 -15.21 -18.15 27.80
CA GLY B 237 -15.71 -19.02 28.87
C GLY B 237 -14.68 -19.97 29.45
N TRP B 238 -13.45 -19.49 29.59
CA TRP B 238 -12.40 -20.28 30.24
C TRP B 238 -12.79 -20.53 31.69
N ARG B 239 -12.70 -21.78 32.12
CA ARG B 239 -12.99 -22.16 33.50
C ARG B 239 -11.77 -21.89 34.39
N ASN B 240 -12.03 -21.61 35.66
CA ASN B 240 -10.96 -21.27 36.60
C ASN B 240 -10.02 -22.45 36.86
N ASP B 241 -10.56 -23.52 37.42
CA ASP B 241 -9.76 -24.71 37.72
C ASP B 241 -9.72 -25.65 36.51
N ALA B 242 -9.03 -25.22 35.45
CA ALA B 242 -9.00 -25.97 34.19
C ALA B 242 -7.80 -25.57 33.33
N SER B 243 -7.22 -26.54 32.65
CA SER B 243 -6.04 -26.32 31.81
C SER B 243 -6.45 -25.63 30.51
N HIS B 244 -5.78 -24.52 30.17
CA HIS B 244 -6.21 -23.67 29.05
C HIS B 244 -5.28 -23.75 27.83
N LEU B 245 -5.83 -24.21 26.70
CA LEU B 245 -5.07 -24.31 25.46
C LEU B 245 -5.70 -23.46 24.36
N LEU B 246 -4.90 -22.62 23.72
CA LEU B 246 -5.34 -21.79 22.59
C LEU B 246 -4.61 -22.26 21.32
N VAL B 247 -5.34 -22.96 20.46
CA VAL B 247 -4.76 -23.52 19.22
C VAL B 247 -5.01 -22.59 18.05
N PHE B 248 -3.92 -22.14 17.42
CA PHE B 248 -3.95 -21.10 16.38
C PHE B 248 -3.51 -21.65 15.04
N THR B 249 -4.36 -21.51 14.02
CA THR B 249 -4.06 -22.01 12.68
C THR B 249 -3.82 -20.88 11.69
N THR B 250 -2.96 -21.13 10.70
CA THR B 250 -2.69 -20.18 9.61
C THR B 250 -1.67 -20.76 8.63
N ASP B 251 -1.66 -20.23 7.40
CA ASP B 251 -0.71 -20.66 6.38
C ASP B 251 0.27 -19.58 5.95
N ALA B 252 0.23 -18.42 6.59
CA ALA B 252 1.00 -17.26 6.15
C ALA B 252 1.65 -16.50 7.30
N LYS B 253 2.31 -15.40 6.97
CA LYS B 253 2.85 -14.47 7.96
C LYS B 253 1.71 -13.90 8.78
N THR B 254 2.05 -13.18 9.84
CA THR B 254 1.06 -12.49 10.67
C THR B 254 1.45 -11.03 10.86
N HIS B 255 0.45 -10.16 10.93
CA HIS B 255 0.70 -8.76 11.23
C HIS B 255 1.13 -8.62 12.69
N ILE B 256 2.03 -7.68 12.93
CA ILE B 256 2.56 -7.40 14.26
C ILE B 256 2.44 -5.90 14.54
N ALA B 257 2.64 -5.52 15.80
CA ALA B 257 2.52 -4.11 16.21
C ALA B 257 3.34 -3.17 15.32
N LEU B 258 2.74 -2.02 14.99
CA LEU B 258 3.30 -1.02 14.07
C LEU B 258 3.07 -1.32 12.57
N ASP B 259 2.51 -2.48 12.25
CA ASP B 259 2.03 -2.76 10.89
C ASP B 259 0.81 -1.89 10.56
N GLY B 260 0.00 -1.61 11.58
CA GLY B 260 -1.27 -0.90 11.42
C GLY B 260 -1.21 0.50 10.83
N ARG B 261 -0.02 1.09 10.83
CA ARG B 261 0.18 2.42 10.25
C ARG B 261 -0.10 2.45 8.74
N LEU B 262 0.02 1.31 8.07
CA LEU B 262 -0.33 1.24 6.64
C LEU B 262 -1.83 1.30 6.39
N ALA B 263 -2.63 1.14 7.44
CA ALA B 263 -4.08 1.36 7.36
C ALA B 263 -4.46 2.65 8.10
N GLY B 264 -3.46 3.45 8.44
CA GLY B 264 -3.69 4.68 9.20
C GLY B 264 -3.91 4.48 10.70
N ILE B 265 -3.75 3.24 11.18
CA ILE B 265 -3.99 2.93 12.60
C ILE B 265 -2.70 3.12 13.40
N VAL B 266 -2.72 4.06 14.34
CA VAL B 266 -1.55 4.36 15.17
C VAL B 266 -1.75 4.14 16.68
N GLN B 267 -2.99 3.96 17.13
CA GLN B 267 -3.25 3.70 18.55
C GLN B 267 -2.71 2.33 18.96
N PRO B 268 -1.84 2.30 20.00
CA PRO B 268 -1.34 1.00 20.46
C PRO B 268 -2.44 0.12 21.04
N ASN B 269 -2.23 -1.19 20.98
CA ASN B 269 -3.16 -2.18 21.52
C ASN B 269 -3.24 -2.05 23.03
N ASP B 270 -4.45 -1.86 23.54
CA ASP B 270 -4.68 -1.65 24.97
C ASP B 270 -4.77 -2.93 25.82
N GLY B 271 -4.74 -4.09 25.15
CA GLY B 271 -4.83 -5.38 25.84
C GLY B 271 -6.16 -5.70 26.52
N GLN B 272 -7.20 -4.95 26.20
N GLN B 272 -7.20 -4.94 26.19
CA GLN B 272 -8.51 -5.14 26.80
CA GLN B 272 -8.52 -5.11 26.79
C GLN B 272 -9.47 -5.85 25.84
C GLN B 272 -9.45 -5.87 25.85
N CYS B 273 -10.53 -6.42 26.40
CA CYS B 273 -11.53 -7.14 25.61
C CYS B 273 -12.48 -6.17 24.93
N HIS B 274 -12.65 -6.33 23.61
CA HIS B 274 -13.56 -5.48 22.83
C HIS B 274 -14.43 -6.30 21.88
N VAL B 275 -15.11 -7.31 22.41
CA VAL B 275 -15.96 -8.18 21.59
C VAL B 275 -17.46 -7.86 21.81
N GLY B 276 -18.05 -8.37 22.89
CA GLY B 276 -19.41 -8.02 23.27
C GLY B 276 -20.55 -8.68 22.49
N SER B 277 -21.59 -7.90 22.19
CA SER B 277 -22.87 -8.42 21.69
C SER B 277 -22.80 -9.17 20.38
N ASP B 278 -22.26 -8.53 19.34
CA ASP B 278 -22.24 -9.11 18.00
C ASP B 278 -21.11 -10.13 17.75
N ASN B 279 -20.33 -10.43 18.79
CA ASN B 279 -19.22 -11.39 18.73
C ASN B 279 -18.12 -11.03 17.73
N HIS B 280 -18.03 -9.75 17.36
CA HIS B 280 -16.97 -9.28 16.49
C HIS B 280 -16.02 -8.44 17.31
N TYR B 281 -14.75 -8.43 16.91
CA TYR B 281 -13.75 -7.59 17.55
C TYR B 281 -13.96 -6.15 17.08
N SER B 282 -14.58 -5.34 17.93
CA SER B 282 -15.05 -4.01 17.54
C SER B 282 -13.94 -2.99 17.36
N ALA B 283 -12.76 -3.25 17.95
CA ALA B 283 -11.62 -2.34 17.83
C ALA B 283 -10.70 -2.68 16.65
N SER B 284 -11.10 -3.66 15.84
CA SER B 284 -10.29 -4.11 14.70
C SER B 284 -9.78 -2.98 13.80
N THR B 285 -10.66 -2.05 13.45
CA THR B 285 -10.33 -0.99 12.50
C THR B 285 -9.73 0.26 13.15
N THR B 286 -9.73 0.36 14.48
CA THR B 286 -9.29 1.58 15.17
C THR B 286 -8.05 1.40 16.08
N MET B 287 -7.60 0.16 16.27
CA MET B 287 -6.52 -0.15 17.21
C MET B 287 -5.48 -1.04 16.53
N ASP B 288 -4.21 -0.82 16.84
CA ASP B 288 -3.11 -1.54 16.20
C ASP B 288 -3.06 -3.00 16.66
N TYR B 289 -2.33 -3.82 15.91
CA TYR B 289 -2.08 -5.21 16.29
C TYR B 289 -1.24 -5.23 17.56
N PRO B 290 -1.37 -6.28 18.38
CA PRO B 290 -0.62 -6.36 19.63
C PRO B 290 0.84 -6.70 19.41
N SER B 291 1.70 -6.29 20.34
CA SER B 291 3.11 -6.68 20.29
C SER B 291 3.30 -8.04 20.95
N LEU B 292 4.42 -8.69 20.68
CA LEU B 292 4.73 -10.00 21.27
C LEU B 292 4.73 -9.94 22.80
N GLY B 293 5.26 -8.85 23.36
CA GLY B 293 5.31 -8.67 24.81
C GLY B 293 3.94 -8.54 25.46
N LEU B 294 3.06 -7.76 24.84
CA LEU B 294 1.71 -7.59 25.36
C LEU B 294 0.95 -8.92 25.31
N MET B 295 1.12 -9.64 24.21
CA MET B 295 0.55 -11.00 24.10
C MET B 295 1.07 -11.90 25.23
N THR B 296 2.38 -11.88 25.47
CA THR B 296 3.00 -12.70 26.51
C THR B 296 2.42 -12.37 27.89
N GLU B 297 2.29 -11.08 28.17
CA GLU B 297 1.75 -10.60 29.44
C GLU B 297 0.37 -11.15 29.70
N LYS B 298 -0.50 -11.10 28.70
CA LYS B 298 -1.89 -11.51 28.87
C LYS B 298 -2.05 -13.04 28.87
N LEU B 299 -1.32 -13.71 28.00
CA LEU B 299 -1.26 -15.18 28.02
C LEU B 299 -0.84 -15.67 29.41
N SER B 300 0.14 -14.99 30.00
CA SER B 300 0.60 -15.31 31.35
C SER B 300 -0.45 -14.97 32.40
N GLN B 301 -0.98 -13.75 32.31
CA GLN B 301 -1.95 -13.25 33.29
C GLN B 301 -3.21 -14.12 33.34
N LYS B 302 -3.74 -14.45 32.17
CA LYS B 302 -4.96 -15.26 32.05
C LYS B 302 -4.67 -16.76 32.06
N ASN B 303 -3.39 -17.13 32.15
CA ASN B 303 -2.97 -18.52 32.33
C ASN B 303 -3.38 -19.43 31.17
N ILE B 304 -2.93 -19.06 29.96
CA ILE B 304 -3.30 -19.76 28.72
C ILE B 304 -2.06 -20.16 27.93
N ASN B 305 -2.05 -21.40 27.46
CA ASN B 305 -0.93 -21.92 26.65
C ASN B 305 -1.25 -21.81 25.17
N LEU B 306 -0.42 -21.08 24.42
CA LEU B 306 -0.60 -20.91 22.99
C LEU B 306 0.10 -22.02 22.21
N ILE B 307 -0.60 -22.55 21.20
CA ILE B 307 -0.04 -23.56 20.31
C ILE B 307 -0.23 -23.07 18.88
N PHE B 308 0.88 -22.85 18.18
CA PHE B 308 0.83 -22.50 16.77
C PHE B 308 0.71 -23.77 15.92
N ALA B 309 -0.47 -23.96 15.34
CA ALA B 309 -0.71 -25.04 14.37
C ALA B 309 -0.61 -24.48 12.96
N VAL B 310 0.61 -24.26 12.49
CA VAL B 310 0.83 -23.59 11.20
C VAL B 310 1.32 -24.57 10.13
N THR B 311 1.10 -24.23 8.86
CA THR B 311 1.52 -25.08 7.74
C THR B 311 3.03 -25.05 7.56
N GLU B 312 3.56 -26.06 6.88
CA GLU B 312 5.01 -26.30 6.82
C GLU B 312 5.83 -25.09 6.35
N ASN B 313 5.31 -24.36 5.38
CA ASN B 313 6.01 -23.20 4.81
C ASN B 313 6.29 -22.06 5.81
N VAL B 314 5.54 -21.98 6.91
CA VAL B 314 5.78 -20.95 7.95
C VAL B 314 6.19 -21.49 9.34
N VAL B 315 6.33 -22.81 9.48
CA VAL B 315 6.75 -23.41 10.76
C VAL B 315 7.96 -22.70 11.39
N ASN B 316 9.02 -22.51 10.60
CA ASN B 316 10.22 -21.84 11.09
C ASN B 316 9.95 -20.42 11.61
N LEU B 317 9.16 -19.66 10.87
CA LEU B 317 8.75 -18.32 11.31
C LEU B 317 8.10 -18.38 12.72
N TYR B 318 7.10 -19.25 12.88
CA TYR B 318 6.38 -19.36 14.16
C TYR B 318 7.19 -20.04 15.27
N GLN B 319 8.09 -20.94 14.89
N GLN B 319 8.11 -20.94 14.90
CA GLN B 319 9.06 -21.51 15.83
CA GLN B 319 9.05 -21.51 15.88
C GLN B 319 9.93 -20.41 16.45
C GLN B 319 9.94 -20.40 16.46
N ASN B 320 10.25 -19.39 15.65
CA ASN B 320 11.05 -18.26 16.11
C ASN B 320 10.26 -17.29 17.00
N TYR B 321 9.01 -17.04 16.64
CA TYR B 321 8.13 -16.25 17.51
C TYR B 321 7.91 -17.00 18.82
N SER B 322 7.83 -18.33 18.73
CA SER B 322 7.59 -19.19 19.89
C SER B 322 8.67 -19.00 20.96
N GLU B 323 9.91 -18.81 20.51
CA GLU B 323 11.04 -18.61 21.43
C GLU B 323 11.01 -17.23 22.10
N LEU B 324 10.24 -16.31 21.55
CA LEU B 324 10.08 -14.98 22.14
C LEU B 324 8.81 -14.85 22.99
N ILE B 325 8.03 -15.93 23.08
CA ILE B 325 6.87 -16.01 23.95
C ILE B 325 6.96 -17.33 24.72
N PRO B 326 7.77 -17.37 25.79
CA PRO B 326 8.05 -18.61 26.53
C PRO B 326 6.80 -19.39 26.89
N GLY B 327 6.88 -20.72 26.73
CA GLY B 327 5.75 -21.60 26.99
C GLY B 327 5.04 -22.00 25.72
N THR B 328 5.13 -21.15 24.70
CA THR B 328 4.51 -21.43 23.41
C THR B 328 5.19 -22.60 22.73
N THR B 329 4.38 -23.46 22.10
CA THR B 329 4.90 -24.58 21.32
C THR B 329 4.38 -24.44 19.88
N VAL B 330 4.94 -25.24 18.97
CA VAL B 330 4.57 -25.18 17.56
C VAL B 330 4.33 -26.59 17.01
N GLY B 331 3.32 -26.72 16.16
CA GLY B 331 2.97 -27.99 15.52
C GLY B 331 2.58 -27.77 14.08
N VAL B 332 2.75 -28.80 13.26
CA VAL B 332 2.53 -28.67 11.82
C VAL B 332 1.09 -28.98 11.45
N LEU B 333 0.41 -27.96 10.92
CA LEU B 333 -0.92 -28.13 10.32
C LEU B 333 -0.77 -28.80 8.97
N SER B 334 -1.60 -29.81 8.72
CA SER B 334 -1.56 -30.55 7.47
C SER B 334 -2.80 -31.43 7.33
N MET B 335 -2.82 -32.26 6.29
CA MET B 335 -3.87 -33.25 6.12
C MET B 335 -3.90 -34.27 7.27
N ASP B 336 -2.76 -34.46 7.93
CA ASP B 336 -2.66 -35.36 9.08
C ASP B 336 -2.60 -34.55 10.38
N SER B 337 -3.36 -34.99 11.38
CA SER B 337 -3.53 -34.25 12.64
C SER B 337 -2.66 -34.77 13.80
N SER B 338 -1.85 -35.80 13.56
CA SER B 338 -1.04 -36.45 14.61
C SER B 338 -0.10 -35.48 15.34
N ASN B 339 0.59 -34.65 14.57
CA ASN B 339 1.59 -33.72 15.10
C ASN B 339 1.00 -32.80 16.16
N VAL B 340 -0.09 -32.11 15.81
CA VAL B 340 -0.72 -31.16 16.72
C VAL B 340 -1.37 -31.86 17.92
N LEU B 341 -2.09 -32.96 17.67
CA LEU B 341 -2.71 -33.73 18.76
C LEU B 341 -1.68 -34.11 19.82
N GLN B 342 -0.49 -34.52 19.37
CA GLN B 342 0.58 -34.91 20.28
C GLN B 342 0.94 -33.79 21.26
N LEU B 343 0.95 -32.55 20.79
CA LEU B 343 1.24 -31.41 21.65
C LEU B 343 0.20 -31.29 22.77
N ILE B 344 -1.06 -31.58 22.47
CA ILE B 344 -2.13 -31.53 23.47
C ILE B 344 -2.01 -32.71 24.44
N VAL B 345 -1.85 -33.91 23.92
CA VAL B 345 -1.64 -35.11 24.74
C VAL B 345 -0.47 -34.90 25.70
N ASP B 346 0.65 -34.42 25.16
CA ASP B 346 1.83 -34.08 25.95
C ASP B 346 1.51 -33.08 27.06
N ALA B 347 0.71 -32.06 26.74
CA ALA B 347 0.27 -31.07 27.73
C ALA B 347 -0.56 -31.74 28.84
N TYR B 348 -1.49 -32.61 28.43
CA TYR B 348 -2.34 -33.33 29.38
C TYR B 348 -1.49 -34.26 30.25
N GLY B 349 -0.48 -34.87 29.65
CA GLY B 349 0.47 -35.71 30.38
C GLY B 349 1.17 -35.00 31.52
N LYS B 350 1.41 -33.69 31.36
CA LYS B 350 2.12 -32.90 32.37
C LYS B 350 1.24 -32.40 33.51
N ILE B 351 -0.08 -32.55 33.41
CA ILE B 351 -1.00 -32.08 34.46
C ILE B 351 -0.88 -32.92 35.74
N ARG B 352 -0.79 -32.25 36.88
CA ARG B 352 -0.75 -32.90 38.19
C ARG B 352 -1.77 -32.28 39.14
N SER B 353 -2.27 -33.08 40.08
CA SER B 353 -3.33 -32.63 41.01
C SER B 353 -2.97 -32.91 42.46
N LYS B 354 -3.81 -32.42 43.37
CA LYS B 354 -3.61 -32.58 44.81
C LYS B 354 -4.87 -33.04 45.55
N VAL B 355 -4.65 -33.73 46.67
CA VAL B 355 -5.74 -34.15 47.57
C VAL B 355 -5.59 -33.41 48.89
N GLU B 356 -6.45 -32.43 49.12
CA GLU B 356 -6.40 -31.58 50.30
C GLU B 356 -7.68 -31.80 51.10
N LEU B 357 -7.58 -32.54 52.21
CA LEU B 357 -8.75 -32.85 53.02
C LEU B 357 -9.24 -31.63 53.78
N GLU B 358 -10.56 -31.44 53.79
CA GLU B 358 -11.20 -30.38 54.58
C GLU B 358 -12.37 -30.96 55.37
N VAL B 359 -12.54 -30.49 56.60
CA VAL B 359 -13.58 -30.98 57.48
C VAL B 359 -14.76 -30.02 57.52
N ARG B 360 -15.97 -30.55 57.45
CA ARG B 360 -17.18 -29.74 57.49
C ARG B 360 -18.12 -30.22 58.59
N ASP B 361 -18.70 -29.25 59.31
CA ASP B 361 -19.67 -29.53 60.37
C ASP B 361 -19.07 -30.33 61.52
N LEU B 362 -17.83 -30.00 61.90
CA LEU B 362 -17.20 -30.61 63.07
C LEU B 362 -17.79 -29.99 64.33
N PRO B 363 -18.33 -30.83 65.24
CA PRO B 363 -18.82 -30.31 66.52
C PRO B 363 -17.74 -29.63 67.36
N GLU B 364 -18.16 -28.64 68.15
CA GLU B 364 -17.29 -27.99 69.13
C GLU B 364 -16.49 -29.01 69.93
N GLU B 365 -17.17 -30.03 70.43
CA GLU B 365 -16.58 -31.00 71.36
C GLU B 365 -15.54 -31.90 70.70
N LEU B 366 -15.64 -32.07 69.38
CA LEU B 366 -14.69 -32.89 68.63
C LEU B 366 -13.54 -32.06 68.06
N SER B 367 -12.38 -32.70 67.95
CA SER B 367 -11.21 -32.12 67.27
C SER B 367 -10.39 -33.25 66.66
N LEU B 368 -9.88 -33.02 65.44
CA LEU B 368 -9.24 -34.07 64.66
C LEU B 368 -7.74 -33.88 64.51
N SER B 369 -7.03 -34.98 64.23
CA SER B 369 -5.61 -34.92 63.84
C SER B 369 -5.34 -35.94 62.73
N PHE B 370 -4.46 -35.58 61.80
CA PHE B 370 -4.26 -36.33 60.56
C PHE B 370 -2.82 -36.78 60.37
N ASN B 371 -2.67 -37.92 59.69
CA ASN B 371 -1.38 -38.42 59.20
C ASN B 371 -1.50 -38.75 57.72
N ALA B 372 -0.70 -38.08 56.88
CA ALA B 372 -0.76 -38.28 55.43
C ALA B 372 0.28 -39.29 54.97
N THR B 373 -0.13 -40.20 54.07
CA THR B 373 0.78 -41.15 53.44
C THR B 373 0.67 -40.99 51.92
N CYS B 374 1.57 -40.20 51.33
CA CYS B 374 1.49 -39.84 49.92
C CYS B 374 2.26 -40.84 49.03
N LEU B 375 2.59 -40.40 47.81
CA LEU B 375 3.24 -41.26 46.83
C LEU B 375 4.67 -41.62 47.23
N ASN B 376 5.26 -40.86 48.14
CA ASN B 376 6.57 -41.18 48.72
C ASN B 376 6.52 -42.33 49.75
N ASN B 377 5.32 -42.76 50.10
CA ASN B 377 5.10 -43.86 51.05
C ASN B 377 5.70 -43.58 52.41
N GLU B 378 5.65 -42.31 52.83
CA GLU B 378 6.15 -41.89 54.14
C GLU B 378 5.05 -41.16 54.90
N VAL B 379 4.83 -41.60 56.14
CA VAL B 379 3.80 -41.00 56.98
C VAL B 379 4.27 -39.65 57.50
N ILE B 380 3.80 -38.57 56.86
CA ILE B 380 4.10 -37.21 57.29
C ILE B 380 3.02 -36.82 58.31
N PRO B 381 3.39 -36.77 59.60
CA PRO B 381 2.35 -36.62 60.63
C PRO B 381 1.88 -35.17 60.76
N GLY B 382 0.62 -35.00 61.15
CA GLY B 382 0.02 -33.68 61.26
C GLY B 382 -0.17 -32.99 59.93
N LEU B 383 -0.26 -33.78 58.85
CA LEU B 383 -0.44 -33.27 57.50
C LEU B 383 -1.70 -33.90 56.91
N LYS B 384 -2.47 -33.12 56.16
CA LYS B 384 -3.74 -33.59 55.62
C LYS B 384 -3.89 -33.32 54.12
N SER B 385 -2.77 -33.21 53.41
CA SER B 385 -2.79 -33.03 51.96
C SER B 385 -1.57 -33.64 51.25
N CYS B 386 -1.81 -34.21 50.08
CA CYS B 386 -0.77 -34.74 49.20
C CYS B 386 -0.84 -34.04 47.86
N MET B 387 0.32 -33.83 47.23
CA MET B 387 0.40 -33.12 45.95
C MET B 387 1.20 -33.94 44.93
N GLY B 388 1.00 -33.63 43.65
CA GLY B 388 1.73 -34.31 42.57
C GLY B 388 1.11 -35.62 42.12
N LEU B 389 -0.22 -35.64 41.99
CA LEU B 389 -0.94 -36.85 41.60
C LEU B 389 -1.31 -36.83 40.12
N LYS B 390 -1.18 -38.01 39.48
CA LYS B 390 -1.67 -38.24 38.13
C LYS B 390 -2.97 -39.04 38.26
N ILE B 391 -3.65 -39.27 37.14
CA ILE B 391 -4.85 -40.11 37.16
C ILE B 391 -4.43 -41.53 37.54
N GLY B 392 -5.18 -42.13 38.47
CA GLY B 392 -4.91 -43.49 38.92
C GLY B 392 -4.10 -43.58 40.21
N ASP B 393 -3.46 -42.49 40.60
CA ASP B 393 -2.66 -42.45 41.83
C ASP B 393 -3.57 -42.44 43.06
N THR B 394 -3.13 -43.11 44.12
CA THR B 394 -3.88 -43.20 45.37
C THR B 394 -3.05 -42.74 46.56
N VAL B 395 -3.63 -41.85 47.36
CA VAL B 395 -3.02 -41.42 48.61
C VAL B 395 -3.91 -41.91 49.75
N SER B 396 -3.40 -41.80 50.97
CA SER B 396 -4.04 -42.41 52.13
C SER B 396 -3.78 -41.58 53.39
N PHE B 397 -4.83 -41.32 54.16
CA PHE B 397 -4.70 -40.58 55.41
C PHE B 397 -5.21 -41.39 56.60
N SER B 398 -4.69 -41.06 57.78
CA SER B 398 -5.14 -41.68 59.02
C SER B 398 -5.61 -40.58 59.98
N ILE B 399 -6.91 -40.53 60.23
CA ILE B 399 -7.51 -39.48 61.05
C ILE B 399 -7.80 -40.01 62.45
N GLU B 400 -7.51 -39.18 63.45
CA GLU B 400 -7.90 -39.47 64.84
C GLU B 400 -8.82 -38.37 65.35
N ALA B 401 -9.90 -38.79 66.04
CA ALA B 401 -10.90 -37.86 66.57
C ALA B 401 -11.01 -38.01 68.09
N LYS B 402 -10.84 -36.89 68.81
CA LYS B 402 -10.99 -36.88 70.27
C LYS B 402 -12.21 -36.06 70.67
N VAL B 403 -13.04 -36.63 71.54
CA VAL B 403 -14.17 -35.91 72.12
C VAL B 403 -13.76 -35.28 73.45
N ARG B 404 -14.24 -34.06 73.69
CA ARG B 404 -14.03 -33.40 74.97
C ARG B 404 -15.16 -33.77 75.92
N GLY B 405 -14.87 -34.68 76.85
CA GLY B 405 -15.84 -35.10 77.85
C GLY B 405 -17.05 -35.78 77.24
N CYS B 406 -18.22 -35.55 77.85
CA CYS B 406 -19.46 -36.18 77.41
C CYS B 406 -20.51 -35.10 77.13
N PRO B 407 -20.88 -34.91 75.85
CA PRO B 407 -21.94 -33.97 75.51
C PRO B 407 -23.33 -34.61 75.51
N GLN B 408 -24.35 -33.83 75.88
CA GLN B 408 -25.72 -34.34 75.95
C GLN B 408 -26.39 -34.46 74.57
N GLU B 409 -25.72 -33.95 73.53
CA GLU B 409 -26.19 -34.12 72.15
C GLU B 409 -26.30 -35.60 71.78
N LYS B 410 -25.28 -36.38 72.14
CA LYS B 410 -25.29 -37.85 72.06
C LYS B 410 -25.13 -38.44 70.66
N GLU B 411 -25.63 -37.77 69.62
CA GLU B 411 -25.40 -38.19 68.24
C GLU B 411 -25.14 -37.01 67.32
N LYS B 412 -24.02 -37.08 66.60
CA LYS B 412 -23.63 -36.04 65.65
C LYS B 412 -22.92 -36.66 64.46
N SER B 413 -22.71 -35.86 63.42
CA SER B 413 -21.98 -36.31 62.23
C SER B 413 -21.27 -35.14 61.53
N PHE B 414 -20.09 -35.43 61.00
CA PHE B 414 -19.31 -34.45 60.24
C PHE B 414 -18.82 -35.07 58.94
N THR B 415 -18.19 -34.26 58.09
CA THR B 415 -17.74 -34.71 56.78
C THR B 415 -16.28 -34.36 56.51
N ILE B 416 -15.46 -35.37 56.25
CA ILE B 416 -14.11 -35.18 55.75
C ILE B 416 -14.18 -35.27 54.23
N LYS B 417 -13.80 -34.19 53.56
CA LYS B 417 -13.98 -34.06 52.12
C LYS B 417 -12.70 -33.53 51.48
N PRO B 418 -12.24 -34.15 50.37
CA PRO B 418 -11.13 -33.54 49.65
C PRO B 418 -11.58 -32.33 48.82
N VAL B 419 -10.74 -31.31 48.76
CA VAL B 419 -11.04 -30.09 48.00
C VAL B 419 -11.08 -30.41 46.49
N GLY B 420 -12.19 -30.01 45.85
CA GLY B 420 -12.39 -30.27 44.42
C GLY B 420 -13.08 -31.58 44.10
N PHE B 421 -13.17 -32.48 45.09
CA PHE B 421 -13.81 -33.78 44.91
C PHE B 421 -15.25 -33.72 45.40
N LYS B 422 -16.17 -34.30 44.61
CA LYS B 422 -17.56 -34.44 45.04
C LYS B 422 -17.72 -35.57 46.06
N ASP B 423 -16.76 -36.50 46.09
CA ASP B 423 -16.77 -37.59 47.07
C ASP B 423 -16.42 -37.07 48.45
N SER B 424 -16.81 -37.84 49.47
CA SER B 424 -16.53 -37.48 50.86
C SER B 424 -16.70 -38.67 51.80
N LEU B 425 -16.28 -38.48 53.05
CA LEU B 425 -16.49 -39.47 54.10
C LEU B 425 -17.45 -38.87 55.12
N ILE B 426 -18.60 -39.51 55.31
CA ILE B 426 -19.51 -39.17 56.40
C ILE B 426 -19.14 -40.01 57.62
N VAL B 427 -18.70 -39.33 58.69
CA VAL B 427 -18.40 -40.01 59.95
C VAL B 427 -19.52 -39.74 60.94
N GLN B 428 -20.28 -40.78 61.26
CA GLN B 428 -21.39 -40.69 62.21
C GLN B 428 -20.87 -40.98 63.63
N VAL B 429 -20.98 -40.00 64.52
CA VAL B 429 -20.43 -40.12 65.87
C VAL B 429 -21.52 -40.29 66.94
N THR B 430 -21.35 -41.31 67.77
CA THR B 430 -22.23 -41.57 68.92
C THR B 430 -21.42 -41.45 70.20
N PHE B 431 -22.05 -40.95 71.27
CA PHE B 431 -21.38 -40.75 72.55
C PHE B 431 -21.95 -41.69 73.64
N ASP B 432 -21.22 -42.78 73.89
CA ASP B 432 -21.60 -43.79 74.87
C ASP B 432 -21.10 -43.40 76.26
N CYS B 433 -21.98 -42.80 77.07
CA CYS B 433 -21.61 -42.30 78.40
C CYS B 433 -22.19 -43.10 79.55
N ASP B 434 -23.08 -44.05 79.24
CA ASP B 434 -23.79 -44.82 80.27
C ASP B 434 -23.26 -46.26 80.32
N CYS B 435 -23.77 -47.02 81.28
CA CYS B 435 -23.43 -48.44 81.44
C CYS B 435 -24.65 -49.28 81.08
N ALA B 436 -24.41 -50.52 80.63
CA ALA B 436 -25.49 -51.43 80.28
C ALA B 436 -26.39 -51.73 81.48
N CYS B 437 -25.81 -51.74 82.68
CA CYS B 437 -26.56 -52.01 83.91
C CYS B 437 -27.52 -50.89 84.33
N GLN B 438 -27.36 -49.70 83.74
CA GLN B 438 -28.28 -48.59 84.00
C GLN B 438 -29.68 -48.85 83.43
N ALA B 439 -29.75 -49.63 82.34
CA ALA B 439 -31.02 -50.02 81.75
C ALA B 439 -31.89 -50.79 82.75
N GLN B 440 -31.26 -51.64 83.56
CA GLN B 440 -31.94 -52.30 84.68
C GLN B 440 -31.92 -51.40 85.91
N ALA B 441 -32.80 -50.40 85.92
CA ALA B 441 -32.82 -49.38 86.96
C ALA B 441 -33.37 -49.91 88.29
N GLU B 442 -34.49 -50.62 88.22
CA GLU B 442 -35.22 -51.09 89.40
C GLU B 442 -35.59 -49.94 90.34
N PRO B 443 -36.58 -49.11 89.95
CA PRO B 443 -37.04 -47.92 90.67
C PRO B 443 -37.21 -48.08 92.20
N ASN B 444 -37.73 -49.22 92.64
CA ASN B 444 -37.93 -49.47 94.07
C ASN B 444 -36.61 -49.55 94.82
N SER B 445 -36.53 -48.85 95.95
CA SER B 445 -35.28 -48.75 96.73
C SER B 445 -34.82 -50.13 97.19
N HIS B 446 -35.65 -50.79 97.99
CA HIS B 446 -35.40 -52.14 98.48
C HIS B 446 -34.31 -52.18 99.57
N ARG B 447 -33.10 -51.75 99.22
CA ARG B 447 -31.94 -51.76 100.13
C ARG B 447 -31.69 -50.44 100.86
N CYS B 448 -32.03 -49.31 100.23
CA CYS B 448 -31.85 -48.00 100.87
C CYS B 448 -32.91 -47.78 101.96
N ASN B 449 -34.18 -47.77 101.56
CA ASN B 449 -35.33 -47.60 102.46
C ASN B 449 -35.29 -46.33 103.34
N ASN B 450 -34.71 -45.26 102.81
CA ASN B 450 -34.70 -43.95 103.46
C ASN B 450 -35.33 -42.87 102.56
N GLY B 451 -36.13 -43.31 101.60
CA GLY B 451 -36.69 -42.41 100.59
C GLY B 451 -35.67 -41.98 99.54
N ASN B 452 -34.71 -42.87 99.24
CA ASN B 452 -33.68 -42.58 98.25
C ASN B 452 -34.17 -42.86 96.84
N GLY B 453 -34.51 -44.12 96.56
CA GLY B 453 -35.03 -44.53 95.26
C GLY B 453 -33.98 -45.13 94.35
N THR B 454 -34.40 -46.13 93.56
CA THR B 454 -33.56 -46.79 92.54
C THR B 454 -32.39 -47.62 93.09
N PHE B 455 -31.98 -48.61 92.32
CA PHE B 455 -30.85 -49.48 92.67
C PHE B 455 -30.22 -50.08 91.40
N GLU B 456 -29.11 -49.48 90.95
CA GLU B 456 -28.46 -49.88 89.70
C GLU B 456 -26.98 -50.21 89.90
N CYS B 457 -26.54 -51.32 89.29
CA CYS B 457 -25.14 -51.75 89.32
C CYS B 457 -24.59 -51.94 90.74
N GLY B 458 -25.47 -52.27 91.69
CA GLY B 458 -25.08 -52.57 93.07
C GLY B 458 -24.73 -51.37 93.91
N VAL B 459 -25.66 -50.42 94.05
CA VAL B 459 -25.41 -49.21 94.85
C VAL B 459 -26.69 -48.41 95.15
N CYS B 460 -26.70 -47.71 96.29
CA CYS B 460 -27.74 -46.72 96.62
C CYS B 460 -27.40 -45.38 95.96
N ARG B 461 -28.21 -44.35 96.25
CA ARG B 461 -27.93 -42.99 95.78
C ARG B 461 -26.61 -42.46 96.33
N GLY C 3 0.10 -12.55 -2.22
CA GLY C 3 -1.04 -11.88 -1.59
C GLY C 3 -1.77 -12.99 -0.82
N ASP C 4 -3.04 -12.75 -0.52
CA ASP C 4 -3.85 -13.71 0.23
C ASP C 4 -4.55 -14.68 -0.73
N TRP C 5 -3.81 -15.71 -1.10
CA TRP C 5 -4.32 -16.78 -1.98
C TRP C 5 -3.43 -18.04 -1.92
N PRO C 6 -3.88 -19.19 -2.38
CA PRO C 6 -3.03 -20.40 -2.30
C PRO C 6 -1.81 -20.35 -3.24
N CYS C 7 -0.77 -21.09 -2.86
CA CYS C 7 0.47 -21.20 -3.65
C CYS C 7 0.35 -22.39 -4.58
N GLU D 1 17.12 18.07 -24.75
CA GLU D 1 16.13 18.45 -25.80
C GLU D 1 15.47 17.20 -26.38
N VAL D 2 14.17 17.07 -26.15
CA VAL D 2 13.39 15.97 -26.71
C VAL D 2 13.30 16.11 -28.22
N GLN D 3 13.54 15.02 -28.94
CA GLN D 3 13.52 15.01 -30.40
C GLN D 3 13.31 13.60 -30.96
N LEU D 4 12.30 13.45 -31.81
CA LEU D 4 11.96 12.17 -32.41
C LEU D 4 12.53 12.12 -33.83
N GLN D 5 13.38 11.14 -34.10
CA GLN D 5 14.13 11.07 -35.36
C GLN D 5 13.68 9.89 -36.21
N GLN D 6 12.88 10.18 -37.24
CA GLN D 6 12.26 9.14 -38.07
C GLN D 6 13.15 8.75 -39.25
N SER D 7 12.91 7.56 -39.80
CA SER D 7 13.65 7.06 -40.95
C SER D 7 13.26 7.81 -42.22
N GLY D 8 14.09 7.68 -43.26
CA GLY D 8 13.94 8.45 -44.49
C GLY D 8 12.81 8.00 -45.39
N ALA D 9 12.68 8.69 -46.52
CA ALA D 9 11.58 8.46 -47.46
C ALA D 9 11.59 7.04 -48.02
N GLU D 10 10.41 6.43 -48.09
CA GLU D 10 10.25 5.09 -48.62
C GLU D 10 9.53 5.15 -49.97
N LEU D 11 10.03 4.37 -50.92
CA LEU D 11 9.40 4.18 -52.22
C LEU D 11 9.18 2.68 -52.41
N VAL D 12 7.93 2.24 -52.28
CA VAL D 12 7.61 0.82 -52.15
C VAL D 12 6.55 0.37 -53.15
N LYS D 13 6.48 -0.93 -53.39
CA LYS D 13 5.58 -1.48 -54.40
C LYS D 13 4.28 -1.99 -53.77
N PRO D 14 3.16 -1.85 -54.50
CA PRO D 14 1.86 -2.27 -53.97
C PRO D 14 1.81 -3.77 -53.71
N GLY D 15 1.27 -4.14 -52.54
CA GLY D 15 1.23 -5.54 -52.12
C GLY D 15 2.31 -5.88 -51.12
N ALA D 16 3.46 -5.21 -51.23
CA ALA D 16 4.58 -5.42 -50.31
C ALA D 16 4.28 -4.81 -48.93
N SER D 17 5.26 -4.92 -48.04
CA SER D 17 5.19 -4.27 -46.73
C SER D 17 6.32 -3.26 -46.59
N VAL D 18 6.13 -2.31 -45.68
CA VAL D 18 7.18 -1.38 -45.30
C VAL D 18 7.19 -1.22 -43.78
N LYS D 19 8.35 -0.90 -43.22
CA LYS D 19 8.50 -0.72 -41.77
C LYS D 19 9.25 0.56 -41.48
N LEU D 20 8.54 1.54 -40.94
CA LEU D 20 9.11 2.85 -40.62
C LEU D 20 9.62 2.83 -39.19
N SER D 21 10.65 3.63 -38.91
CA SER D 21 11.24 3.68 -37.58
C SER D 21 11.22 5.10 -37.02
N CYS D 22 11.29 5.18 -35.69
CA CYS D 22 11.21 6.45 -34.97
C CYS D 22 12.07 6.31 -33.71
N THR D 23 13.22 6.97 -33.71
CA THR D 23 14.22 6.81 -32.64
C THR D 23 14.27 8.01 -31.71
N ALA D 24 14.18 7.74 -30.41
CA ALA D 24 14.25 8.78 -29.39
C ALA D 24 15.65 9.39 -29.33
N SER D 25 15.69 10.68 -29.04
CA SER D 25 16.95 11.41 -28.85
C SER D 25 16.74 12.44 -27.74
N GLY D 26 17.58 12.35 -26.70
CA GLY D 26 17.47 13.23 -25.54
C GLY D 26 16.42 12.73 -24.55
N PHE D 27 16.03 11.47 -24.69
CA PHE D 27 15.09 10.82 -23.78
C PHE D 27 14.98 9.35 -24.14
N ASN D 28 14.33 8.56 -23.28
CA ASN D 28 14.15 7.13 -23.54
C ASN D 28 12.74 6.83 -24.04
N ILE D 29 12.65 5.99 -25.07
CA ILE D 29 11.40 5.69 -25.74
C ILE D 29 10.32 5.12 -24.79
N LYS D 30 10.73 4.40 -23.75
CA LYS D 30 9.79 3.86 -22.76
C LYS D 30 9.19 4.90 -21.79
N ASP D 31 9.59 6.17 -21.91
CA ASP D 31 9.14 7.21 -20.98
C ASP D 31 7.66 7.58 -21.10
N THR D 32 7.05 7.32 -22.26
CA THR D 32 5.65 7.68 -22.50
C THR D 32 5.00 6.78 -23.55
N TYR D 33 3.72 6.96 -23.78
CA TYR D 33 3.07 6.43 -24.99
C TYR D 33 3.77 7.03 -26.21
N VAL D 34 3.88 6.22 -27.26
CA VAL D 34 4.33 6.69 -28.57
C VAL D 34 3.23 6.38 -29.59
N HIS D 35 2.81 7.42 -30.32
CA HIS D 35 1.70 7.30 -31.27
C HIS D 35 2.21 7.36 -32.70
N TRP D 36 1.40 6.88 -33.63
CA TRP D 36 1.67 7.05 -35.06
C TRP D 36 0.47 7.71 -35.73
N VAL D 37 0.74 8.69 -36.59
CA VAL D 37 -0.30 9.46 -37.27
C VAL D 37 -0.04 9.52 -38.78
N LYS D 38 -1.11 9.48 -39.56
CA LYS D 38 -1.05 9.51 -41.01
C LYS D 38 -1.52 10.87 -41.50
N GLN D 39 -0.83 11.42 -42.50
CA GLN D 39 -1.26 12.68 -43.14
C GLN D 39 -1.30 12.57 -44.66
N ARG D 40 -2.38 13.07 -45.24
CA ARG D 40 -2.51 13.19 -46.69
C ARG D 40 -3.13 14.55 -47.01
N PRO D 41 -2.82 15.09 -48.21
CA PRO D 41 -3.34 16.41 -48.57
C PRO D 41 -4.86 16.53 -48.45
N GLU D 42 -5.62 15.63 -49.05
CA GLU D 42 -7.08 15.73 -49.09
C GLU D 42 -7.73 15.24 -47.80
N GLN D 43 -7.33 14.05 -47.36
CA GLN D 43 -8.01 13.36 -46.27
C GLN D 43 -7.57 13.85 -44.88
N GLY D 44 -6.47 14.60 -44.82
CA GLY D 44 -6.02 15.19 -43.56
C GLY D 44 -5.33 14.21 -42.63
N LEU D 45 -5.44 14.45 -41.33
CA LEU D 45 -4.73 13.67 -40.31
C LEU D 45 -5.56 12.52 -39.75
N GLU D 46 -4.98 11.32 -39.73
CA GLU D 46 -5.64 10.14 -39.14
C GLU D 46 -4.72 9.47 -38.13
N TRP D 47 -5.26 9.18 -36.94
CA TRP D 47 -4.54 8.50 -35.87
C TRP D 47 -4.52 6.99 -36.15
N ILE D 48 -3.33 6.42 -36.26
CA ILE D 48 -3.19 4.98 -36.56
C ILE D 48 -3.28 4.13 -35.31
N GLY D 49 -2.53 4.54 -34.27
CA GLY D 49 -2.50 3.79 -33.03
C GLY D 49 -1.40 4.27 -32.09
N ARG D 50 -1.18 3.53 -31.00
CA ARG D 50 -0.15 3.86 -30.04
C ARG D 50 0.45 2.60 -29.45
N ILE D 51 1.63 2.75 -28.84
CA ILE D 51 2.27 1.69 -28.09
C ILE D 51 2.84 2.27 -26.79
N ASP D 52 2.85 1.46 -25.73
CA ASP D 52 3.55 1.79 -24.51
C ASP D 52 4.81 0.94 -24.50
N PRO D 53 5.94 1.50 -24.94
CA PRO D 53 7.14 0.68 -25.13
C PRO D 53 7.67 -0.03 -23.88
N ALA D 54 7.28 0.44 -22.70
CA ALA D 54 7.66 -0.21 -21.45
C ALA D 54 7.18 -1.66 -21.37
N ASN D 55 6.02 -1.95 -21.97
CA ASN D 55 5.42 -3.29 -21.90
C ASN D 55 4.87 -3.85 -23.23
N GLY D 56 4.89 -3.04 -24.28
CA GLY D 56 4.49 -3.51 -25.61
C GLY D 56 3.00 -3.44 -25.93
N TYR D 57 2.17 -3.16 -24.93
CA TYR D 57 0.72 -3.10 -25.14
C TYR D 57 0.38 -1.98 -26.12
N THR D 58 -0.58 -2.23 -27.01
CA THR D 58 -0.92 -1.31 -28.09
C THR D 58 -2.43 -1.06 -28.21
N LYS D 59 -2.76 -0.01 -28.95
CA LYS D 59 -4.15 0.36 -29.27
C LYS D 59 -4.20 0.86 -30.71
N TYR D 60 -5.25 0.47 -31.44
CA TYR D 60 -5.39 0.82 -32.86
C TYR D 60 -6.79 1.34 -33.19
N ASP D 61 -6.87 2.22 -34.19
CA ASP D 61 -8.13 2.55 -34.83
C ASP D 61 -8.52 1.32 -35.67
N PRO D 62 -9.76 0.85 -35.55
CA PRO D 62 -10.24 -0.28 -36.35
C PRO D 62 -9.91 -0.16 -37.84
N LYS D 63 -9.89 1.06 -38.36
CA LYS D 63 -9.53 1.30 -39.77
C LYS D 63 -8.17 0.73 -40.14
N PHE D 64 -7.21 0.77 -39.21
CA PHE D 64 -5.86 0.28 -39.48
C PHE D 64 -5.53 -1.06 -38.82
N GLN D 65 -6.53 -1.70 -38.21
CA GLN D 65 -6.34 -3.00 -37.56
C GLN D 65 -5.97 -4.02 -38.64
N GLY D 66 -4.87 -4.75 -38.45
CA GLY D 66 -4.44 -5.76 -39.42
C GLY D 66 -3.41 -5.25 -40.42
N LYS D 67 -3.62 -4.05 -40.94
CA LYS D 67 -2.64 -3.40 -41.82
C LYS D 67 -1.44 -2.91 -41.02
N ALA D 68 -1.71 -2.13 -39.97
CA ALA D 68 -0.65 -1.49 -39.18
C ALA D 68 -0.29 -2.31 -37.94
N THR D 69 1.00 -2.55 -37.76
CA THR D 69 1.50 -3.14 -36.52
C THR D 69 2.57 -2.24 -35.93
N ILE D 70 2.29 -1.71 -34.74
CA ILE D 70 3.24 -0.89 -34.00
C ILE D 70 4.04 -1.77 -33.03
N THR D 71 5.35 -1.57 -33.01
CA THR D 71 6.24 -2.28 -32.09
C THR D 71 7.29 -1.30 -31.55
N ALA D 72 8.07 -1.75 -30.59
CA ALA D 72 9.12 -0.91 -30.01
C ALA D 72 10.21 -1.75 -29.37
N ASP D 73 11.40 -1.18 -29.28
CA ASP D 73 12.58 -1.87 -28.76
C ASP D 73 13.40 -0.89 -27.92
N THR D 74 13.37 -1.11 -26.61
CA THR D 74 14.04 -0.23 -25.64
C THR D 74 15.57 -0.34 -25.69
N SER D 75 16.08 -1.47 -26.17
CA SER D 75 17.53 -1.65 -26.35
C SER D 75 18.11 -0.65 -27.37
N SER D 76 17.29 -0.23 -28.33
CA SER D 76 17.71 0.72 -29.35
C SER D 76 16.86 2.00 -29.34
N ASN D 77 16.17 2.26 -28.24
CA ASN D 77 15.33 3.46 -28.10
C ASN D 77 14.51 3.79 -29.34
N THR D 78 13.92 2.78 -29.98
CA THR D 78 13.17 3.00 -31.21
C THR D 78 11.78 2.37 -31.20
N ALA D 79 10.81 3.10 -31.77
CA ALA D 79 9.48 2.59 -32.04
C ALA D 79 9.35 2.39 -33.53
N TYR D 80 8.46 1.48 -33.94
CA TYR D 80 8.28 1.15 -35.36
C TYR D 80 6.81 1.11 -35.76
N LEU D 81 6.56 1.42 -37.03
CA LEU D 81 5.25 1.22 -37.67
C LEU D 81 5.45 0.36 -38.90
N GLN D 82 4.77 -0.79 -38.94
CA GLN D 82 4.81 -1.67 -40.10
C GLN D 82 3.46 -1.67 -40.83
N LEU D 83 3.49 -1.36 -42.12
CA LEU D 83 2.29 -1.38 -42.95
C LEU D 83 2.39 -2.51 -43.96
N SER D 84 1.51 -3.51 -43.82
CA SER D 84 1.47 -4.63 -44.76
C SER D 84 0.39 -4.40 -45.81
N SER D 85 0.48 -5.14 -46.91
CA SER D 85 -0.52 -5.08 -47.97
C SER D 85 -0.67 -3.65 -48.48
N LEU D 86 0.44 -3.06 -48.89
CA LEU D 86 0.47 -1.66 -49.33
C LEU D 86 -0.46 -1.41 -50.51
N THR D 87 -1.24 -0.34 -50.42
CA THR D 87 -2.13 0.09 -51.50
C THR D 87 -1.83 1.55 -51.84
N SER D 88 -2.53 2.09 -52.82
CA SER D 88 -2.36 3.50 -53.20
C SER D 88 -2.76 4.43 -52.04
N GLU D 89 -3.79 4.03 -51.30
CA GLU D 89 -4.26 4.77 -50.12
C GLU D 89 -3.20 4.91 -49.02
N ASP D 90 -2.21 4.03 -49.00
CA ASP D 90 -1.15 4.08 -47.99
C ASP D 90 -0.08 5.11 -48.31
N THR D 91 -0.11 5.68 -49.52
CA THR D 91 0.78 6.79 -49.88
C THR D 91 0.44 8.01 -49.03
N ALA D 92 1.32 8.31 -48.06
CA ALA D 92 1.09 9.39 -47.11
C ALA D 92 2.39 9.75 -46.40
N VAL D 93 2.33 10.79 -45.59
CA VAL D 93 3.44 11.12 -44.70
C VAL D 93 3.06 10.63 -43.32
N TYR D 94 3.98 9.91 -42.67
CA TYR D 94 3.71 9.25 -41.41
C TYR D 94 4.54 9.84 -40.27
N TYR D 95 3.87 10.25 -39.20
CA TYR D 95 4.51 10.89 -38.05
C TYR D 95 4.41 10.03 -36.80
N CYS D 96 5.45 10.05 -35.96
CA CYS D 96 5.37 9.49 -34.61
C CYS D 96 5.29 10.65 -33.59
N VAL D 97 4.51 10.44 -32.54
CA VAL D 97 4.18 11.53 -31.61
C VAL D 97 4.20 11.04 -30.17
N ARG D 98 4.56 11.95 -29.25
CA ARG D 98 4.47 11.68 -27.82
C ARG D 98 4.12 12.97 -27.05
N PRO D 99 3.56 12.82 -25.84
CA PRO D 99 3.19 13.99 -25.03
C PRO D 99 4.36 14.65 -24.30
N LEU D 100 4.15 15.89 -23.85
CA LEU D 100 5.12 16.56 -22.98
C LEU D 100 4.94 16.09 -21.54
N TYR D 101 3.82 16.43 -20.91
CA TYR D 101 3.55 16.05 -19.52
C TYR D 101 2.33 15.14 -19.41
N ASP D 102 1.20 15.62 -19.94
CA ASP D 102 -0.05 14.89 -19.91
C ASP D 102 0.10 13.53 -20.59
N TYR D 103 -0.14 12.45 -19.84
CA TYR D 103 -0.11 11.09 -20.38
C TYR D 103 -0.76 10.95 -21.77
N TYR D 104 -1.91 11.58 -21.96
CA TYR D 104 -2.76 11.34 -23.12
C TYR D 104 -2.58 12.34 -24.26
N ALA D 105 -1.65 13.28 -24.10
CA ALA D 105 -1.51 14.40 -25.04
C ALA D 105 -0.67 14.04 -26.27
N MET D 106 -0.62 14.96 -27.23
CA MET D 106 0.06 14.75 -28.51
C MET D 106 0.88 15.99 -28.84
N ASP D 107 2.02 16.15 -28.16
CA ASP D 107 2.73 17.44 -28.15
C ASP D 107 4.02 17.47 -28.98
N TYR D 108 4.86 16.43 -28.87
CA TYR D 108 6.13 16.34 -29.62
C TYR D 108 5.97 15.44 -30.85
N TRP D 109 6.46 15.88 -32.01
CA TRP D 109 6.29 15.15 -33.27
C TRP D 109 7.62 14.91 -33.98
N GLY D 110 7.70 13.81 -34.72
CA GLY D 110 8.85 13.55 -35.57
C GLY D 110 8.74 14.38 -36.84
N GLN D 111 9.82 14.42 -37.61
CA GLN D 111 9.85 15.20 -38.85
C GLN D 111 8.99 14.59 -39.96
N GLY D 112 8.48 13.38 -39.75
CA GLY D 112 7.64 12.69 -40.72
C GLY D 112 8.42 11.84 -41.71
N THR D 113 7.79 10.75 -42.18
CA THR D 113 8.39 9.88 -43.18
C THR D 113 7.42 9.72 -44.34
N SER D 114 7.91 10.01 -45.54
CA SER D 114 7.11 9.96 -46.76
C SER D 114 7.14 8.55 -47.36
N VAL D 115 5.95 7.96 -47.53
CA VAL D 115 5.80 6.62 -48.13
C VAL D 115 5.05 6.75 -49.44
N THR D 116 5.63 6.26 -50.53
CA THR D 116 5.01 6.28 -51.86
C THR D 116 4.86 4.87 -52.43
N VAL D 117 3.61 4.45 -52.61
CA VAL D 117 3.30 3.13 -53.18
C VAL D 117 3.04 3.27 -54.68
N SER D 118 3.85 2.59 -55.49
CA SER D 118 3.77 2.72 -56.95
C SER D 118 4.30 1.47 -57.69
N SER D 119 3.73 1.20 -58.86
CA SER D 119 4.21 0.13 -59.74
C SER D 119 5.19 0.67 -60.79
N ALA D 120 5.37 1.98 -60.85
CA ALA D 120 6.12 2.63 -61.92
C ALA D 120 7.61 2.29 -61.87
N LYS D 121 8.23 2.22 -63.06
CA LYS D 121 9.68 2.10 -63.19
C LYS D 121 10.30 3.48 -63.21
N THR D 122 11.62 3.54 -62.99
CA THR D 122 12.33 4.81 -63.12
C THR D 122 12.30 5.28 -64.58
N THR D 123 11.94 6.54 -64.78
CA THR D 123 11.81 7.12 -66.12
C THR D 123 12.31 8.56 -66.12
N ALA D 124 13.24 8.86 -67.02
CA ALA D 124 13.79 10.21 -67.15
C ALA D 124 12.76 11.16 -67.78
N PRO D 125 12.74 12.42 -67.33
CA PRO D 125 11.77 13.38 -67.86
C PRO D 125 12.07 13.82 -69.28
N SER D 126 11.02 14.05 -70.06
CA SER D 126 11.14 14.75 -71.34
C SER D 126 10.98 16.22 -71.02
N VAL D 127 11.97 17.02 -71.39
CA VAL D 127 11.94 18.47 -71.12
C VAL D 127 11.67 19.23 -72.42
N TYR D 128 10.70 20.14 -72.36
CA TYR D 128 10.30 20.91 -73.54
C TYR D 128 10.37 22.41 -73.27
N PRO D 129 10.97 23.18 -74.21
CA PRO D 129 11.00 24.63 -74.07
C PRO D 129 9.69 25.25 -74.51
N LEU D 130 9.19 26.23 -73.77
CA LEU D 130 7.95 26.91 -74.11
C LEU D 130 8.21 28.38 -74.43
N ALA D 131 8.09 28.74 -75.70
CA ALA D 131 8.27 30.12 -76.14
C ALA D 131 6.93 30.70 -76.55
N PRO D 132 6.80 32.04 -76.54
CA PRO D 132 5.51 32.67 -76.83
C PRO D 132 5.05 32.50 -78.27
N VAL D 133 3.86 33.01 -78.57
CA VAL D 133 3.27 32.92 -79.91
C VAL D 133 3.48 34.23 -80.66
N CYS D 134 3.11 34.26 -81.93
CA CYS D 134 3.15 35.50 -82.71
C CYS D 134 1.98 36.42 -82.37
N THR D 137 4.74 41.28 -82.81
CA THR D 137 5.12 42.29 -81.83
C THR D 137 4.86 41.79 -80.41
N THR D 138 5.30 42.56 -79.43
CA THR D 138 5.24 42.17 -78.02
C THR D 138 4.72 43.32 -77.14
N GLY D 139 4.48 43.02 -75.87
CA GLY D 139 4.07 44.03 -74.89
C GLY D 139 5.29 44.70 -74.27
N SER D 140 5.28 44.85 -72.94
CA SER D 140 6.44 45.36 -72.20
C SER D 140 7.20 44.23 -71.50
N SER D 141 6.46 43.22 -71.04
CA SER D 141 7.05 42.04 -70.40
C SER D 141 6.72 40.79 -71.19
N VAL D 142 7.56 39.76 -71.03
CA VAL D 142 7.40 38.51 -71.76
C VAL D 142 7.58 37.33 -70.79
N THR D 143 6.72 36.32 -70.94
CA THR D 143 6.81 35.11 -70.11
C THR D 143 7.29 33.92 -70.95
N LEU D 144 8.24 33.18 -70.40
CA LEU D 144 8.72 31.94 -71.01
C LEU D 144 8.38 30.77 -70.09
N GLY D 145 8.42 29.56 -70.63
CA GLY D 145 8.06 28.38 -69.87
C GLY D 145 8.98 27.19 -70.06
N CYS D 146 8.77 26.17 -69.23
CA CYS D 146 9.51 24.92 -69.35
C CYS D 146 8.66 23.77 -68.82
N LEU D 147 8.34 22.82 -69.70
CA LEU D 147 7.48 21.69 -69.36
C LEU D 147 8.29 20.42 -69.17
N VAL D 148 8.09 19.77 -68.03
CA VAL D 148 8.81 18.55 -67.66
C VAL D 148 7.81 17.41 -67.50
N LYS D 149 7.79 16.47 -68.45
CA LYS D 149 6.77 15.42 -68.48
C LYS D 149 7.29 14.00 -68.29
N GLY D 150 6.43 13.14 -67.75
CA GLY D 150 6.61 11.69 -67.77
C GLY D 150 7.80 11.14 -67.02
N TYR D 151 8.04 11.64 -65.80
CA TYR D 151 9.16 11.17 -64.99
C TYR D 151 8.71 10.45 -63.73
N PHE D 152 9.56 9.54 -63.25
CA PHE D 152 9.35 8.84 -61.99
C PHE D 152 10.70 8.39 -61.42
N PRO D 153 10.90 8.57 -60.10
CA PRO D 153 10.01 9.19 -59.13
C PRO D 153 10.40 10.64 -58.87
N GLU D 154 9.66 11.29 -57.97
CA GLU D 154 10.06 12.60 -57.47
CA GLU D 154 10.05 12.60 -57.47
C GLU D 154 11.39 12.46 -56.72
N PRO D 155 12.18 13.54 -56.65
CA PRO D 155 11.99 14.90 -57.14
C PRO D 155 12.76 15.20 -58.42
N VAL D 156 12.49 16.37 -58.99
CA VAL D 156 13.34 17.00 -59.98
C VAL D 156 13.78 18.35 -59.41
N THR D 157 14.86 18.90 -59.94
CA THR D 157 15.32 20.22 -59.55
C THR D 157 15.48 21.09 -60.80
N LEU D 158 14.48 21.94 -61.05
CA LEU D 158 14.50 22.86 -62.18
C LEU D 158 15.00 24.23 -61.75
N THR D 159 15.93 24.79 -62.53
CA THR D 159 16.41 26.16 -62.32
C THR D 159 16.54 26.87 -63.67
N TRP D 160 16.63 28.19 -63.62
CA TRP D 160 16.75 29.00 -64.84
C TRP D 160 18.14 29.64 -64.91
N ASN D 161 18.79 29.52 -66.06
CA ASN D 161 20.17 29.99 -66.26
C ASN D 161 21.12 29.53 -65.14
N SER D 162 20.95 28.28 -64.72
CA SER D 162 21.73 27.68 -63.62
C SER D 162 21.58 28.45 -62.31
N GLY D 163 20.40 29.02 -62.08
CA GLY D 163 20.12 29.81 -60.87
C GLY D 163 20.44 31.29 -60.97
N SER D 164 20.95 31.72 -62.13
CA SER D 164 21.25 33.13 -62.35
C SER D 164 19.98 33.97 -62.41
N LEU D 165 18.87 33.33 -62.80
CA LEU D 165 17.58 34.00 -62.93
C LEU D 165 16.58 33.37 -61.96
N SER D 166 16.61 33.83 -60.71
CA SER D 166 15.73 33.31 -59.67
C SER D 166 14.43 34.11 -59.55
N SER D 167 14.52 35.42 -59.78
CA SER D 167 13.38 36.31 -59.61
C SER D 167 12.40 36.22 -60.79
N GLY D 168 11.14 36.51 -60.52
CA GLY D 168 10.08 36.40 -61.51
C GLY D 168 9.87 35.00 -62.02
N VAL D 169 10.03 34.00 -61.16
CA VAL D 169 9.87 32.59 -61.53
C VAL D 169 8.70 31.95 -60.80
N HIS D 170 8.04 31.02 -61.46
CA HIS D 170 6.98 30.21 -60.84
C HIS D 170 7.12 28.74 -61.24
N THR D 171 7.72 27.93 -60.38
CA THR D 171 7.83 26.48 -60.60
C THR D 171 6.73 25.76 -59.85
N PHE D 172 5.88 25.04 -60.58
CA PHE D 172 4.68 24.47 -59.99
C PHE D 172 4.92 23.08 -59.40
N PRO D 173 4.18 22.73 -58.33
CA PRO D 173 4.38 21.41 -57.75
C PRO D 173 4.00 20.31 -58.73
N ALA D 174 4.74 19.21 -58.68
CA ALA D 174 4.50 18.08 -59.59
C ALA D 174 3.09 17.52 -59.40
N VAL D 175 2.52 16.98 -60.48
CA VAL D 175 1.23 16.33 -60.42
C VAL D 175 1.32 14.99 -61.13
N LEU D 176 0.58 14.01 -60.62
CA LEU D 176 0.62 12.65 -61.11
C LEU D 176 -0.45 12.43 -62.18
N GLN D 177 -0.07 11.73 -63.25
CA GLN D 177 -1.05 11.23 -64.23
C GLN D 177 -0.50 9.95 -64.88
N SER D 178 -1.30 8.89 -64.81
CA SER D 178 -0.88 7.57 -65.31
C SER D 178 0.50 7.18 -64.77
N ASP D 179 0.63 7.24 -63.44
CA ASP D 179 1.80 6.73 -62.73
C ASP D 179 3.11 7.48 -62.97
N LEU D 180 3.09 8.55 -63.76
CA LEU D 180 4.27 9.39 -63.98
C LEU D 180 3.98 10.84 -63.61
N TYR D 181 5.01 11.57 -63.20
CA TYR D 181 4.85 12.95 -62.75
C TYR D 181 5.09 13.95 -63.87
N THR D 182 4.34 15.04 -63.81
CA THR D 182 4.53 16.18 -64.71
C THR D 182 4.67 17.44 -63.86
N LEU D 183 5.54 18.32 -64.32
CA LEU D 183 5.84 19.56 -63.62
C LEU D 183 6.09 20.64 -64.68
N SER D 184 5.76 21.88 -64.35
CA SER D 184 6.03 23.01 -65.25
C SER D 184 6.61 24.19 -64.48
N SER D 185 7.15 25.15 -65.21
CA SER D 185 7.71 26.36 -64.59
C SER D 185 7.72 27.52 -65.58
N SER D 186 7.32 28.69 -65.10
CA SER D 186 7.32 29.92 -65.89
C SER D 186 8.35 30.90 -65.33
N VAL D 187 8.93 31.70 -66.23
CA VAL D 187 9.79 32.82 -65.86
C VAL D 187 9.36 34.02 -66.68
N THR D 188 9.35 35.20 -66.05
CA THR D 188 8.92 36.43 -66.72
C THR D 188 10.02 37.47 -66.62
N VAL D 189 10.29 38.13 -67.74
CA VAL D 189 11.32 39.16 -67.85
C VAL D 189 10.80 40.29 -68.75
N THR D 190 11.59 41.37 -68.85
CA THR D 190 11.25 42.49 -69.72
C THR D 190 11.52 42.13 -71.17
N SER D 191 10.78 42.74 -72.09
CA SER D 191 10.91 42.46 -73.52
C SER D 191 12.30 42.81 -74.08
N SER D 192 12.99 43.75 -73.45
CA SER D 192 14.37 44.08 -73.84
C SER D 192 15.36 42.98 -73.44
N THR D 193 15.02 42.20 -72.40
CA THR D 193 15.87 41.09 -71.95
C THR D 193 15.92 39.95 -72.96
N TRP D 194 14.74 39.56 -73.46
CA TRP D 194 14.61 38.38 -74.31
C TRP D 194 13.91 38.75 -75.62
N PRO D 195 14.33 38.14 -76.75
CA PRO D 195 15.35 37.10 -76.93
C PRO D 195 16.80 37.60 -77.02
N SER D 196 17.04 38.90 -76.93
CA SER D 196 18.38 39.46 -77.04
C SER D 196 19.40 38.68 -76.20
N GLN D 197 19.05 38.43 -74.94
CA GLN D 197 19.89 37.63 -74.03
C GLN D 197 19.36 36.20 -73.91
N SER D 198 20.26 35.27 -73.60
CA SER D 198 19.95 33.84 -73.60
C SER D 198 19.30 33.37 -72.30
N ILE D 199 18.19 32.66 -72.42
CA ILE D 199 17.50 32.08 -71.25
C ILE D 199 17.32 30.58 -71.45
N THR D 200 17.96 29.78 -70.59
CA THR D 200 17.93 28.33 -70.70
C THR D 200 17.23 27.71 -69.50
N CYS D 201 16.52 26.61 -69.76
CA CYS D 201 15.89 25.81 -68.72
C CYS D 201 16.85 24.71 -68.28
N ASN D 202 16.97 24.49 -66.97
CA ASN D 202 17.89 23.48 -66.42
C ASN D 202 17.16 22.47 -65.52
N VAL D 203 16.87 21.29 -66.07
CA VAL D 203 16.17 20.23 -65.33
C VAL D 203 17.15 19.11 -64.95
N ALA D 204 17.07 18.65 -63.69
CA ALA D 204 17.89 17.54 -63.20
C ALA D 204 17.00 16.50 -62.52
N HIS D 205 17.19 15.23 -62.88
CA HIS D 205 16.45 14.11 -62.30
C HIS D 205 17.41 13.05 -61.79
N PRO D 206 17.83 13.18 -60.51
CA PRO D 206 18.80 12.27 -59.87
C PRO D 206 18.52 10.77 -60.04
N ALA D 207 17.25 10.38 -60.05
CA ALA D 207 16.88 8.97 -60.12
C ALA D 207 17.31 8.29 -61.42
N SER D 208 17.26 9.03 -62.52
CA SER D 208 17.66 8.52 -63.84
C SER D 208 19.06 8.98 -64.23
N SER D 209 19.72 9.71 -63.34
CA SER D 209 21.03 10.29 -63.60
C SER D 209 21.04 11.15 -64.86
N THR D 210 20.05 12.03 -64.99
CA THR D 210 19.92 12.91 -66.16
C THR D 210 19.98 14.38 -65.79
N LYS D 211 20.77 15.14 -66.55
CA LYS D 211 20.86 16.59 -66.42
C LYS D 211 20.67 17.17 -67.82
N VAL D 212 19.63 17.98 -67.99
CA VAL D 212 19.23 18.48 -69.31
C VAL D 212 19.09 20.00 -69.32
N ASP D 213 19.63 20.63 -70.36
CA ASP D 213 19.47 22.06 -70.59
C ASP D 213 18.64 22.29 -71.86
N LYS D 214 17.69 23.22 -71.80
CA LYS D 214 16.88 23.57 -72.96
C LYS D 214 16.79 25.09 -73.13
N LYS D 215 17.51 25.60 -74.14
CA LYS D 215 17.47 27.03 -74.47
C LYS D 215 16.10 27.37 -75.06
N ILE D 216 15.47 28.41 -74.52
CA ILE D 216 14.19 28.89 -75.05
C ILE D 216 14.45 29.71 -76.32
N GLU D 217 14.01 29.20 -77.46
CA GLU D 217 14.17 29.89 -78.75
C GLU D 217 12.84 30.48 -79.21
N PRO D 218 12.88 31.64 -79.90
CA PRO D 218 11.63 32.17 -80.45
C PRO D 218 11.11 31.32 -81.60
N ARG D 219 9.80 31.34 -81.81
CA ARG D 219 9.17 30.54 -82.87
C ARG D 219 9.35 31.23 -84.22
N GLY D 220 9.82 30.47 -85.21
CA GLY D 220 10.10 31.01 -86.54
C GLY D 220 8.93 30.83 -87.49
N PRO D 221 9.10 31.26 -88.76
CA PRO D 221 8.06 31.12 -89.78
C PRO D 221 8.07 29.74 -90.43
N ASP E 1 -17.09 7.22 -33.00
CA ASP E 1 -15.91 8.14 -33.00
C ASP E 1 -16.40 9.57 -32.86
N ILE E 2 -15.53 10.44 -32.35
CA ILE E 2 -15.87 11.84 -32.13
C ILE E 2 -15.45 12.66 -33.35
N LEU E 3 -16.41 13.33 -33.95
CA LEU E 3 -16.15 14.18 -35.09
C LEU E 3 -15.71 15.55 -34.59
N MET E 4 -14.55 16.00 -35.04
CA MET E 4 -14.01 17.32 -34.71
C MET E 4 -14.15 18.20 -35.93
N THR E 5 -15.02 19.21 -35.84
CA THR E 5 -15.26 20.14 -36.94
C THR E 5 -14.55 21.46 -36.64
N GLN E 6 -13.59 21.81 -37.48
CA GLN E 6 -12.75 22.98 -37.27
C GLN E 6 -13.18 24.11 -38.20
N SER E 7 -13.20 25.34 -37.69
CA SER E 7 -13.63 26.51 -38.47
C SER E 7 -12.80 27.77 -38.19
N PRO E 8 -12.56 28.58 -39.22
CA PRO E 8 -12.83 28.32 -40.63
C PRO E 8 -11.74 27.42 -41.21
N SER E 9 -11.92 27.00 -42.47
CA SER E 9 -10.91 26.20 -43.16
C SER E 9 -9.74 27.09 -43.59
N SER E 10 -10.04 28.35 -43.92
CA SER E 10 -8.98 29.33 -44.14
C SER E 10 -9.45 30.75 -43.83
N MET E 11 -8.51 31.62 -43.47
CA MET E 11 -8.80 33.02 -43.28
C MET E 11 -7.66 33.87 -43.82
N SER E 12 -8.03 35.01 -44.41
CA SER E 12 -7.06 35.98 -44.93
C SER E 12 -6.92 37.10 -43.92
N VAL E 13 -5.78 37.16 -43.26
CA VAL E 13 -5.56 38.08 -42.16
C VAL E 13 -4.22 38.79 -42.32
N SER E 14 -3.98 39.77 -41.45
CA SER E 14 -2.81 40.64 -41.58
C SER E 14 -1.94 40.59 -40.32
N LEU E 15 -0.75 41.16 -40.42
CA LEU E 15 0.17 41.26 -39.28
C LEU E 15 -0.44 42.15 -38.21
N GLY E 16 -0.29 41.75 -36.95
CA GLY E 16 -0.82 42.51 -35.82
C GLY E 16 -2.26 42.18 -35.44
N ASP E 17 -2.96 41.43 -36.29
CA ASP E 17 -4.35 41.05 -36.01
C ASP E 17 -4.43 40.06 -34.86
N THR E 18 -5.63 39.97 -34.28
CA THR E 18 -5.95 38.90 -33.35
C THR E 18 -7.04 38.05 -33.95
N VAL E 19 -6.70 36.80 -34.22
CA VAL E 19 -7.64 35.84 -34.83
C VAL E 19 -8.02 34.77 -33.82
N SER E 20 -9.10 34.05 -34.14
CA SER E 20 -9.49 32.87 -33.37
C SER E 20 -9.91 31.75 -34.30
N ILE E 21 -9.54 30.52 -33.95
CA ILE E 21 -9.91 29.32 -34.69
C ILE E 21 -10.78 28.45 -33.80
N THR E 22 -12.04 28.23 -34.18
CA THR E 22 -12.94 27.41 -33.36
C THR E 22 -12.89 25.95 -33.78
N CYS E 23 -13.18 25.08 -32.82
CA CYS E 23 -13.20 23.64 -33.04
C CYS E 23 -14.37 23.04 -32.26
N HIS E 24 -15.29 22.38 -32.96
CA HIS E 24 -16.49 21.82 -32.36
C HIS E 24 -16.44 20.28 -32.35
N ALA E 25 -16.65 19.70 -31.18
CA ALA E 25 -16.71 18.24 -31.03
C ALA E 25 -18.16 17.75 -31.17
N SER E 26 -18.33 16.51 -31.63
CA SER E 26 -19.64 15.89 -31.74
C SER E 26 -20.25 15.58 -30.37
N GLN E 27 -19.42 15.62 -29.33
CA GLN E 27 -19.89 15.48 -27.95
C GLN E 27 -18.91 16.16 -26.99
N GLY E 28 -19.31 16.28 -25.73
CA GLY E 28 -18.48 16.91 -24.72
C GLY E 28 -17.17 16.16 -24.52
N ILE E 29 -16.08 16.91 -24.40
CA ILE E 29 -14.73 16.32 -24.27
C ILE E 29 -13.90 16.97 -23.14
N SER E 30 -14.56 17.56 -22.15
CA SER E 30 -13.92 18.05 -20.91
C SER E 30 -12.50 18.59 -21.05
N SER E 31 -12.32 19.58 -21.92
CA SER E 31 -11.01 20.21 -22.16
C SER E 31 -9.90 19.26 -22.65
N ASN E 32 -10.24 18.01 -22.97
CA ASN E 32 -9.26 17.05 -23.47
C ASN E 32 -8.99 17.31 -24.95
N ILE E 33 -8.38 18.46 -25.23
CA ILE E 33 -8.17 18.92 -26.59
C ILE E 33 -6.77 19.49 -26.70
N GLY E 34 -6.13 19.26 -27.85
CA GLY E 34 -4.82 19.82 -28.15
C GLY E 34 -4.90 20.70 -29.38
N TRP E 35 -3.96 21.63 -29.49
CA TRP E 35 -3.84 22.48 -30.67
C TRP E 35 -2.43 22.34 -31.26
N LEU E 36 -2.37 22.09 -32.57
CA LEU E 36 -1.11 21.85 -33.28
C LEU E 36 -0.87 22.93 -34.32
N GLN E 37 0.41 23.16 -34.65
CA GLN E 37 0.79 24.07 -35.75
C GLN E 37 1.69 23.34 -36.75
N GLN E 38 1.46 23.56 -38.04
CA GLN E 38 2.34 23.07 -39.10
C GLN E 38 2.66 24.18 -40.09
N LYS E 39 3.90 24.67 -40.03
CA LYS E 39 4.35 25.74 -40.91
C LYS E 39 4.64 25.18 -42.29
N PRO E 40 4.54 26.01 -43.34
CA PRO E 40 4.68 25.52 -44.70
C PRO E 40 5.93 24.67 -44.93
N GLY E 41 5.73 23.43 -45.34
CA GLY E 41 6.83 22.53 -45.67
C GLY E 41 7.61 21.99 -44.47
N LYS E 42 7.08 22.21 -43.28
CA LYS E 42 7.71 21.76 -42.04
C LYS E 42 6.81 20.74 -41.35
N SER E 43 7.27 20.21 -40.22
CA SER E 43 6.51 19.23 -39.44
C SER E 43 5.63 19.91 -38.40
N PHE E 44 5.11 19.14 -37.46
CA PHE E 44 4.19 19.65 -36.45
C PHE E 44 4.91 20.12 -35.19
N MET E 45 4.26 21.07 -34.51
CA MET E 45 4.71 21.58 -33.21
C MET E 45 3.49 21.73 -32.32
N GLY E 46 3.56 21.21 -31.10
CA GLY E 46 2.45 21.34 -30.15
C GLY E 46 2.36 22.76 -29.64
N LEU E 47 1.13 23.28 -29.51
CA LEU E 47 0.89 24.64 -29.00
C LEU E 47 0.23 24.61 -27.64
N ILE E 48 -0.94 23.96 -27.56
CA ILE E 48 -1.72 23.86 -26.32
C ILE E 48 -2.03 22.41 -26.01
N TYR E 49 -1.95 22.02 -24.73
CA TYR E 49 -2.44 20.72 -24.28
C TYR E 49 -3.47 20.89 -23.18
N TYR E 50 -4.40 19.95 -23.11
CA TYR E 50 -5.50 19.99 -22.16
C TYR E 50 -6.22 21.33 -22.14
N GLY E 51 -6.55 21.84 -23.32
CA GLY E 51 -7.46 22.98 -23.45
C GLY E 51 -6.84 24.36 -23.38
N THR E 52 -6.03 24.63 -22.36
CA THR E 52 -5.50 25.97 -22.13
C THR E 52 -4.00 26.06 -21.80
N ASN E 53 -3.36 24.93 -21.53
CA ASN E 53 -1.94 24.93 -21.14
C ASN E 53 -1.01 25.00 -22.33
N LEU E 54 -0.17 26.05 -22.38
CA LEU E 54 0.85 26.18 -23.43
C LEU E 54 1.96 25.15 -23.26
N VAL E 55 2.35 24.53 -24.37
CA VAL E 55 3.54 23.69 -24.43
C VAL E 55 4.78 24.54 -24.14
N ASP E 56 5.78 23.96 -23.50
CA ASP E 56 6.99 24.69 -23.15
C ASP E 56 7.57 25.35 -24.40
N GLY E 57 7.89 26.64 -24.28
CA GLY E 57 8.54 27.36 -25.36
C GLY E 57 7.59 28.06 -26.31
N VAL E 58 6.31 27.77 -26.21
CA VAL E 58 5.31 28.41 -27.07
C VAL E 58 5.07 29.84 -26.60
N PRO E 59 5.02 30.81 -27.54
CA PRO E 59 4.89 32.22 -27.17
C PRO E 59 3.56 32.59 -26.51
N SER E 60 3.62 33.57 -25.61
CA SER E 60 2.45 34.00 -24.85
CA SER E 60 2.46 34.02 -24.85
C SER E 60 1.27 34.42 -25.72
N ARG E 61 1.56 34.90 -26.92
CA ARG E 61 0.50 35.36 -27.83
C ARG E 61 -0.51 34.27 -28.25
N PHE E 62 -0.16 33.01 -28.06
CA PHE E 62 -1.11 31.90 -28.24
C PHE E 62 -1.86 31.63 -26.95
N SER E 63 -3.15 31.31 -27.07
CA SER E 63 -3.98 30.94 -25.91
C SER E 63 -5.18 30.10 -26.33
N GLY E 64 -5.54 29.15 -25.47
CA GLY E 64 -6.70 28.29 -25.69
C GLY E 64 -7.85 28.66 -24.79
N SER E 65 -9.06 28.30 -25.19
CA SER E 65 -10.25 28.51 -24.35
C SER E 65 -11.41 27.61 -24.78
N GLY E 66 -12.39 27.46 -23.89
CA GLY E 66 -13.60 26.71 -24.19
C GLY E 66 -13.93 25.66 -23.15
N SER E 67 -15.06 25.01 -23.34
CA SER E 67 -15.49 23.89 -22.50
C SER E 67 -16.56 23.08 -23.23
N GLY E 68 -16.96 21.95 -22.64
CA GLY E 68 -17.95 21.08 -23.24
C GLY E 68 -17.49 20.58 -24.58
N ALA E 69 -18.14 21.03 -25.65
CA ALA E 69 -17.87 20.57 -27.01
C ALA E 69 -17.33 21.66 -27.92
N ASP E 70 -17.08 22.85 -27.39
CA ASP E 70 -16.73 24.00 -28.21
C ASP E 70 -15.48 24.71 -27.67
N TYR E 71 -14.43 24.75 -28.49
CA TYR E 71 -13.14 25.27 -28.08
C TYR E 71 -12.54 26.22 -29.12
N SER E 72 -11.61 27.06 -28.68
CA SER E 72 -11.03 28.10 -29.53
C SER E 72 -9.54 28.32 -29.27
N LEU E 73 -8.77 28.49 -30.35
CA LEU E 73 -7.36 28.91 -30.29
C LEU E 73 -7.29 30.37 -30.69
N THR E 74 -6.57 31.18 -29.91
CA THR E 74 -6.47 32.62 -30.18
C THR E 74 -5.01 33.04 -30.26
N ILE E 75 -4.63 33.57 -31.41
CA ILE E 75 -3.34 34.22 -31.59
C ILE E 75 -3.61 35.70 -31.51
N SER E 76 -2.93 36.38 -30.59
CA SER E 76 -3.07 37.83 -30.43
C SER E 76 -1.84 38.52 -31.00
N SER E 77 -2.05 39.44 -31.92
CA SER E 77 -0.96 40.13 -32.61
C SER E 77 -0.15 39.14 -33.46
N LEU E 78 -0.58 38.95 -34.70
CA LEU E 78 0.05 37.95 -35.58
C LEU E 78 1.47 38.32 -35.97
N ASP E 79 2.36 37.34 -35.82
CA ASP E 79 3.73 37.43 -36.33
C ASP E 79 3.75 36.84 -37.75
N SER E 80 4.75 37.23 -38.54
CA SER E 80 4.91 36.69 -39.89
CA SER E 80 4.93 36.70 -39.89
CA SER E 80 4.92 36.70 -39.89
C SER E 80 5.09 35.18 -39.86
N GLU E 81 5.59 34.67 -38.74
CA GLU E 81 5.81 33.25 -38.54
C GLU E 81 4.48 32.47 -38.30
N ASP E 82 3.41 33.19 -37.96
CA ASP E 82 2.14 32.56 -37.59
C ASP E 82 1.25 32.18 -38.78
N PHE E 83 1.66 32.55 -39.99
CA PHE E 83 0.93 32.13 -41.19
C PHE E 83 1.26 30.69 -41.51
N ALA E 84 0.36 29.79 -41.12
CA ALA E 84 0.60 28.36 -41.19
C ALA E 84 -0.73 27.62 -41.12
N ASP E 85 -0.66 26.30 -41.06
CA ASP E 85 -1.82 25.48 -40.81
C ASP E 85 -1.92 25.16 -39.31
N TYR E 86 -3.15 25.13 -38.81
CA TYR E 86 -3.42 24.83 -37.40
C TYR E 86 -4.48 23.74 -37.31
N TYR E 87 -4.28 22.80 -36.40
CA TYR E 87 -5.22 21.68 -36.22
C TYR E 87 -5.58 21.49 -34.76
N CYS E 88 -6.82 21.08 -34.48
CA CYS E 88 -7.20 20.59 -33.16
C CYS E 88 -7.20 19.07 -33.18
N VAL E 89 -6.96 18.47 -32.02
CA VAL E 89 -7.08 17.02 -31.83
C VAL E 89 -7.69 16.76 -30.45
N GLN E 90 -8.67 15.85 -30.40
CA GLN E 90 -9.25 15.42 -29.12
C GLN E 90 -8.60 14.14 -28.66
N TYR E 91 -8.54 13.96 -27.34
CA TYR E 91 -8.14 12.68 -26.76
C TYR E 91 -9.02 12.28 -25.59
N ALA E 92 -10.30 12.66 -25.66
CA ALA E 92 -11.29 12.22 -24.69
C ALA E 92 -11.54 10.73 -24.89
N GLN E 93 -11.56 10.29 -26.15
CA GLN E 93 -11.77 8.89 -26.49
C GLN E 93 -10.83 8.38 -27.56
N LEU E 94 -10.48 7.10 -27.44
CA LEU E 94 -9.81 6.39 -28.51
C LEU E 94 -10.92 5.95 -29.45
N PRO E 95 -10.73 6.09 -30.77
CA PRO E 95 -9.56 6.61 -31.44
C PRO E 95 -9.49 8.13 -31.36
N TYR E 96 -8.28 8.66 -31.17
CA TYR E 96 -8.03 10.10 -31.25
C TYR E 96 -8.44 10.57 -32.64
N THR E 97 -9.01 11.76 -32.72
CA THR E 97 -9.51 12.29 -34.00
C THR E 97 -9.14 13.77 -34.16
N PHE E 98 -8.90 14.18 -35.41
CA PHE E 98 -8.39 15.51 -35.71
C PHE E 98 -9.44 16.35 -36.42
N GLY E 99 -9.32 17.67 -36.27
CA GLY E 99 -10.08 18.61 -37.08
C GLY E 99 -9.55 18.62 -38.50
N GLY E 100 -10.27 19.31 -39.39
CA GLY E 100 -9.88 19.39 -40.79
C GLY E 100 -8.71 20.32 -41.02
N GLY E 101 -8.57 21.33 -40.16
CA GLY E 101 -7.47 22.28 -40.26
C GLY E 101 -7.95 23.70 -40.57
N THR E 102 -7.09 24.66 -40.28
CA THR E 102 -7.33 26.06 -40.60
C THR E 102 -6.04 26.66 -41.15
N LYS E 103 -6.12 27.29 -42.32
CA LYS E 103 -4.96 27.91 -42.96
C LYS E 103 -5.01 29.42 -42.82
N LEU E 104 -4.04 29.98 -42.10
CA LEU E 104 -3.88 31.44 -42.02
C LEU E 104 -3.13 31.92 -43.26
N GLU E 105 -3.73 32.86 -43.98
CA GLU E 105 -3.23 33.35 -45.25
C GLU E 105 -3.01 34.87 -45.19
N ILE E 106 -2.04 35.37 -45.94
CA ILE E 106 -1.73 36.79 -45.95
C ILE E 106 -2.75 37.56 -46.79
N LYS E 107 -3.39 38.55 -46.17
CA LYS E 107 -4.38 39.39 -46.86
C LYS E 107 -3.70 40.44 -47.73
N ARG E 108 -4.25 40.66 -48.93
CA ARG E 108 -3.77 41.70 -49.84
C ARG E 108 -4.84 42.11 -50.84
N ALA E 109 -4.54 43.13 -51.65
CA ALA E 109 -5.49 43.69 -52.60
C ALA E 109 -5.74 42.70 -53.73
N ASP E 110 -6.90 42.80 -54.35
CA ASP E 110 -7.24 41.91 -55.47
C ASP E 110 -6.33 42.23 -56.65
N ALA E 111 -5.95 41.18 -57.38
CA ALA E 111 -5.11 41.30 -58.58
C ALA E 111 -5.58 40.31 -59.64
N ALA E 112 -5.75 40.79 -60.86
CA ALA E 112 -6.07 39.92 -61.99
C ALA E 112 -4.84 39.10 -62.38
N PRO E 113 -5.06 37.90 -62.95
CA PRO E 113 -3.95 37.07 -63.40
C PRO E 113 -3.38 37.53 -64.73
N THR E 114 -2.14 37.13 -65.00
CA THR E 114 -1.54 37.33 -66.32
C THR E 114 -1.54 36.00 -67.04
N VAL E 115 -2.47 35.85 -67.99
CA VAL E 115 -2.63 34.60 -68.73
C VAL E 115 -1.63 34.55 -69.89
N SER E 116 -0.98 33.40 -70.07
CA SER E 116 0.00 33.20 -71.15
C SER E 116 -0.14 31.80 -71.76
N ILE E 117 -0.59 31.72 -73.01
CA ILE E 117 -0.82 30.44 -73.67
C ILE E 117 0.41 30.03 -74.47
N PHE E 118 0.71 28.73 -74.46
CA PHE E 118 1.89 28.19 -75.13
C PHE E 118 1.54 26.96 -75.95
N PRO E 119 1.75 27.02 -77.29
CA PRO E 119 1.54 25.81 -78.10
C PRO E 119 2.61 24.76 -77.87
N PRO E 120 2.37 23.51 -78.31
CA PRO E 120 3.35 22.44 -78.17
C PRO E 120 4.70 22.78 -78.82
N SER E 121 5.79 22.38 -78.18
CA SER E 121 7.12 22.58 -78.74
C SER E 121 7.36 21.64 -79.91
N SER E 122 8.29 22.01 -80.77
CA SER E 122 8.65 21.18 -81.93
C SER E 122 9.18 19.82 -81.49
N GLU E 123 9.85 19.78 -80.33
CA GLU E 123 10.40 18.55 -79.77
C GLU E 123 9.30 17.55 -79.45
N GLN E 124 8.25 18.02 -78.77
CA GLN E 124 7.11 17.19 -78.39
C GLN E 124 6.32 16.70 -79.61
N LEU E 125 6.07 17.60 -80.54
CA LEU E 125 5.33 17.25 -81.75
C LEU E 125 6.03 16.17 -82.59
N THR E 126 7.36 16.20 -82.63
CA THR E 126 8.11 15.17 -83.35
C THR E 126 8.10 13.84 -82.59
N SER E 127 7.94 13.90 -81.27
CA SER E 127 7.83 12.69 -80.45
C SER E 127 6.41 12.11 -80.44
N GLY E 128 5.44 12.83 -81.00
CA GLY E 128 4.08 12.29 -81.19
C GLY E 128 3.04 12.70 -80.15
N GLY E 129 3.39 13.61 -79.26
CA GLY E 129 2.45 14.15 -78.28
C GLY E 129 2.21 15.63 -78.55
N ALA E 130 1.19 16.18 -77.90
CA ALA E 130 0.92 17.61 -77.97
C ALA E 130 0.32 18.10 -76.66
N SER E 131 1.03 18.99 -75.99
CA SER E 131 0.56 19.63 -74.77
C SER E 131 0.42 21.14 -75.00
N VAL E 132 -0.71 21.70 -74.61
CA VAL E 132 -0.91 23.13 -74.63
C VAL E 132 -0.92 23.61 -73.18
N VAL E 133 0.02 24.51 -72.86
CA VAL E 133 0.24 24.99 -71.50
C VAL E 133 -0.27 26.41 -71.35
N CYS E 134 -0.84 26.71 -70.18
CA CYS E 134 -1.35 28.04 -69.89
C CYS E 134 -1.04 28.44 -68.46
N PHE E 135 -0.31 29.54 -68.28
CA PHE E 135 0.03 30.05 -66.94
C PHE E 135 -0.89 31.19 -66.56
N LEU E 136 -1.48 31.10 -65.37
CA LEU E 136 -2.25 32.19 -64.79
C LEU E 136 -1.48 32.65 -63.55
N ASN E 137 -0.85 33.82 -63.64
CA ASN E 137 0.18 34.21 -62.67
C ASN E 137 -0.08 35.47 -61.84
N ASN E 138 0.31 35.39 -60.56
CA ASN E 138 0.27 36.51 -59.62
C ASN E 138 -1.12 37.13 -59.44
N PHE E 139 -2.10 36.29 -59.13
CA PHE E 139 -3.46 36.74 -58.87
C PHE E 139 -3.84 36.63 -57.41
N TYR E 140 -4.83 37.42 -56.99
CA TYR E 140 -5.37 37.35 -55.64
C TYR E 140 -6.85 37.75 -55.68
N PRO E 141 -7.73 37.01 -54.97
CA PRO E 141 -7.52 35.85 -54.11
C PRO E 141 -7.30 34.52 -54.86
N LYS E 142 -7.06 33.46 -54.11
CA LYS E 142 -6.59 32.18 -54.66
C LYS E 142 -7.57 31.43 -55.57
N ASP E 143 -8.86 31.73 -55.45
CA ASP E 143 -9.88 31.01 -56.23
C ASP E 143 -9.86 31.45 -57.69
N ILE E 144 -9.74 30.48 -58.59
CA ILE E 144 -9.72 30.75 -60.02
C ILE E 144 -10.24 29.54 -60.79
N ASN E 145 -10.86 29.79 -61.95
CA ASN E 145 -11.37 28.74 -62.81
CA ASN E 145 -11.36 28.74 -62.81
C ASN E 145 -10.82 28.89 -64.22
N VAL E 146 -10.30 27.80 -64.78
CA VAL E 146 -9.74 27.82 -66.13
C VAL E 146 -10.58 26.91 -67.03
N LYS E 147 -10.80 27.36 -68.27
CA LYS E 147 -11.60 26.63 -69.25
C LYS E 147 -10.83 26.59 -70.58
N TRP E 148 -10.71 25.39 -71.14
CA TRP E 148 -10.04 25.17 -72.42
C TRP E 148 -11.06 25.01 -73.54
N LYS E 149 -10.79 25.62 -74.69
CA LYS E 149 -11.61 25.44 -75.88
C LYS E 149 -10.74 25.11 -77.09
N ILE E 150 -11.19 24.15 -77.90
CA ILE E 150 -10.55 23.80 -79.17
C ILE E 150 -11.57 24.07 -80.27
N ASP E 151 -11.27 25.05 -81.12
CA ASP E 151 -12.19 25.51 -82.17
C ASP E 151 -13.57 25.87 -81.60
N GLY E 152 -13.57 26.50 -80.41
CA GLY E 152 -14.80 26.98 -79.79
C GLY E 152 -15.46 26.02 -78.81
N SER E 153 -15.23 24.72 -78.98
CA SER E 153 -15.85 23.69 -78.14
C SER E 153 -15.04 23.48 -76.87
N GLU E 154 -15.74 23.35 -75.73
CA GLU E 154 -15.09 23.16 -74.44
C GLU E 154 -14.46 21.78 -74.32
N ARG E 155 -13.20 21.73 -73.89
CA ARG E 155 -12.44 20.50 -73.76
C ARG E 155 -12.19 20.21 -72.28
N GLN E 156 -12.58 19.03 -71.80
CA GLN E 156 -12.49 18.71 -70.37
C GLN E 156 -11.44 17.66 -69.97
N ASN E 157 -11.36 16.55 -70.70
CA ASN E 157 -10.39 15.49 -70.34
C ASN E 157 -8.96 15.81 -70.80
N GLY E 158 -7.98 15.29 -70.06
CA GLY E 158 -6.57 15.51 -70.39
C GLY E 158 -5.98 16.81 -69.87
N VAL E 159 -6.72 17.51 -69.02
CA VAL E 159 -6.25 18.74 -68.40
C VAL E 159 -5.66 18.41 -67.03
N LEU E 160 -4.42 18.85 -66.80
CA LEU E 160 -3.80 18.73 -65.47
C LEU E 160 -3.49 20.12 -64.96
N ASN E 161 -3.92 20.39 -63.74
CA ASN E 161 -3.78 21.70 -63.13
C ASN E 161 -2.85 21.67 -61.91
N SER E 162 -2.14 22.76 -61.68
CA SER E 162 -1.26 22.88 -60.52
C SER E 162 -1.24 24.30 -59.98
N TRP E 163 -1.17 24.43 -58.66
CA TRP E 163 -1.18 25.73 -58.01
C TRP E 163 0.03 25.87 -57.08
N THR E 164 0.64 27.06 -57.09
CA THR E 164 1.72 27.35 -56.15
C THR E 164 1.08 27.81 -54.84
N ASP E 165 1.84 27.73 -53.76
CA ASP E 165 1.44 28.34 -52.49
C ASP E 165 1.56 29.85 -52.62
N GLN E 166 1.12 30.58 -51.59
CA GLN E 166 1.16 32.03 -51.60
C GLN E 166 2.61 32.52 -51.70
N ASP E 167 2.87 33.40 -52.65
CA ASP E 167 4.22 33.89 -52.93
C ASP E 167 4.82 34.60 -51.73
N SER E 168 6.12 34.41 -51.52
CA SER E 168 6.82 34.99 -50.37
C SER E 168 7.04 36.49 -50.49
N LYS E 169 7.03 37.01 -51.72
CA LYS E 169 7.34 38.41 -51.98
C LYS E 169 6.07 39.26 -52.04
N ASP E 170 5.15 38.91 -52.93
CA ASP E 170 3.97 39.73 -53.20
C ASP E 170 2.65 39.07 -52.80
N SER E 171 2.72 37.98 -52.04
CA SER E 171 1.54 37.33 -51.44
C SER E 171 0.44 36.92 -52.42
N THR E 172 0.84 36.68 -53.67
CA THR E 172 -0.12 36.34 -54.73
C THR E 172 -0.11 34.85 -55.03
N TYR E 173 -1.02 34.42 -55.89
CA TYR E 173 -1.14 33.02 -56.28
C TYR E 173 -0.89 32.86 -57.76
N SER E 174 -0.46 31.67 -58.15
CA SER E 174 -0.27 31.34 -59.56
C SER E 174 -0.80 29.93 -59.83
N MET E 175 -1.26 29.71 -61.06
CA MET E 175 -1.75 28.41 -61.51
C MET E 175 -1.22 28.07 -62.89
N SER E 176 -0.99 26.78 -63.12
CA SER E 176 -0.59 26.25 -64.41
C SER E 176 -1.63 25.21 -64.86
N SER E 177 -2.02 25.28 -66.13
CA SER E 177 -2.98 24.33 -66.70
C SER E 177 -2.47 23.76 -68.03
N THR E 178 -2.29 22.44 -68.08
CA THR E 178 -1.74 21.77 -69.26
C THR E 178 -2.77 20.87 -69.91
N LEU E 179 -3.10 21.16 -71.18
CA LEU E 179 -4.02 20.34 -71.96
C LEU E 179 -3.22 19.39 -72.85
N THR E 180 -3.32 18.09 -72.59
CA THR E 180 -2.63 17.10 -73.40
C THR E 180 -3.62 16.31 -74.25
N LEU E 181 -3.37 16.26 -75.54
CA LEU E 181 -4.16 15.47 -76.47
C LEU E 181 -3.20 14.85 -77.48
N THR E 182 -3.70 13.90 -78.29
CA THR E 182 -2.86 13.23 -79.28
C THR E 182 -2.46 14.20 -80.39
N LYS E 183 -1.22 14.12 -80.84
CA LYS E 183 -0.72 14.96 -81.92
C LYS E 183 -1.66 14.90 -83.13
N ASP E 184 -2.20 13.70 -83.36
CA ASP E 184 -3.15 13.45 -84.44
C ASP E 184 -4.33 14.41 -84.37
N GLU E 185 -4.97 14.48 -83.21
CA GLU E 185 -6.11 15.38 -83.00
C GLU E 185 -5.67 16.84 -82.97
N TYR E 186 -4.49 17.11 -82.42
CA TYR E 186 -4.00 18.48 -82.34
C TYR E 186 -3.88 19.11 -83.73
N GLU E 187 -3.42 18.33 -84.71
CA GLU E 187 -3.25 18.83 -86.08
C GLU E 187 -4.54 18.83 -86.90
N ARG E 188 -5.65 18.48 -86.27
CA ARG E 188 -6.97 18.50 -86.91
C ARG E 188 -7.76 19.76 -86.57
N HIS E 189 -7.17 20.67 -85.79
CA HIS E 189 -7.86 21.91 -85.39
C HIS E 189 -6.96 23.13 -85.47
N ASN E 190 -7.58 24.29 -85.62
CA ASN E 190 -6.86 25.54 -85.79
C ASN E 190 -6.71 26.30 -84.48
N SER E 191 -7.85 26.64 -83.87
CA SER E 191 -7.90 27.56 -82.74
C SER E 191 -7.85 26.85 -81.37
N TYR E 192 -6.93 27.30 -80.52
CA TYR E 192 -6.81 26.77 -79.16
C TYR E 192 -6.89 27.93 -78.17
N THR E 193 -7.74 27.78 -77.15
CA THR E 193 -8.08 28.90 -76.28
C THR E 193 -8.03 28.53 -74.80
N CYS E 194 -7.65 29.50 -73.99
CA CYS E 194 -7.43 29.33 -72.57
C CYS E 194 -8.12 30.47 -71.82
N GLU E 195 -9.25 30.18 -71.18
CA GLU E 195 -10.07 31.23 -70.54
C GLU E 195 -9.96 31.22 -69.03
N ALA E 196 -9.55 32.36 -68.45
CA ALA E 196 -9.44 32.49 -67.00
C ALA E 196 -10.62 33.27 -66.43
N THR E 197 -11.32 32.68 -65.47
CA THR E 197 -12.37 33.39 -64.73
C THR E 197 -11.94 33.59 -63.28
N HIS E 198 -11.94 34.85 -62.86
CA HIS E 198 -11.44 35.29 -61.55
C HIS E 198 -12.30 36.45 -61.09
N LYS E 199 -12.42 36.65 -59.78
CA LYS E 199 -13.36 37.65 -59.24
C LYS E 199 -13.05 39.10 -59.67
N THR E 200 -11.81 39.36 -60.05
CA THR E 200 -11.41 40.71 -60.48
C THR E 200 -12.11 41.19 -61.75
N SER E 201 -12.82 40.30 -62.44
CA SER E 201 -13.60 40.69 -63.62
C SER E 201 -14.81 39.78 -63.82
N THR E 202 -15.92 40.35 -64.24
CA THR E 202 -17.14 39.60 -64.47
C THR E 202 -17.05 38.79 -65.77
N SER E 203 -16.36 39.33 -66.77
CA SER E 203 -16.05 38.60 -68.00
C SER E 203 -14.60 38.09 -67.97
N PRO E 204 -14.33 36.92 -68.60
CA PRO E 204 -13.06 36.23 -68.42
C PRO E 204 -11.91 36.73 -69.30
N ILE E 205 -10.68 36.51 -68.84
CA ILE E 205 -9.47 36.79 -69.64
C ILE E 205 -9.21 35.63 -70.60
N VAL E 206 -9.20 35.94 -71.90
CA VAL E 206 -9.07 34.93 -72.95
C VAL E 206 -7.74 35.11 -73.71
N LYS E 207 -6.92 34.06 -73.72
CA LYS E 207 -5.72 34.02 -74.56
C LYS E 207 -5.82 32.88 -75.57
N SER E 208 -5.39 33.13 -76.80
CA SER E 208 -5.53 32.16 -77.89
C SER E 208 -4.37 32.16 -78.87
N PHE E 209 -4.30 31.09 -79.66
CA PHE E 209 -3.49 31.05 -80.87
C PHE E 209 -4.18 30.20 -81.93
N ASN E 210 -3.88 30.47 -83.18
CA ASN E 210 -4.30 29.64 -84.29
C ASN E 210 -3.10 28.87 -84.80
N ARG E 211 -3.23 27.56 -84.89
CA ARG E 211 -2.10 26.70 -85.23
C ARG E 211 -1.49 27.11 -86.57
N ASN E 212 -0.15 27.13 -86.62
CA ASN E 212 0.60 27.54 -87.80
C ASN E 212 0.16 28.91 -88.33
N GLU E 213 0.58 29.98 -87.66
CA GLU E 213 0.20 31.32 -88.05
C GLU E 213 1.30 32.35 -87.77
N CYS E 214 2.43 32.22 -88.47
CA CYS E 214 3.54 33.16 -88.38
C CYS E 214 4.24 33.33 -89.74
#